data_4QQO
# 
_entry.id   4QQO 
# 
_audit_conform.dict_name       mmcif_pdbx.dic 
_audit_conform.dict_version    5.387 
_audit_conform.dict_location   http://mmcif.pdb.org/dictionaries/ascii/mmcif_pdbx.dic 
# 
loop_
_database_2.database_id 
_database_2.database_code 
_database_2.pdbx_database_accession 
_database_2.pdbx_DOI 
PDB   4QQO         pdb_00004qqo 10.2210/pdb4qqo/pdb 
RCSB  RCSB086391   ?            ?                   
WWPDB D_1000086391 ?            ?                   
# 
loop_
_pdbx_audit_revision_history.ordinal 
_pdbx_audit_revision_history.data_content_type 
_pdbx_audit_revision_history.major_revision 
_pdbx_audit_revision_history.minor_revision 
_pdbx_audit_revision_history.revision_date 
1 'Structure model' 1 0 2015-04-22 
2 'Structure model' 1 1 2017-11-22 
3 'Structure model' 1 2 2024-02-28 
# 
_pdbx_audit_revision_details.ordinal             1 
_pdbx_audit_revision_details.revision_ordinal    1 
_pdbx_audit_revision_details.data_content_type   'Structure model' 
_pdbx_audit_revision_details.provider            repository 
_pdbx_audit_revision_details.type                'Initial release' 
_pdbx_audit_revision_details.description         ? 
_pdbx_audit_revision_details.details             ? 
# 
loop_
_pdbx_audit_revision_group.ordinal 
_pdbx_audit_revision_group.revision_ordinal 
_pdbx_audit_revision_group.data_content_type 
_pdbx_audit_revision_group.group 
1 2 'Structure model' 'Refinement description' 
2 3 'Structure model' 'Data collection'        
3 3 'Structure model' 'Database references'    
4 3 'Structure model' 'Derived calculations'   
# 
loop_
_pdbx_audit_revision_category.ordinal 
_pdbx_audit_revision_category.revision_ordinal 
_pdbx_audit_revision_category.data_content_type 
_pdbx_audit_revision_category.category 
1 2 'Structure model' software               
2 3 'Structure model' chem_comp_atom         
3 3 'Structure model' chem_comp_bond         
4 3 'Structure model' database_2             
5 3 'Structure model' pdbx_struct_conn_angle 
6 3 'Structure model' struct_conn            
7 3 'Structure model' struct_ref_seq_dif     
8 3 'Structure model' struct_site            
# 
loop_
_pdbx_audit_revision_item.ordinal 
_pdbx_audit_revision_item.revision_ordinal 
_pdbx_audit_revision_item.data_content_type 
_pdbx_audit_revision_item.item 
1  2 'Structure model' '_software.name'                              
2  3 'Structure model' '_database_2.pdbx_DOI'                        
3  3 'Structure model' '_database_2.pdbx_database_accession'         
4  3 'Structure model' '_pdbx_struct_conn_angle.ptnr1_auth_comp_id'  
5  3 'Structure model' '_pdbx_struct_conn_angle.ptnr1_auth_seq_id'   
6  3 'Structure model' '_pdbx_struct_conn_angle.ptnr1_label_alt_id'  
7  3 'Structure model' '_pdbx_struct_conn_angle.ptnr1_label_asym_id' 
8  3 'Structure model' '_pdbx_struct_conn_angle.ptnr1_label_atom_id' 
9  3 'Structure model' '_pdbx_struct_conn_angle.ptnr1_label_comp_id' 
10 3 'Structure model' '_pdbx_struct_conn_angle.ptnr1_label_seq_id'  
11 3 'Structure model' '_pdbx_struct_conn_angle.ptnr2_auth_seq_id'   
12 3 'Structure model' '_pdbx_struct_conn_angle.ptnr2_label_asym_id' 
13 3 'Structure model' '_pdbx_struct_conn_angle.ptnr3_auth_comp_id'  
14 3 'Structure model' '_pdbx_struct_conn_angle.ptnr3_auth_seq_id'   
15 3 'Structure model' '_pdbx_struct_conn_angle.ptnr3_label_alt_id'  
16 3 'Structure model' '_pdbx_struct_conn_angle.ptnr3_label_asym_id' 
17 3 'Structure model' '_pdbx_struct_conn_angle.ptnr3_label_atom_id' 
18 3 'Structure model' '_pdbx_struct_conn_angle.ptnr3_label_comp_id' 
19 3 'Structure model' '_pdbx_struct_conn_angle.ptnr3_label_seq_id'  
20 3 'Structure model' '_pdbx_struct_conn_angle.value'               
21 3 'Structure model' '_struct_conn.pdbx_dist_value'                
22 3 'Structure model' '_struct_conn.pdbx_ptnr1_label_alt_id'        
23 3 'Structure model' '_struct_conn.ptnr1_auth_comp_id'             
24 3 'Structure model' '_struct_conn.ptnr1_auth_seq_id'              
25 3 'Structure model' '_struct_conn.ptnr1_label_asym_id'            
26 3 'Structure model' '_struct_conn.ptnr1_label_atom_id'            
27 3 'Structure model' '_struct_conn.ptnr1_label_comp_id'            
28 3 'Structure model' '_struct_conn.ptnr1_label_seq_id'             
29 3 'Structure model' '_struct_conn.ptnr2_auth_comp_id'             
30 3 'Structure model' '_struct_conn.ptnr2_auth_seq_id'              
31 3 'Structure model' '_struct_conn.ptnr2_label_asym_id'            
32 3 'Structure model' '_struct_conn.ptnr2_label_atom_id'            
33 3 'Structure model' '_struct_conn.ptnr2_label_comp_id'            
34 3 'Structure model' '_struct_ref_seq_dif.details'                 
35 3 'Structure model' '_struct_site.pdbx_auth_asym_id'              
36 3 'Structure model' '_struct_site.pdbx_auth_comp_id'              
37 3 'Structure model' '_struct_site.pdbx_auth_seq_id'               
# 
_pdbx_database_status.status_code                     REL 
_pdbx_database_status.entry_id                        4QQO 
_pdbx_database_status.recvd_initial_deposition_date   2014-06-27 
_pdbx_database_status.deposit_site                    RCSB 
_pdbx_database_status.process_site                    RCSB 
_pdbx_database_status.status_code_sf                  REL 
_pdbx_database_status.status_code_mr                  ? 
_pdbx_database_status.SG_entry                        ? 
_pdbx_database_status.status_code_cs                  ? 
_pdbx_database_status.methods_development_category    ? 
_pdbx_database_status.pdb_format_compatible           Y 
_pdbx_database_status.status_code_nmr_data            ? 
# 
loop_
_pdbx_database_related.db_name 
_pdbx_database_related.db_id 
_pdbx_database_related.details 
_pdbx_database_related.content_type 
PDB 4qpy . unspecified 
PDB 4qq2 . unspecified 
PDB 4qqh . unspecified 
PDB 4qql . unspecified 
PDB 4qqp . unspecified 
# 
loop_
_audit_author.name 
_audit_author.pdbx_ordinal 
'Ressl, S.'     1 
'Brunger, A.T.' 2 
# 
_citation.id                        primary 
_citation.title                     'Structures of C1q-like Proteins Reveal Unique Features among the C1q/TNF Superfamily.' 
_citation.journal_abbrev            Structure 
_citation.journal_volume            23 
_citation.page_first                688 
_citation.page_last                 699 
_citation.year                      2015 
_citation.journal_id_ASTM           STRUE6 
_citation.country                   UK 
_citation.journal_id_ISSN           0969-2126 
_citation.journal_id_CSD            2005 
_citation.book_publisher            ? 
_citation.pdbx_database_id_PubMed   25752542 
_citation.pdbx_database_id_DOI      10.1016/j.str.2015.01.019 
# 
loop_
_citation_author.citation_id 
_citation_author.name 
_citation_author.ordinal 
_citation_author.identifier_ORCID 
primary 'Ressl, S.'        1 ? 
primary 'Vu, B.K.'         2 ? 
primary 'Vivona, S.'       3 ? 
primary 'Martinelli, D.C.' 4 ? 
primary 'Sudhof, T.C.'     5 ? 
primary 'Brunger, A.T.'    6 ? 
# 
loop_
_entity.id 
_entity.type 
_entity.src_method 
_entity.pdbx_description 
_entity.formula_weight 
_entity.pdbx_number_of_molecules 
_entity.pdbx_ec 
_entity.pdbx_mutation 
_entity.pdbx_fragment 
_entity.details 
1 polymer     man 'Complement C1q-like protein 3' 15136.782 1   ? D205A ? ? 
2 non-polymer syn 'MAGNESIUM ION'                 24.305    4   ? ?     ? ? 
3 water       nat water                           18.015    117 ? ?     ? ? 
# 
_entity_name_com.entity_id   1 
_entity_name_com.name        'C1q and tumor necrosis factor-related protein 13, C1q/TNF-related protein 13, CTRP13, Gliacolin' 
# 
_entity_poly.entity_id                      1 
_entity_poly.type                           'polypeptide(L)' 
_entity_poly.nstd_linkage                   no 
_entity_poly.nstd_monomer                   no 
_entity_poly.pdbx_seq_one_letter_code       
;ATYSTVPKIAFYAGLKRQHEGYEVLKFDDVVTNLGNHYDPTTGKFTCSIPGIYFFTYHVLMRGGDGTSMWADLCKNNQVR
ASAIAQAADQNYDYASNSVVLHLEPGDEVYIKLDGGKAHGGNNNKYSTFSGFIIYAD
;
_entity_poly.pdbx_seq_one_letter_code_can   
;ATYSTVPKIAFYAGLKRQHEGYEVLKFDDVVTNLGNHYDPTTGKFTCSIPGIYFFTYHVLMRGGDGTSMWADLCKNNQVR
ASAIAQAADQNYDYASNSVVLHLEPGDEVYIKLDGGKAHGGNNNKYSTFSGFIIYAD
;
_entity_poly.pdbx_strand_id                 A 
_entity_poly.pdbx_target_identifier         ? 
# 
loop_
_pdbx_entity_nonpoly.entity_id 
_pdbx_entity_nonpoly.name 
_pdbx_entity_nonpoly.comp_id 
2 'MAGNESIUM ION' MG  
3 water           HOH 
# 
loop_
_entity_poly_seq.entity_id 
_entity_poly_seq.num 
_entity_poly_seq.mon_id 
_entity_poly_seq.hetero 
1 1   ALA n 
1 2   THR n 
1 3   TYR n 
1 4   SER n 
1 5   THR n 
1 6   VAL n 
1 7   PRO n 
1 8   LYS n 
1 9   ILE n 
1 10  ALA n 
1 11  PHE n 
1 12  TYR n 
1 13  ALA n 
1 14  GLY n 
1 15  LEU n 
1 16  LYS n 
1 17  ARG n 
1 18  GLN n 
1 19  HIS n 
1 20  GLU n 
1 21  GLY n 
1 22  TYR n 
1 23  GLU n 
1 24  VAL n 
1 25  LEU n 
1 26  LYS n 
1 27  PHE n 
1 28  ASP n 
1 29  ASP n 
1 30  VAL n 
1 31  VAL n 
1 32  THR n 
1 33  ASN n 
1 34  LEU n 
1 35  GLY n 
1 36  ASN n 
1 37  HIS n 
1 38  TYR n 
1 39  ASP n 
1 40  PRO n 
1 41  THR n 
1 42  THR n 
1 43  GLY n 
1 44  LYS n 
1 45  PHE n 
1 46  THR n 
1 47  CYS n 
1 48  SER n 
1 49  ILE n 
1 50  PRO n 
1 51  GLY n 
1 52  ILE n 
1 53  TYR n 
1 54  PHE n 
1 55  PHE n 
1 56  THR n 
1 57  TYR n 
1 58  HIS n 
1 59  VAL n 
1 60  LEU n 
1 61  MET n 
1 62  ARG n 
1 63  GLY n 
1 64  GLY n 
1 65  ASP n 
1 66  GLY n 
1 67  THR n 
1 68  SER n 
1 69  MET n 
1 70  TRP n 
1 71  ALA n 
1 72  ASP n 
1 73  LEU n 
1 74  CYS n 
1 75  LYS n 
1 76  ASN n 
1 77  ASN n 
1 78  GLN n 
1 79  VAL n 
1 80  ARG n 
1 81  ALA n 
1 82  SER n 
1 83  ALA n 
1 84  ILE n 
1 85  ALA n 
1 86  GLN n 
1 87  ALA n 
1 88  ALA n 
1 89  ASP n 
1 90  GLN n 
1 91  ASN n 
1 92  TYR n 
1 93  ASP n 
1 94  TYR n 
1 95  ALA n 
1 96  SER n 
1 97  ASN n 
1 98  SER n 
1 99  VAL n 
1 100 VAL n 
1 101 LEU n 
1 102 HIS n 
1 103 LEU n 
1 104 GLU n 
1 105 PRO n 
1 106 GLY n 
1 107 ASP n 
1 108 GLU n 
1 109 VAL n 
1 110 TYR n 
1 111 ILE n 
1 112 LYS n 
1 113 LEU n 
1 114 ASP n 
1 115 GLY n 
1 116 GLY n 
1 117 LYS n 
1 118 ALA n 
1 119 HIS n 
1 120 GLY n 
1 121 GLY n 
1 122 ASN n 
1 123 ASN n 
1 124 ASN n 
1 125 LYS n 
1 126 TYR n 
1 127 SER n 
1 128 THR n 
1 129 PHE n 
1 130 SER n 
1 131 GLY n 
1 132 PHE n 
1 133 ILE n 
1 134 ILE n 
1 135 TYR n 
1 136 ALA n 
1 137 ASP n 
# 
_entity_src_gen.entity_id                          1 
_entity_src_gen.pdbx_src_id                        1 
_entity_src_gen.pdbx_alt_source_flag               sample 
_entity_src_gen.pdbx_seq_type                      ? 
_entity_src_gen.pdbx_beg_seq_num                   ? 
_entity_src_gen.pdbx_end_seq_num                   ? 
_entity_src_gen.gene_src_common_name               mouse 
_entity_src_gen.gene_src_genus                     ? 
_entity_src_gen.pdbx_gene_src_gene                 'C1ql3, C1ql, Ctrp13' 
_entity_src_gen.gene_src_species                   ? 
_entity_src_gen.gene_src_strain                    ? 
_entity_src_gen.gene_src_tissue                    ? 
_entity_src_gen.gene_src_tissue_fraction           ? 
_entity_src_gen.gene_src_details                   ? 
_entity_src_gen.pdbx_gene_src_fragment             ? 
_entity_src_gen.pdbx_gene_src_scientific_name      'Mus musculus' 
_entity_src_gen.pdbx_gene_src_ncbi_taxonomy_id     10090 
_entity_src_gen.pdbx_gene_src_variant              ? 
_entity_src_gen.pdbx_gene_src_cell_line            ? 
_entity_src_gen.pdbx_gene_src_atcc                 ? 
_entity_src_gen.pdbx_gene_src_organ                ? 
_entity_src_gen.pdbx_gene_src_organelle            ? 
_entity_src_gen.pdbx_gene_src_cell                 ? 
_entity_src_gen.pdbx_gene_src_cellular_location    ? 
_entity_src_gen.host_org_common_name               ? 
_entity_src_gen.pdbx_host_org_scientific_name      'Escherichia coli' 
_entity_src_gen.pdbx_host_org_ncbi_taxonomy_id     562 
_entity_src_gen.host_org_genus                     ? 
_entity_src_gen.pdbx_host_org_gene                 ? 
_entity_src_gen.pdbx_host_org_organ                ? 
_entity_src_gen.host_org_species                   ? 
_entity_src_gen.pdbx_host_org_tissue               ? 
_entity_src_gen.pdbx_host_org_tissue_fraction      ? 
_entity_src_gen.pdbx_host_org_strain               BL21 
_entity_src_gen.pdbx_host_org_variant              ? 
_entity_src_gen.pdbx_host_org_cell_line            ? 
_entity_src_gen.pdbx_host_org_atcc                 ? 
_entity_src_gen.pdbx_host_org_culture_collection   ? 
_entity_src_gen.pdbx_host_org_cell                 ? 
_entity_src_gen.pdbx_host_org_organelle            ? 
_entity_src_gen.pdbx_host_org_cellular_location    ? 
_entity_src_gen.pdbx_host_org_vector_type          ? 
_entity_src_gen.pdbx_host_org_vector               ? 
_entity_src_gen.host_org_details                   ? 
_entity_src_gen.expression_system_id               ? 
_entity_src_gen.plasmid_name                       ? 
_entity_src_gen.plasmid_details                    ? 
_entity_src_gen.pdbx_description                   ? 
# 
loop_
_chem_comp.id 
_chem_comp.type 
_chem_comp.mon_nstd_flag 
_chem_comp.name 
_chem_comp.pdbx_synonyms 
_chem_comp.formula 
_chem_comp.formula_weight 
ALA 'L-peptide linking' y ALANINE         ? 'C3 H7 N O2'     89.093  
ARG 'L-peptide linking' y ARGININE        ? 'C6 H15 N4 O2 1' 175.209 
ASN 'L-peptide linking' y ASPARAGINE      ? 'C4 H8 N2 O3'    132.118 
ASP 'L-peptide linking' y 'ASPARTIC ACID' ? 'C4 H7 N O4'     133.103 
CYS 'L-peptide linking' y CYSTEINE        ? 'C3 H7 N O2 S'   121.158 
GLN 'L-peptide linking' y GLUTAMINE       ? 'C5 H10 N2 O3'   146.144 
GLU 'L-peptide linking' y 'GLUTAMIC ACID' ? 'C5 H9 N O4'     147.129 
GLY 'peptide linking'   y GLYCINE         ? 'C2 H5 N O2'     75.067  
HIS 'L-peptide linking' y HISTIDINE       ? 'C6 H10 N3 O2 1' 156.162 
HOH non-polymer         . WATER           ? 'H2 O'           18.015  
ILE 'L-peptide linking' y ISOLEUCINE      ? 'C6 H13 N O2'    131.173 
LEU 'L-peptide linking' y LEUCINE         ? 'C6 H13 N O2'    131.173 
LYS 'L-peptide linking' y LYSINE          ? 'C6 H15 N2 O2 1' 147.195 
MET 'L-peptide linking' y METHIONINE      ? 'C5 H11 N O2 S'  149.211 
MG  non-polymer         . 'MAGNESIUM ION' ? 'Mg 2'           24.305  
PHE 'L-peptide linking' y PHENYLALANINE   ? 'C9 H11 N O2'    165.189 
PRO 'L-peptide linking' y PROLINE         ? 'C5 H9 N O2'     115.130 
SER 'L-peptide linking' y SERINE          ? 'C3 H7 N O3'     105.093 
THR 'L-peptide linking' y THREONINE       ? 'C4 H9 N O3'     119.119 
TRP 'L-peptide linking' y TRYPTOPHAN      ? 'C11 H12 N2 O2'  204.225 
TYR 'L-peptide linking' y TYROSINE        ? 'C9 H11 N O3'    181.189 
VAL 'L-peptide linking' y VALINE          ? 'C5 H11 N O2'    117.146 
# 
loop_
_pdbx_poly_seq_scheme.asym_id 
_pdbx_poly_seq_scheme.entity_id 
_pdbx_poly_seq_scheme.seq_id 
_pdbx_poly_seq_scheme.mon_id 
_pdbx_poly_seq_scheme.ndb_seq_num 
_pdbx_poly_seq_scheme.pdb_seq_num 
_pdbx_poly_seq_scheme.auth_seq_num 
_pdbx_poly_seq_scheme.pdb_mon_id 
_pdbx_poly_seq_scheme.auth_mon_id 
_pdbx_poly_seq_scheme.pdb_strand_id 
_pdbx_poly_seq_scheme.pdb_ins_code 
_pdbx_poly_seq_scheme.hetero 
A 1 1   ALA 1   1   ?   ?   ?   A . n 
A 1 2   THR 2   2   ?   ?   ?   A . n 
A 1 3   TYR 3   3   ?   ?   ?   A . n 
A 1 4   SER 4   4   ?   ?   ?   A . n 
A 1 5   THR 5   5   ?   ?   ?   A . n 
A 1 6   VAL 6   6   ?   ?   ?   A . n 
A 1 7   PRO 7   7   ?   ?   ?   A . n 
A 1 8   LYS 8   8   8   LYS LYS A . n 
A 1 9   ILE 9   9   9   ILE ILE A . n 
A 1 10  ALA 10  10  10  ALA ALA A . n 
A 1 11  PHE 11  11  11  PHE PHE A . n 
A 1 12  TYR 12  12  12  TYR TYR A . n 
A 1 13  ALA 13  13  13  ALA ALA A . n 
A 1 14  GLY 14  14  14  GLY GLY A . n 
A 1 15  LEU 15  15  15  LEU LEU A . n 
A 1 16  LYS 16  16  16  LYS LYS A . n 
A 1 17  ARG 17  17  17  ARG ARG A . n 
A 1 18  GLN 18  18  18  GLN GLN A . n 
A 1 19  HIS 19  19  19  HIS HIS A . n 
A 1 20  GLU 20  20  20  GLU GLU A . n 
A 1 21  GLY 21  21  21  GLY GLY A . n 
A 1 22  TYR 22  22  22  TYR TYR A . n 
A 1 23  GLU 23  23  23  GLU GLU A . n 
A 1 24  VAL 24  24  24  VAL VAL A . n 
A 1 25  LEU 25  25  25  LEU LEU A . n 
A 1 26  LYS 26  26  26  LYS LYS A . n 
A 1 27  PHE 27  27  27  PHE PHE A . n 
A 1 28  ASP 28  28  28  ASP ASP A . n 
A 1 29  ASP 29  29  29  ASP ASP A . n 
A 1 30  VAL 30  30  30  VAL VAL A . n 
A 1 31  VAL 31  31  31  VAL VAL A . n 
A 1 32  THR 32  32  32  THR THR A . n 
A 1 33  ASN 33  33  33  ASN ASN A . n 
A 1 34  LEU 34  34  34  LEU LEU A . n 
A 1 35  GLY 35  35  35  GLY GLY A . n 
A 1 36  ASN 36  36  36  ASN ASN A . n 
A 1 37  HIS 37  37  37  HIS HIS A . n 
A 1 38  TYR 38  38  38  TYR TYR A . n 
A 1 39  ASP 39  39  39  ASP ASP A . n 
A 1 40  PRO 40  40  40  PRO PRO A . n 
A 1 41  THR 41  41  41  THR THR A . n 
A 1 42  THR 42  42  42  THR THR A . n 
A 1 43  GLY 43  43  43  GLY GLY A . n 
A 1 44  LYS 44  44  44  LYS LYS A . n 
A 1 45  PHE 45  45  45  PHE PHE A . n 
A 1 46  THR 46  46  46  THR THR A . n 
A 1 47  CYS 47  47  47  CYS CYS A . n 
A 1 48  SER 48  48  48  SER SER A . n 
A 1 49  ILE 49  49  49  ILE ILE A . n 
A 1 50  PRO 50  50  50  PRO PRO A . n 
A 1 51  GLY 51  51  51  GLY GLY A . n 
A 1 52  ILE 52  52  52  ILE ILE A . n 
A 1 53  TYR 53  53  53  TYR TYR A . n 
A 1 54  PHE 54  54  54  PHE PHE A . n 
A 1 55  PHE 55  55  55  PHE PHE A . n 
A 1 56  THR 56  56  56  THR THR A . n 
A 1 57  TYR 57  57  57  TYR TYR A . n 
A 1 58  HIS 58  58  58  HIS HIS A . n 
A 1 59  VAL 59  59  59  VAL VAL A . n 
A 1 60  LEU 60  60  60  LEU LEU A . n 
A 1 61  MET 61  61  61  MET MET A . n 
A 1 62  ARG 62  62  62  ARG ARG A . n 
A 1 63  GLY 63  63  63  GLY GLY A . n 
A 1 64  GLY 64  64  64  GLY GLY A . n 
A 1 65  ASP 65  65  65  ASP ASP A . n 
A 1 66  GLY 66  66  66  GLY GLY A . n 
A 1 67  THR 67  67  67  THR THR A . n 
A 1 68  SER 68  68  68  SER SER A . n 
A 1 69  MET 69  69  69  MET MET A . n 
A 1 70  TRP 70  70  70  TRP TRP A . n 
A 1 71  ALA 71  71  71  ALA ALA A . n 
A 1 72  ASP 72  72  72  ASP ASP A . n 
A 1 73  LEU 73  73  73  LEU LEU A . n 
A 1 74  CYS 74  74  74  CYS CYS A . n 
A 1 75  LYS 75  75  75  LYS LYS A . n 
A 1 76  ASN 76  76  76  ASN ASN A . n 
A 1 77  ASN 77  77  77  ASN ASN A . n 
A 1 78  GLN 78  78  78  GLN GLN A . n 
A 1 79  VAL 79  79  79  VAL VAL A . n 
A 1 80  ARG 80  80  80  ARG ARG A . n 
A 1 81  ALA 81  81  81  ALA ALA A . n 
A 1 82  SER 82  82  82  SER SER A . n 
A 1 83  ALA 83  83  83  ALA ALA A . n 
A 1 84  ILE 84  84  84  ILE ILE A . n 
A 1 85  ALA 85  85  85  ALA ALA A . n 
A 1 86  GLN 86  86  86  GLN GLN A . n 
A 1 87  ALA 87  87  87  ALA ALA A . n 
A 1 88  ALA 88  88  88  ALA ALA A . n 
A 1 89  ASP 89  89  89  ASP ASP A . n 
A 1 90  GLN 90  90  90  GLN GLN A . n 
A 1 91  ASN 91  91  91  ASN ASN A . n 
A 1 92  TYR 92  92  92  TYR TYR A . n 
A 1 93  ASP 93  93  93  ASP ASP A . n 
A 1 94  TYR 94  94  94  TYR TYR A . n 
A 1 95  ALA 95  95  95  ALA ALA A . n 
A 1 96  SER 96  96  96  SER SER A . n 
A 1 97  ASN 97  97  97  ASN ASN A . n 
A 1 98  SER 98  98  98  SER SER A . n 
A 1 99  VAL 99  99  99  VAL VAL A . n 
A 1 100 VAL 100 100 100 VAL VAL A . n 
A 1 101 LEU 101 101 101 LEU LEU A . n 
A 1 102 HIS 102 102 102 HIS HIS A . n 
A 1 103 LEU 103 103 103 LEU LEU A . n 
A 1 104 GLU 104 104 104 GLU GLU A . n 
A 1 105 PRO 105 105 105 PRO PRO A . n 
A 1 106 GLY 106 106 106 GLY GLY A . n 
A 1 107 ASP 107 107 107 ASP ASP A . n 
A 1 108 GLU 108 108 108 GLU GLU A . n 
A 1 109 VAL 109 109 109 VAL VAL A . n 
A 1 110 TYR 110 110 110 TYR TYR A . n 
A 1 111 ILE 111 111 111 ILE ILE A . n 
A 1 112 LYS 112 112 112 LYS LYS A . n 
A 1 113 LEU 113 113 113 LEU LEU A . n 
A 1 114 ASP 114 114 114 ASP ASP A . n 
A 1 115 GLY 115 115 115 GLY GLY A . n 
A 1 116 GLY 116 116 116 GLY GLY A . n 
A 1 117 LYS 117 117 117 LYS LYS A . n 
A 1 118 ALA 118 118 118 ALA ALA A . n 
A 1 119 HIS 119 119 119 HIS HIS A . n 
A 1 120 GLY 120 120 120 GLY GLY A . n 
A 1 121 GLY 121 121 121 GLY GLY A . n 
A 1 122 ASN 122 122 122 ASN ASN A . n 
A 1 123 ASN 123 123 123 ASN ALA A . n 
A 1 124 ASN 124 124 124 ASN ASN A . n 
A 1 125 LYS 125 125 125 LYS LYS A . n 
A 1 126 TYR 126 126 126 TYR TYR A . n 
A 1 127 SER 127 127 127 SER SER A . n 
A 1 128 THR 128 128 128 THR THR A . n 
A 1 129 PHE 129 129 129 PHE PHE A . n 
A 1 130 SER 130 130 130 SER SER A . n 
A 1 131 GLY 131 131 131 GLY GLY A . n 
A 1 132 PHE 132 132 132 PHE PHE A . n 
A 1 133 ILE 133 133 133 ILE ILE A . n 
A 1 134 ILE 134 134 134 ILE ILE A . n 
A 1 135 TYR 135 135 135 TYR TYR A . n 
A 1 136 ALA 136 136 136 ALA ALA A . n 
A 1 137 ASP 137 137 137 ASP ASP A . n 
# 
loop_
_pdbx_nonpoly_scheme.asym_id 
_pdbx_nonpoly_scheme.entity_id 
_pdbx_nonpoly_scheme.mon_id 
_pdbx_nonpoly_scheme.ndb_seq_num 
_pdbx_nonpoly_scheme.pdb_seq_num 
_pdbx_nonpoly_scheme.auth_seq_num 
_pdbx_nonpoly_scheme.pdb_mon_id 
_pdbx_nonpoly_scheme.auth_mon_id 
_pdbx_nonpoly_scheme.pdb_strand_id 
_pdbx_nonpoly_scheme.pdb_ins_code 
B 2 MG  1   201 1   MG  MG  A . 
C 2 MG  1   202 2   MG  MG  A . 
D 2 MG  1   203 3   MG  MG  A . 
E 2 MG  1   204 4   MG  MG  A . 
F 3 HOH 1   301 1   HOH HOH A . 
F 3 HOH 2   302 2   HOH HOH A . 
F 3 HOH 3   303 3   HOH HOH A . 
F 3 HOH 4   304 4   HOH HOH A . 
F 3 HOH 5   305 5   HOH HOH A . 
F 3 HOH 6   306 6   HOH HOH A . 
F 3 HOH 7   307 7   HOH HOH A . 
F 3 HOH 8   308 8   HOH HOH A . 
F 3 HOH 9   309 9   HOH HOH A . 
F 3 HOH 10  310 10  HOH HOH A . 
F 3 HOH 11  311 11  HOH HOH A . 
F 3 HOH 12  312 12  HOH HOH A . 
F 3 HOH 13  313 13  HOH HOH A . 
F 3 HOH 14  314 14  HOH HOH A . 
F 3 HOH 15  315 15  HOH HOH A . 
F 3 HOH 16  316 16  HOH HOH A . 
F 3 HOH 17  317 17  HOH HOH A . 
F 3 HOH 18  318 18  HOH HOH A . 
F 3 HOH 19  319 19  HOH HOH A . 
F 3 HOH 20  320 20  HOH HOH A . 
F 3 HOH 21  321 21  HOH HOH A . 
F 3 HOH 22  322 22  HOH HOH A . 
F 3 HOH 23  323 23  HOH HOH A . 
F 3 HOH 24  324 24  HOH HOH A . 
F 3 HOH 25  325 25  HOH HOH A . 
F 3 HOH 26  326 26  HOH HOH A . 
F 3 HOH 27  327 27  HOH HOH A . 
F 3 HOH 28  328 28  HOH HOH A . 
F 3 HOH 29  329 29  HOH HOH A . 
F 3 HOH 30  330 30  HOH HOH A . 
F 3 HOH 31  331 31  HOH HOH A . 
F 3 HOH 32  332 32  HOH HOH A . 
F 3 HOH 33  333 33  HOH HOH A . 
F 3 HOH 34  334 34  HOH HOH A . 
F 3 HOH 35  335 35  HOH HOH A . 
F 3 HOH 36  336 36  HOH HOH A . 
F 3 HOH 37  337 37  HOH HOH A . 
F 3 HOH 38  338 38  HOH HOH A . 
F 3 HOH 39  339 39  HOH HOH A . 
F 3 HOH 40  340 40  HOH HOH A . 
F 3 HOH 41  341 41  HOH HOH A . 
F 3 HOH 42  342 42  HOH HOH A . 
F 3 HOH 43  343 43  HOH HOH A . 
F 3 HOH 44  344 44  HOH HOH A . 
F 3 HOH 45  345 45  HOH HOH A . 
F 3 HOH 46  346 46  HOH HOH A . 
F 3 HOH 47  347 47  HOH HOH A . 
F 3 HOH 48  348 48  HOH HOH A . 
F 3 HOH 49  349 49  HOH HOH A . 
F 3 HOH 50  350 50  HOH HOH A . 
F 3 HOH 51  351 51  HOH HOH A . 
F 3 HOH 52  352 52  HOH HOH A . 
F 3 HOH 53  353 53  HOH HOH A . 
F 3 HOH 54  354 54  HOH HOH A . 
F 3 HOH 55  355 55  HOH HOH A . 
F 3 HOH 56  356 56  HOH HOH A . 
F 3 HOH 57  357 57  HOH HOH A . 
F 3 HOH 58  358 58  HOH HOH A . 
F 3 HOH 59  359 59  HOH HOH A . 
F 3 HOH 60  360 60  HOH HOH A . 
F 3 HOH 61  361 61  HOH HOH A . 
F 3 HOH 62  362 62  HOH HOH A . 
F 3 HOH 63  363 63  HOH HOH A . 
F 3 HOH 64  364 64  HOH HOH A . 
F 3 HOH 65  365 65  HOH HOH A . 
F 3 HOH 66  366 66  HOH HOH A . 
F 3 HOH 67  367 67  HOH HOH A . 
F 3 HOH 68  368 68  HOH HOH A . 
F 3 HOH 69  369 69  HOH HOH A . 
F 3 HOH 70  370 70  HOH HOH A . 
F 3 HOH 71  371 71  HOH HOH A . 
F 3 HOH 72  372 72  HOH HOH A . 
F 3 HOH 73  373 73  HOH HOH A . 
F 3 HOH 74  374 74  HOH HOH A . 
F 3 HOH 75  375 75  HOH HOH A . 
F 3 HOH 76  376 76  HOH HOH A . 
F 3 HOH 77  377 77  HOH HOH A . 
F 3 HOH 78  378 78  HOH HOH A . 
F 3 HOH 79  379 79  HOH HOH A . 
F 3 HOH 80  380 80  HOH HOH A . 
F 3 HOH 81  381 81  HOH HOH A . 
F 3 HOH 82  382 82  HOH HOH A . 
F 3 HOH 83  383 83  HOH HOH A . 
F 3 HOH 84  384 84  HOH HOH A . 
F 3 HOH 85  385 85  HOH HOH A . 
F 3 HOH 86  386 86  HOH HOH A . 
F 3 HOH 87  387 87  HOH HOH A . 
F 3 HOH 88  388 88  HOH HOH A . 
F 3 HOH 89  389 89  HOH HOH A . 
F 3 HOH 90  390 90  HOH HOH A . 
F 3 HOH 91  391 91  HOH HOH A . 
F 3 HOH 92  392 92  HOH HOH A . 
F 3 HOH 93  393 93  HOH HOH A . 
F 3 HOH 94  394 94  HOH HOH A . 
F 3 HOH 95  395 95  HOH HOH A . 
F 3 HOH 96  396 96  HOH HOH A . 
F 3 HOH 97  397 97  HOH HOH A . 
F 3 HOH 98  398 98  HOH HOH A . 
F 3 HOH 99  399 99  HOH HOH A . 
F 3 HOH 100 400 100 HOH HOH A . 
F 3 HOH 101 401 101 HOH HOH A . 
F 3 HOH 102 402 102 HOH HOH A . 
F 3 HOH 103 403 103 HOH HOH A . 
F 3 HOH 104 404 104 HOH HOH A . 
F 3 HOH 105 405 105 HOH HOH A . 
F 3 HOH 106 406 106 HOH HOH A . 
F 3 HOH 107 407 107 HOH HOH A . 
F 3 HOH 108 408 108 HOH HOH A . 
F 3 HOH 109 409 109 HOH HOH A . 
F 3 HOH 110 410 110 HOH HOH A . 
F 3 HOH 111 411 111 HOH HOH A . 
F 3 HOH 112 412 112 HOH HOH A . 
F 3 HOH 113 413 113 HOH HOH A . 
F 3 HOH 114 414 114 HOH HOH A . 
F 3 HOH 115 415 115 HOH HOH A . 
F 3 HOH 116 416 116 HOH HOH A . 
F 3 HOH 117 417 117 HOH HOH A . 
# 
loop_
_pdbx_unobs_or_zero_occ_atoms.id 
_pdbx_unobs_or_zero_occ_atoms.PDB_model_num 
_pdbx_unobs_or_zero_occ_atoms.polymer_flag 
_pdbx_unobs_or_zero_occ_atoms.occupancy_flag 
_pdbx_unobs_or_zero_occ_atoms.auth_asym_id 
_pdbx_unobs_or_zero_occ_atoms.auth_comp_id 
_pdbx_unobs_or_zero_occ_atoms.auth_seq_id 
_pdbx_unobs_or_zero_occ_atoms.PDB_ins_code 
_pdbx_unobs_or_zero_occ_atoms.auth_atom_id 
_pdbx_unobs_or_zero_occ_atoms.label_alt_id 
_pdbx_unobs_or_zero_occ_atoms.label_asym_id 
_pdbx_unobs_or_zero_occ_atoms.label_comp_id 
_pdbx_unobs_or_zero_occ_atoms.label_seq_id 
_pdbx_unobs_or_zero_occ_atoms.label_atom_id 
1 1 Y 1 A ASN 123 ? CG  ? A ASN 123 CG  
2 1 Y 1 A ASN 123 ? OD1 ? A ASN 123 OD1 
3 1 Y 1 A ASN 123 ? ND2 ? A ASN 123 ND2 
# 
loop_
_software.name 
_software.classification 
_software.version 
_software.citation_id 
_software.pdbx_ordinal 
Blu-Ice 'data collection' Ice                         ? 1 
PHASER  phasing           .                           ? 2 
PHENIX  refinement        '(phenix.refine: 1.9_1692)' ? 3 
MOSFLM  'data reduction'  .                           ? 4 
SCALA   'data scaling'    .                           ? 5 
# 
_cell.entry_id           4QQO 
_cell.length_a           68.480 
_cell.length_b           68.480 
_cell.length_c           65.730 
_cell.angle_alpha        90.00 
_cell.angle_beta         90.00 
_cell.angle_gamma        120.00 
_cell.Z_PDB              9 
_cell.pdbx_unique_axis   ? 
_cell.length_a_esd       ? 
_cell.length_b_esd       ? 
_cell.length_c_esd       ? 
_cell.angle_alpha_esd    ? 
_cell.angle_beta_esd     ? 
_cell.angle_gamma_esd    ? 
# 
_symmetry.entry_id                         4QQO 
_symmetry.space_group_name_H-M             'H 3' 
_symmetry.pdbx_full_space_group_name_H-M   ? 
_symmetry.cell_setting                     ? 
_symmetry.Int_Tables_number                146 
_symmetry.space_group_name_Hall            ? 
# 
_exptl.entry_id          4QQO 
_exptl.method            'X-RAY DIFFRACTION' 
_exptl.crystals_number   1 
# 
_exptl_crystal.id                    1 
_exptl_crystal.density_meas          ? 
_exptl_crystal.density_Matthews      1.96 
_exptl_crystal.density_percent_sol   37.23 
_exptl_crystal.description           ? 
_exptl_crystal.F_000                 ? 
_exptl_crystal.preparation           ? 
# 
_exptl_crystal_grow.crystal_id      1 
_exptl_crystal_grow.method          'VAPOR DIFFUSION, HANGING DROP' 
_exptl_crystal_grow.temp            292.15 
_exptl_crystal_grow.temp_details    ? 
_exptl_crystal_grow.pH              5.5 
_exptl_crystal_grow.pdbx_pH_range   ? 
_exptl_crystal_grow.pdbx_details    
'0.2M MgCl2, 0.1M Bis-Tris, 25% PEG 3350, pH 5.5, VAPOR DIFFUSION, HANGING DROP, temperature 292.15K' 
# 
_diffrn.id                     1 
_diffrn.ambient_temp           100 
_diffrn.ambient_temp_details   ? 
_diffrn.crystal_id             1 
# 
_diffrn_detector.diffrn_id              1 
_diffrn_detector.detector               PIXEL 
_diffrn_detector.type                   'DECTRIS PILATUS 6M' 
_diffrn_detector.pdbx_collection_date   2013-07-25 
_diffrn_detector.details                ? 
# 
_diffrn_radiation.diffrn_id                        1 
_diffrn_radiation.wavelength_id                    1 
_diffrn_radiation.pdbx_monochromatic_or_laue_m_l   M 
_diffrn_radiation.monochromator                    
'Side scattering bent cube-root I-beam single crystal; asymmetric cut 4.965 degs' 
_diffrn_radiation.pdbx_diffrn_protocol             'SINGLE WAVELENGTH' 
_diffrn_radiation.pdbx_scattering_type             x-ray 
# 
_diffrn_radiation_wavelength.id           1 
_diffrn_radiation_wavelength.wavelength   0.97945 
_diffrn_radiation_wavelength.wt           1.0 
# 
_diffrn_source.diffrn_id                   1 
_diffrn_source.source                      SYNCHROTRON 
_diffrn_source.type                        'SSRL BEAMLINE BL11-1' 
_diffrn_source.pdbx_synchrotron_site       SSRL 
_diffrn_source.pdbx_synchrotron_beamline   BL11-1 
_diffrn_source.pdbx_wavelength             ? 
_diffrn_source.pdbx_wavelength_list        0.97945 
# 
_reflns.pdbx_diffrn_id               1 
_reflns.pdbx_ordinal                 1 
_reflns.entry_id                     4QQO 
_reflns.observed_criterion_sigma_I   -3.7 
_reflns.observed_criterion_sigma_F   0 
_reflns.d_resolution_low             44 
_reflns.d_resolution_high            2 
_reflns.number_obs                   6805 
_reflns.number_all                   ? 
_reflns.percent_possible_obs         91.6 
_reflns.pdbx_Rmerge_I_obs            0.073 
_reflns.pdbx_Rsym_value              0.095 
_reflns.pdbx_netI_over_sigmaI        10.1 
_reflns.B_iso_Wilson_estimate        ? 
_reflns.pdbx_redundancy              ? 
_reflns.R_free_details               ? 
_reflns.limit_h_max                  ? 
_reflns.limit_h_min                  ? 
_reflns.limit_k_max                  ? 
_reflns.limit_k_min                  ? 
_reflns.limit_l_max                  ? 
_reflns.limit_l_min                  ? 
_reflns.observed_criterion_F_max     ? 
_reflns.observed_criterion_F_min     ? 
_reflns.pdbx_chi_squared             ? 
_reflns.pdbx_scaling_rejects         ? 
# 
_reflns_shell.pdbx_diffrn_id         1 
_reflns_shell.pdbx_ordinal           1 
_reflns_shell.d_res_high             2.03 
_reflns_shell.d_res_low              ? 
_reflns_shell.percent_possible_all   94.5 
_reflns_shell.Rmerge_I_obs           0.161 
_reflns_shell.pdbx_Rsym_value        0.209 
_reflns_shell.meanI_over_sigI_obs    5.6 
_reflns_shell.pdbx_redundancy        2.3 
_reflns_shell.percent_possible_obs   ? 
_reflns_shell.number_unique_all      ? 
_reflns_shell.number_measured_all    ? 
_reflns_shell.number_measured_obs    ? 
_reflns_shell.number_unique_obs      ? 
_reflns_shell.pdbx_chi_squared       ? 
# 
_refine.pdbx_refine_id                           'X-RAY DIFFRACTION' 
_refine.entry_id                                 4QQO 
_refine.pdbx_diffrn_id                           1 
_refine.pdbx_TLS_residual_ADP_flag               ? 
_refine.ls_number_reflns_obs                     6804 
_refine.ls_number_reflns_all                     ? 
_refine.pdbx_ls_sigma_I                          ? 
_refine.pdbx_ls_sigma_F                          2.02 
_refine.pdbx_data_cutoff_high_absF               ? 
_refine.pdbx_data_cutoff_low_absF                ? 
_refine.pdbx_data_cutoff_high_rms_absF           ? 
_refine.ls_d_res_low                             34.240 
_refine.ls_d_res_high                            2.031 
_refine.ls_percent_reflns_obs                    91.55 
_refine.ls_R_factor_obs                          0.1510 
_refine.ls_R_factor_all                          ? 
_refine.ls_R_factor_R_work                       0.1468 
_refine.ls_R_factor_R_free                       0.1677 
_refine.ls_R_factor_R_free_error                 ? 
_refine.ls_R_factor_R_free_error_details         ? 
_refine.ls_percent_reflns_R_free                 4.98 
_refine.ls_number_reflns_R_free                  339 
_refine.ls_number_parameters                     ? 
_refine.ls_number_restraints                     ? 
_refine.occupancy_min                            ? 
_refine.occupancy_max                            ? 
_refine.correlation_coeff_Fo_to_Fc               ? 
_refine.correlation_coeff_Fo_to_Fc_free          ? 
_refine.B_iso_mean                               ? 
_refine.aniso_B[1][1]                            ? 
_refine.aniso_B[2][2]                            ? 
_refine.aniso_B[3][3]                            ? 
_refine.aniso_B[1][2]                            ? 
_refine.aniso_B[1][3]                            ? 
_refine.aniso_B[2][3]                            ? 
_refine.solvent_model_details                    'FLAT BULK SOLVENT MODEL' 
_refine.solvent_model_param_ksol                 ? 
_refine.solvent_model_param_bsol                 ? 
_refine.pdbx_solvent_vdw_probe_radii             1.11 
_refine.pdbx_solvent_ion_probe_radii             ? 
_refine.pdbx_solvent_shrinkage_radii             0.90 
_refine.pdbx_ls_cross_valid_method               ? 
_refine.details                                  ? 
_refine.pdbx_starting_model                      ? 
_refine.pdbx_method_to_determine_struct          'MOLECULAR REPLACEMENT' 
_refine.pdbx_isotropic_thermal_model             ? 
_refine.pdbx_stereochemistry_target_values       TWIN_LSQ_F 
_refine.pdbx_stereochem_target_val_spec_case     ? 
_refine.pdbx_R_Free_selection_details            ? 
_refine.pdbx_overall_ESU_R                       ? 
_refine.pdbx_overall_ESU_R_Free                  ? 
_refine.overall_SU_ML                            . 
_refine.pdbx_overall_phase_error                 23.40 
_refine.overall_SU_B                             ? 
_refine.overall_SU_R_Cruickshank_DPI             ? 
_refine.pdbx_overall_SU_R_free_Cruickshank_DPI   ? 
_refine.pdbx_overall_SU_R_Blow_DPI               ? 
_refine.pdbx_overall_SU_R_free_Blow_DPI          ? 
_refine.ls_redundancy_reflns_obs                 ? 
_refine.B_iso_min                                ? 
_refine.B_iso_max                                ? 
_refine.overall_SU_R_free                        ? 
_refine.ls_wR_factor_R_free                      ? 
_refine.ls_wR_factor_R_work                      ? 
_refine.overall_FOM_free_R_set                   ? 
_refine.overall_FOM_work_R_set                   ? 
# 
_refine_hist.pdbx_refine_id                   'X-RAY DIFFRACTION' 
_refine_hist.cycle_id                         LAST 
_refine_hist.pdbx_number_atoms_protein        1014 
_refine_hist.pdbx_number_atoms_nucleic_acid   0 
_refine_hist.pdbx_number_atoms_ligand         4 
_refine_hist.number_atoms_solvent             117 
_refine_hist.number_atoms_total               1135 
_refine_hist.d_res_high                       2.031 
_refine_hist.d_res_low                        34.240 
# 
loop_
_refine_ls_restr.type 
_refine_ls_restr.dev_ideal 
_refine_ls_restr.dev_ideal_target 
_refine_ls_restr.weight 
_refine_ls_restr.number 
_refine_ls_restr.pdbx_refine_id 
_refine_ls_restr.pdbx_restraint_function 
f_bond_d           0.004  ? ? 1063 'X-RAY DIFFRACTION' ? 
f_angle_d          1.011  ? ? 1444 'X-RAY DIFFRACTION' ? 
f_dihedral_angle_d 14.214 ? ? 379  'X-RAY DIFFRACTION' ? 
f_chiral_restr     0.037  ? ? 150  'X-RAY DIFFRACTION' ? 
f_plane_restr      0.003  ? ? 189  'X-RAY DIFFRACTION' ? 
# 
loop_
_refine_ls_shell.pdbx_refine_id 
_refine_ls_shell.pdbx_total_number_of_bins_used 
_refine_ls_shell.d_res_high 
_refine_ls_shell.d_res_low 
_refine_ls_shell.number_reflns_R_work 
_refine_ls_shell.R_factor_R_work 
_refine_ls_shell.percent_reflns_obs 
_refine_ls_shell.R_factor_R_free 
_refine_ls_shell.R_factor_R_free_error 
_refine_ls_shell.percent_reflns_R_free 
_refine_ls_shell.number_reflns_R_free 
_refine_ls_shell.number_reflns_all 
_refine_ls_shell.R_factor_all 
_refine_ls_shell.redundancy_reflns_obs 
_refine_ls_shell.number_reflns_obs 
'X-RAY DIFFRACTION' . 2.0310 2.5580  3278 0.1587 88.00 0.1782 . . 163 . . . . 
'X-RAY DIFFRACTION' . 2.5580 19.7694 3204 0.1448 86.00 0.1630 . . 153 . . . . 
# 
_struct.entry_id                  4QQO 
_struct.title                     'Crystal structure of C1QL3 mutant D205A' 
_struct.pdbx_model_details        ? 
_struct.pdbx_CASP_flag            ? 
_struct.pdbx_model_type_details   ? 
# 
_struct_keywords.entry_id        4QQO 
_struct_keywords.pdbx_keywords   'PROTEIN BINDING' 
_struct_keywords.text            
'Jelly roll fold, C1q, Brain-specific angiogenesis inhibitor G-protein coupled receptor 3, extracellular, PROTEIN BINDING' 
# 
loop_
_struct_asym.id 
_struct_asym.pdbx_blank_PDB_chainid_flag 
_struct_asym.pdbx_modified 
_struct_asym.entity_id 
_struct_asym.details 
A N N 1 ? 
B N N 2 ? 
C N N 2 ? 
D N N 2 ? 
E N N 2 ? 
F N N 3 ? 
# 
_struct_ref.id                         1 
_struct_ref.db_name                    UNP 
_struct_ref.db_code                    C1QL3_MOUSE 
_struct_ref.pdbx_db_accession          Q9ESN4 
_struct_ref.entity_id                  1 
_struct_ref.pdbx_seq_one_letter_code   
;ATYSTVPKIAFYAGLKRQHEGYEVLKFDDVVTNLGNHYDPTTGKFTCSIPGIYFFTYHVLMRGGDGTSMWADLCKNNQVR
ASAIAQDADQNYDYASNSVVLHLEPGDEVYIKLDGGKAHGGNNNKYSTFSGFIIYAD
;
_struct_ref.pdbx_align_begin           119 
_struct_ref.pdbx_db_isoform            ? 
# 
_struct_ref_seq.align_id                      1 
_struct_ref_seq.ref_id                        1 
_struct_ref_seq.pdbx_PDB_id_code              4QQO 
_struct_ref_seq.pdbx_strand_id                A 
_struct_ref_seq.seq_align_beg                 1 
_struct_ref_seq.pdbx_seq_align_beg_ins_code   ? 
_struct_ref_seq.seq_align_end                 137 
_struct_ref_seq.pdbx_seq_align_end_ins_code   ? 
_struct_ref_seq.pdbx_db_accession             Q9ESN4 
_struct_ref_seq.db_align_beg                  119 
_struct_ref_seq.pdbx_db_align_beg_ins_code    ? 
_struct_ref_seq.db_align_end                  255 
_struct_ref_seq.pdbx_db_align_end_ins_code    ? 
_struct_ref_seq.pdbx_auth_seq_align_beg       1 
_struct_ref_seq.pdbx_auth_seq_align_end       137 
# 
_struct_ref_seq_dif.align_id                     1 
_struct_ref_seq_dif.pdbx_pdb_id_code             4QQO 
_struct_ref_seq_dif.mon_id                       ALA 
_struct_ref_seq_dif.pdbx_pdb_strand_id           A 
_struct_ref_seq_dif.seq_num                      87 
_struct_ref_seq_dif.pdbx_pdb_ins_code            ? 
_struct_ref_seq_dif.pdbx_seq_db_name             UNP 
_struct_ref_seq_dif.pdbx_seq_db_accession_code   Q9ESN4 
_struct_ref_seq_dif.db_mon_id                    ASP 
_struct_ref_seq_dif.pdbx_seq_db_seq_num          205 
_struct_ref_seq_dif.details                      'engineered mutation' 
_struct_ref_seq_dif.pdbx_auth_seq_num            87 
_struct_ref_seq_dif.pdbx_ordinal                 1 
# 
_pdbx_struct_assembly.id                   1 
_pdbx_struct_assembly.details              author_and_software_defined_assembly 
_pdbx_struct_assembly.method_details       PISA 
_pdbx_struct_assembly.oligomeric_details   trimeric 
_pdbx_struct_assembly.oligomeric_count     3 
# 
loop_
_pdbx_struct_assembly_prop.biol_id 
_pdbx_struct_assembly_prop.type 
_pdbx_struct_assembly_prop.value 
_pdbx_struct_assembly_prop.details 
1 'ABSA (A^2)' 6020  ? 
1 MORE         -67   ? 
1 'SSA (A^2)'  13300 ? 
# 
_pdbx_struct_assembly_gen.assembly_id       1 
_pdbx_struct_assembly_gen.oper_expression   1,2,3 
_pdbx_struct_assembly_gen.asym_id_list      A,B,C,D,E,F 
# 
loop_
_pdbx_struct_oper_list.id 
_pdbx_struct_oper_list.type 
_pdbx_struct_oper_list.name 
_pdbx_struct_oper_list.symmetry_operation 
_pdbx_struct_oper_list.matrix[1][1] 
_pdbx_struct_oper_list.matrix[1][2] 
_pdbx_struct_oper_list.matrix[1][3] 
_pdbx_struct_oper_list.vector[1] 
_pdbx_struct_oper_list.matrix[2][1] 
_pdbx_struct_oper_list.matrix[2][2] 
_pdbx_struct_oper_list.matrix[2][3] 
_pdbx_struct_oper_list.vector[2] 
_pdbx_struct_oper_list.matrix[3][1] 
_pdbx_struct_oper_list.matrix[3][2] 
_pdbx_struct_oper_list.matrix[3][3] 
_pdbx_struct_oper_list.vector[3] 
1 'identity operation'         1_555 x,y,z         1.0000000000 0.0000000000 0.0000000000  0.0000000000  0.0000000000 1.0000000000  0.0000000000  0.0000000000  0.0000000000  0.0000000000  1.0000000000  0.0000000000   
2 'crystal symmetry operation' 2_455 -y-1,x-y,z    0.6952382062 0.4131799292 -0.5881548969 -9.2448449184 0.7058680564 -0.2380713761 0.6671373972  15.5028627029 0.1356249369  -0.8789791613 -0.4571668301 -10.4990538862 
3 'crystal symmetry operation' 3_445 -x+y-1,-x-1,z 0.6952382062 0.7058680564 0.1356249369  -3.0916726469 0.4131799292 -0.2380713761 -0.8789791613 -1.7178773517 -0.5881548969 0.6671373972  -0.4571668301 -20.5797594669 
# 
_struct_biol.id        1 
_struct_biol.details   ? 
# 
_struct_conf.conf_type_id            HELX_P 
_struct_conf.id                      HELX_P1 
_struct_conf.pdbx_PDB_helix_id       1 
_struct_conf.beg_label_comp_id       GLY 
_struct_conf.beg_label_asym_id       A 
_struct_conf.beg_label_seq_id        35 
_struct_conf.pdbx_beg_PDB_ins_code   ? 
_struct_conf.end_label_comp_id       HIS 
_struct_conf.end_label_asym_id       A 
_struct_conf.end_label_seq_id        37 
_struct_conf.pdbx_end_PDB_ins_code   ? 
_struct_conf.beg_auth_comp_id        GLY 
_struct_conf.beg_auth_asym_id        A 
_struct_conf.beg_auth_seq_id         35 
_struct_conf.end_auth_comp_id        HIS 
_struct_conf.end_auth_asym_id        A 
_struct_conf.end_auth_seq_id         37 
_struct_conf.pdbx_PDB_helix_class    5 
_struct_conf.details                 ? 
_struct_conf.pdbx_PDB_helix_length   3 
# 
_struct_conf_type.id          HELX_P 
_struct_conf_type.criteria    ? 
_struct_conf_type.reference   ? 
# 
loop_
_struct_conn.id 
_struct_conn.conn_type_id 
_struct_conn.pdbx_leaving_atom_flag 
_struct_conn.pdbx_PDB_id 
_struct_conn.ptnr1_label_asym_id 
_struct_conn.ptnr1_label_comp_id 
_struct_conn.ptnr1_label_seq_id 
_struct_conn.ptnr1_label_atom_id 
_struct_conn.pdbx_ptnr1_label_alt_id 
_struct_conn.pdbx_ptnr1_PDB_ins_code 
_struct_conn.pdbx_ptnr1_standard_comp_id 
_struct_conn.ptnr1_symmetry 
_struct_conn.ptnr2_label_asym_id 
_struct_conn.ptnr2_label_comp_id 
_struct_conn.ptnr2_label_seq_id 
_struct_conn.ptnr2_label_atom_id 
_struct_conn.pdbx_ptnr2_label_alt_id 
_struct_conn.pdbx_ptnr2_PDB_ins_code 
_struct_conn.ptnr1_auth_asym_id 
_struct_conn.ptnr1_auth_comp_id 
_struct_conn.ptnr1_auth_seq_id 
_struct_conn.ptnr2_auth_asym_id 
_struct_conn.ptnr2_auth_comp_id 
_struct_conn.ptnr2_auth_seq_id 
_struct_conn.ptnr2_symmetry 
_struct_conn.pdbx_ptnr3_label_atom_id 
_struct_conn.pdbx_ptnr3_label_seq_id 
_struct_conn.pdbx_ptnr3_label_comp_id 
_struct_conn.pdbx_ptnr3_label_asym_id 
_struct_conn.pdbx_ptnr3_label_alt_id 
_struct_conn.pdbx_ptnr3_PDB_ins_code 
_struct_conn.details 
_struct_conn.pdbx_dist_value 
_struct_conn.pdbx_value_order 
_struct_conn.pdbx_role 
metalc1 metalc ? ? A ASP 72 OD2 ? ? ? 1_555 B MG  . MG ? ? A ASP 72  A MG  201 1_555 ? ? ? ? ? ? ? 2.474 ? ? 
metalc2 metalc ? ? A ASP 93 OD2 ? ? ? 1_555 C MG  . MG ? ? A ASP 93  A MG  202 1_555 ? ? ? ? ? ? ? 2.137 ? ? 
metalc3 metalc ? ? A ASP 93 OD1 ? ? ? 1_555 E MG  . MG ? ? A ASP 93  A MG  204 1_555 ? ? ? ? ? ? ? 2.054 ? ? 
metalc4 metalc ? ? A SER 96 OG  B ? ? 1_555 D MG  . MG ? ? A SER 96  A MG  203 1_555 ? ? ? ? ? ? ? 2.828 ? ? 
metalc5 metalc ? ? B MG  .  MG  ? ? ? 1_555 F HOH . O  ? ? A MG  201 A HOH 369 1_555 ? ? ? ? ? ? ? 2.829 ? ? 
metalc6 metalc ? ? D MG  .  MG  ? ? ? 1_555 F HOH . O  ? ? A MG  203 A HOH 364 1_555 ? ? ? ? ? ? ? 2.867 ? ? 
metalc7 metalc ? ? D MG  .  MG  ? ? ? 1_555 F HOH . O  ? ? A MG  203 A HOH 378 1_555 ? ? ? ? ? ? ? 2.073 ? ? 
metalc8 metalc ? ? E MG  .  MG  ? ? ? 1_555 F HOH . O  ? ? A MG  204 A HOH 302 1_555 ? ? ? ? ? ? ? 2.663 ? ? 
# 
_struct_conn_type.id          metalc 
_struct_conn_type.criteria    ? 
_struct_conn_type.reference   ? 
# 
loop_
_pdbx_struct_conn_angle.id 
_pdbx_struct_conn_angle.ptnr1_label_atom_id 
_pdbx_struct_conn_angle.ptnr1_label_alt_id 
_pdbx_struct_conn_angle.ptnr1_label_asym_id 
_pdbx_struct_conn_angle.ptnr1_label_comp_id 
_pdbx_struct_conn_angle.ptnr1_label_seq_id 
_pdbx_struct_conn_angle.ptnr1_auth_atom_id 
_pdbx_struct_conn_angle.ptnr1_auth_asym_id 
_pdbx_struct_conn_angle.ptnr1_auth_comp_id 
_pdbx_struct_conn_angle.ptnr1_auth_seq_id 
_pdbx_struct_conn_angle.ptnr1_PDB_ins_code 
_pdbx_struct_conn_angle.ptnr1_symmetry 
_pdbx_struct_conn_angle.ptnr2_label_atom_id 
_pdbx_struct_conn_angle.ptnr2_label_alt_id 
_pdbx_struct_conn_angle.ptnr2_label_asym_id 
_pdbx_struct_conn_angle.ptnr2_label_comp_id 
_pdbx_struct_conn_angle.ptnr2_label_seq_id 
_pdbx_struct_conn_angle.ptnr2_auth_atom_id 
_pdbx_struct_conn_angle.ptnr2_auth_asym_id 
_pdbx_struct_conn_angle.ptnr2_auth_comp_id 
_pdbx_struct_conn_angle.ptnr2_auth_seq_id 
_pdbx_struct_conn_angle.ptnr2_PDB_ins_code 
_pdbx_struct_conn_angle.ptnr2_symmetry 
_pdbx_struct_conn_angle.ptnr3_label_atom_id 
_pdbx_struct_conn_angle.ptnr3_label_alt_id 
_pdbx_struct_conn_angle.ptnr3_label_asym_id 
_pdbx_struct_conn_angle.ptnr3_label_comp_id 
_pdbx_struct_conn_angle.ptnr3_label_seq_id 
_pdbx_struct_conn_angle.ptnr3_auth_atom_id 
_pdbx_struct_conn_angle.ptnr3_auth_asym_id 
_pdbx_struct_conn_angle.ptnr3_auth_comp_id 
_pdbx_struct_conn_angle.ptnr3_auth_seq_id 
_pdbx_struct_conn_angle.ptnr3_PDB_ins_code 
_pdbx_struct_conn_angle.ptnr3_symmetry 
_pdbx_struct_conn_angle.value 
_pdbx_struct_conn_angle.value_esd 
1 OD2 ? A ASP 72 ? A ASP 72  ? 1_555 MG ? B MG . ? A MG 201 ? 1_555 O ? F HOH . ? A HOH 369 ? 1_555 81.1  ? 
2 OD1 ? A ASP 93 ? A ASP 93  ? 1_555 MG ? E MG . ? A MG 204 ? 1_555 O ? F HOH . ? A HOH 302 ? 1_555 96.3  ? 
3 OG  B A SER 96 ? A SER 96  ? 1_555 MG ? D MG . ? A MG 203 ? 1_555 O ? F HOH . ? A HOH 364 ? 1_555 97.8  ? 
4 OG  B A SER 96 ? A SER 96  ? 1_555 MG ? D MG . ? A MG 203 ? 1_555 O ? F HOH . ? A HOH 378 ? 1_555 105.7 ? 
5 O   ? F HOH .  ? A HOH 364 ? 1_555 MG ? D MG . ? A MG 203 ? 1_555 O ? F HOH . ? A HOH 378 ? 1_555 155.1 ? 
# 
loop_
_struct_sheet.id 
_struct_sheet.type 
_struct_sheet.number_strands 
_struct_sheet.details 
A ? 6 ? 
B ? 4 ? 
C ? 4 ? 
D ? 4 ? 
# 
loop_
_struct_sheet_order.sheet_id 
_struct_sheet_order.range_id_1 
_struct_sheet_order.range_id_2 
_struct_sheet_order.offset 
_struct_sheet_order.sense 
A 1 2 ? anti-parallel 
A 2 3 ? anti-parallel 
A 3 4 ? anti-parallel 
A 4 5 ? anti-parallel 
A 5 6 ? anti-parallel 
B 1 2 ? anti-parallel 
B 2 3 ? anti-parallel 
B 3 4 ? anti-parallel 
C 1 2 ? anti-parallel 
C 2 3 ? anti-parallel 
C 3 4 ? anti-parallel 
D 1 2 ? anti-parallel 
D 2 3 ? anti-parallel 
D 3 4 ? anti-parallel 
# 
loop_
_struct_sheet_range.sheet_id 
_struct_sheet_range.id 
_struct_sheet_range.beg_label_comp_id 
_struct_sheet_range.beg_label_asym_id 
_struct_sheet_range.beg_label_seq_id 
_struct_sheet_range.pdbx_beg_PDB_ins_code 
_struct_sheet_range.end_label_comp_id 
_struct_sheet_range.end_label_asym_id 
_struct_sheet_range.end_label_seq_id 
_struct_sheet_range.pdbx_end_PDB_ins_code 
_struct_sheet_range.beg_auth_comp_id 
_struct_sheet_range.beg_auth_asym_id 
_struct_sheet_range.beg_auth_seq_id 
_struct_sheet_range.end_auth_comp_id 
_struct_sheet_range.end_auth_asym_id 
_struct_sheet_range.end_auth_seq_id 
A 1 HIS A 19  ? GLU A 20  ? HIS A 19  GLU A 20  
A 2 LYS A 117 ? HIS A 119 ? LYS A 117 HIS A 119 
A 3 GLY A 51  ? MET A 61  ? GLY A 51  MET A 61  
A 4 THR A 128 ? ALA A 136 ? THR A 128 ALA A 136 
A 5 ALA A 10  ? GLY A 14  ? ALA A 10  GLY A 14  
A 6 ASP A 29  ? LEU A 34  ? ASP A 29  LEU A 34  
B 1 HIS A 19  ? GLU A 20  ? HIS A 19  GLU A 20  
B 2 LYS A 117 ? HIS A 119 ? LYS A 117 HIS A 119 
B 3 GLY A 51  ? MET A 61  ? GLY A 51  MET A 61  
B 4 ASP A 93  ? LEU A 103 ? ASP A 93  LEU A 103 
C 1 GLU A 23  ? LEU A 25  ? GLU A 23  LEU A 25  
C 2 GLU A 108 ? ASP A 114 ? GLU A 108 ASP A 114 
C 3 MET A 69  ? LYS A 75  ? MET A 69  LYS A 75  
C 4 GLN A 78  ? ALA A 81  ? GLN A 78  ALA A 81  
D 1 PHE A 45  ? THR A 46  ? PHE A 45  THR A 46  
D 2 GLU A 108 ? ASP A 114 ? GLU A 108 ASP A 114 
D 3 MET A 69  ? LYS A 75  ? MET A 69  LYS A 75  
D 4 ILE A 84  ? ALA A 85  ? ILE A 84  ALA A 85  
# 
loop_
_pdbx_struct_sheet_hbond.sheet_id 
_pdbx_struct_sheet_hbond.range_id_1 
_pdbx_struct_sheet_hbond.range_id_2 
_pdbx_struct_sheet_hbond.range_1_label_atom_id 
_pdbx_struct_sheet_hbond.range_1_label_comp_id 
_pdbx_struct_sheet_hbond.range_1_label_asym_id 
_pdbx_struct_sheet_hbond.range_1_label_seq_id 
_pdbx_struct_sheet_hbond.range_1_PDB_ins_code 
_pdbx_struct_sheet_hbond.range_1_auth_atom_id 
_pdbx_struct_sheet_hbond.range_1_auth_comp_id 
_pdbx_struct_sheet_hbond.range_1_auth_asym_id 
_pdbx_struct_sheet_hbond.range_1_auth_seq_id 
_pdbx_struct_sheet_hbond.range_2_label_atom_id 
_pdbx_struct_sheet_hbond.range_2_label_comp_id 
_pdbx_struct_sheet_hbond.range_2_label_asym_id 
_pdbx_struct_sheet_hbond.range_2_label_seq_id 
_pdbx_struct_sheet_hbond.range_2_PDB_ins_code 
_pdbx_struct_sheet_hbond.range_2_auth_atom_id 
_pdbx_struct_sheet_hbond.range_2_auth_comp_id 
_pdbx_struct_sheet_hbond.range_2_auth_asym_id 
_pdbx_struct_sheet_hbond.range_2_auth_seq_id 
A 1 2 N HIS A 19  ? N HIS A 19  O ALA A 118 ? O ALA A 118 
A 2 3 O HIS A 119 ? O HIS A 119 N LEU A 60  ? N LEU A 60  
A 3 4 N ILE A 52  ? N ILE A 52  O ILE A 134 ? O ILE A 134 
A 4 5 O PHE A 129 ? O PHE A 129 N ALA A 13  ? N ALA A 13  
A 5 6 N TYR A 12  ? N TYR A 12  O VAL A 31  ? O VAL A 31  
B 1 2 N HIS A 19  ? N HIS A 19  O ALA A 118 ? O ALA A 118 
B 2 3 O HIS A 119 ? O HIS A 119 N LEU A 60  ? N LEU A 60  
B 3 4 N TYR A 53  ? N TYR A 53  O LEU A 101 ? O LEU A 101 
C 1 2 N GLU A 23  ? N GLU A 23  O LEU A 113 ? O LEU A 113 
C 2 3 O TYR A 110 ? O TYR A 110 N CYS A 74  ? N CYS A 74  
C 3 4 N LYS A 75  ? N LYS A 75  O GLN A 78  ? O GLN A 78  
D 1 2 N PHE A 45  ? N PHE A 45  O VAL A 109 ? O VAL A 109 
D 2 3 O TYR A 110 ? O TYR A 110 N CYS A 74  ? N CYS A 74  
D 3 4 N MET A 69  ? N MET A 69  O ALA A 85  ? O ALA A 85  
# 
loop_
_struct_site.id 
_struct_site.pdbx_evidence_code 
_struct_site.pdbx_auth_asym_id 
_struct_site.pdbx_auth_comp_id 
_struct_site.pdbx_auth_seq_id 
_struct_site.pdbx_auth_ins_code 
_struct_site.pdbx_num_residues 
_struct_site.details 
AC1 Software A MG 201 ? 4 'BINDING SITE FOR RESIDUE MG A 201' 
AC2 Software A MG 202 ? 3 'BINDING SITE FOR RESIDUE MG A 202' 
AC3 Software A MG 203 ? 9 'BINDING SITE FOR RESIDUE MG A 203' 
AC4 Software A MG 204 ? 6 'BINDING SITE FOR RESIDUE MG A 204' 
# 
loop_
_struct_site_gen.id 
_struct_site_gen.site_id 
_struct_site_gen.pdbx_num_res 
_struct_site_gen.label_comp_id 
_struct_site_gen.label_asym_id 
_struct_site_gen.label_seq_id 
_struct_site_gen.pdbx_auth_ins_code 
_struct_site_gen.auth_comp_id 
_struct_site_gen.auth_asym_id 
_struct_site_gen.auth_seq_id 
_struct_site_gen.label_atom_id 
_struct_site_gen.label_alt_id 
_struct_site_gen.symmetry 
_struct_site_gen.details 
1  AC1 4 ASP A 72  ? ASP A 72  . ? 1_555 ? 
2  AC1 4 SER A 82  ? SER A 82  . ? 1_555 ? 
3  AC1 4 TYR A 126 ? TYR A 126 . ? 2_455 ? 
4  AC1 4 HOH F .   ? HOH A 369 . ? 1_555 ? 
5  AC2 3 ASP A 93  ? ASP A 93  . ? 3_445 ? 
6  AC2 3 ASP A 93  ? ASP A 93  . ? 2_455 ? 
7  AC2 3 ASP A 93  ? ASP A 93  . ? 1_555 ? 
8  AC3 9 SER A 96  ? SER A 96  . ? 2_455 ? 
9  AC3 9 SER A 96  ? SER A 96  . ? 3_445 ? 
10 AC3 9 SER A 96  ? SER A 96  . ? 1_555 ? 
11 AC3 9 HOH F .   ? HOH A 364 . ? 3_445 ? 
12 AC3 9 HOH F .   ? HOH A 364 . ? 2_455 ? 
13 AC3 9 HOH F .   ? HOH A 364 . ? 1_555 ? 
14 AC3 9 HOH F .   ? HOH A 378 . ? 3_445 ? 
15 AC3 9 HOH F .   ? HOH A 378 . ? 2_455 ? 
16 AC3 9 HOH F .   ? HOH A 378 . ? 1_555 ? 
17 AC4 6 ASP A 93  ? ASP A 93  . ? 3_445 ? 
18 AC4 6 ASP A 93  ? ASP A 93  . ? 2_455 ? 
19 AC4 6 ASP A 93  ? ASP A 93  . ? 1_555 ? 
20 AC4 6 HOH F .   ? HOH A 302 . ? 3_445 ? 
21 AC4 6 HOH F .   ? HOH A 302 . ? 1_555 ? 
22 AC4 6 HOH F .   ? HOH A 302 . ? 2_455 ? 
# 
loop_
_pdbx_validate_close_contact.id 
_pdbx_validate_close_contact.PDB_model_num 
_pdbx_validate_close_contact.auth_atom_id_1 
_pdbx_validate_close_contact.auth_asym_id_1 
_pdbx_validate_close_contact.auth_comp_id_1 
_pdbx_validate_close_contact.auth_seq_id_1 
_pdbx_validate_close_contact.PDB_ins_code_1 
_pdbx_validate_close_contact.label_alt_id_1 
_pdbx_validate_close_contact.auth_atom_id_2 
_pdbx_validate_close_contact.auth_asym_id_2 
_pdbx_validate_close_contact.auth_comp_id_2 
_pdbx_validate_close_contact.auth_seq_id_2 
_pdbx_validate_close_contact.PDB_ins_code_2 
_pdbx_validate_close_contact.label_alt_id_2 
_pdbx_validate_close_contact.dist 
1  1 O   A HOH 327 ? ? O A HOH 359 ? ? 1.97 
2  1 O   A HOH 340 ? ? O A HOH 355 ? ? 1.98 
3  1 O   A HOH 319 ? ? O A HOH 404 ? ? 2.02 
4  1 OD2 A ASP 65  ? ? O A HOH 305 ? ? 2.06 
5  1 O   A HOH 335 ? ? O A HOH 373 ? ? 2.07 
6  1 O   A HOH 384 ? ? O A HOH 417 ? ? 2.07 
7  1 ND2 A ASN 36  ? ? O A HOH 330 ? ? 2.10 
8  1 O   A HOH 314 ? ? O A HOH 386 ? ? 2.10 
9  1 O   A GLY 120 ? ? O A HOH 355 ? ? 2.12 
10 1 O   A HOH 388 ? ? O A HOH 394 ? ? 2.13 
11 1 O   A HOH 313 ? ? O A HOH 334 ? ? 2.14 
12 1 OG1 A THR 67  ? ? O A HOH 349 ? ? 2.16 
13 1 O   A HOH 380 ? ? O A HOH 399 ? ? 2.19 
14 1 O   A THR 42  ? ? O A HOH 386 ? ? 2.19 
# 
loop_
_pdbx_validate_symm_contact.id 
_pdbx_validate_symm_contact.PDB_model_num 
_pdbx_validate_symm_contact.auth_atom_id_1 
_pdbx_validate_symm_contact.auth_asym_id_1 
_pdbx_validate_symm_contact.auth_comp_id_1 
_pdbx_validate_symm_contact.auth_seq_id_1 
_pdbx_validate_symm_contact.PDB_ins_code_1 
_pdbx_validate_symm_contact.label_alt_id_1 
_pdbx_validate_symm_contact.site_symmetry_1 
_pdbx_validate_symm_contact.auth_atom_id_2 
_pdbx_validate_symm_contact.auth_asym_id_2 
_pdbx_validate_symm_contact.auth_comp_id_2 
_pdbx_validate_symm_contact.auth_seq_id_2 
_pdbx_validate_symm_contact.PDB_ins_code_2 
_pdbx_validate_symm_contact.label_alt_id_2 
_pdbx_validate_symm_contact.site_symmetry_2 
_pdbx_validate_symm_contact.dist 
1 1 OE2 A GLU 23  ? ? 1_555 O A HOH 330 ? ? 6_445 2.04 
2 1 O   A HOH 378 ? ? 1_555 O A HOH 378 ? ? 2_455 2.06 
3 1 NZ  A LYS 117 ? ? 1_555 O A HOH 360 ? ? 6_445 2.17 
# 
loop_
_pdbx_validate_torsion.id 
_pdbx_validate_torsion.PDB_model_num 
_pdbx_validate_torsion.auth_comp_id 
_pdbx_validate_torsion.auth_asym_id 
_pdbx_validate_torsion.auth_seq_id 
_pdbx_validate_torsion.PDB_ins_code 
_pdbx_validate_torsion.label_alt_id 
_pdbx_validate_torsion.phi 
_pdbx_validate_torsion.psi 
1 1 ASN A 33  ? ? -165.46 57.54   
2 1 ASP A 65  ? ? -165.89 39.65   
3 1 THR A 67  ? ? 173.57  83.85   
4 1 SER A 68  ? ? -168.44 119.46  
5 1 ASN A 76  ? ? 52.39   -119.25 
6 1 GLN A 86  ? ? -179.17 128.03  
7 1 ALA A 88  ? ? -76.79  -129.58 
8 1 GLN A 90  ? ? 49.84   22.62   
9 1 ASN A 123 ? ? -161.60 47.40   
# 
loop_
_pdbx_struct_special_symmetry.id 
_pdbx_struct_special_symmetry.PDB_model_num 
_pdbx_struct_special_symmetry.auth_asym_id 
_pdbx_struct_special_symmetry.auth_comp_id 
_pdbx_struct_special_symmetry.auth_seq_id 
_pdbx_struct_special_symmetry.PDB_ins_code 
_pdbx_struct_special_symmetry.label_asym_id 
_pdbx_struct_special_symmetry.label_comp_id 
_pdbx_struct_special_symmetry.label_seq_id 
1 1 A MG  202 ? C MG  . 
2 1 A MG  203 ? D MG  . 
3 1 A MG  204 ? E MG  . 
4 1 A HOH 361 ? F HOH . 
# 
loop_
_pdbx_unobs_or_zero_occ_residues.id 
_pdbx_unobs_or_zero_occ_residues.PDB_model_num 
_pdbx_unobs_or_zero_occ_residues.polymer_flag 
_pdbx_unobs_or_zero_occ_residues.occupancy_flag 
_pdbx_unobs_or_zero_occ_residues.auth_asym_id 
_pdbx_unobs_or_zero_occ_residues.auth_comp_id 
_pdbx_unobs_or_zero_occ_residues.auth_seq_id 
_pdbx_unobs_or_zero_occ_residues.PDB_ins_code 
_pdbx_unobs_or_zero_occ_residues.label_asym_id 
_pdbx_unobs_or_zero_occ_residues.label_comp_id 
_pdbx_unobs_or_zero_occ_residues.label_seq_id 
1 1 Y 1 A ALA 1 ? A ALA 1 
2 1 Y 1 A THR 2 ? A THR 2 
3 1 Y 1 A TYR 3 ? A TYR 3 
4 1 Y 1 A SER 4 ? A SER 4 
5 1 Y 1 A THR 5 ? A THR 5 
6 1 Y 1 A VAL 6 ? A VAL 6 
7 1 Y 1 A PRO 7 ? A PRO 7 
# 
loop_
_chem_comp_atom.comp_id 
_chem_comp_atom.atom_id 
_chem_comp_atom.type_symbol 
_chem_comp_atom.pdbx_aromatic_flag 
_chem_comp_atom.pdbx_stereo_config 
_chem_comp_atom.pdbx_ordinal 
ALA N    N  N N 1   
ALA CA   C  N S 2   
ALA C    C  N N 3   
ALA O    O  N N 4   
ALA CB   C  N N 5   
ALA OXT  O  N N 6   
ALA H    H  N N 7   
ALA H2   H  N N 8   
ALA HA   H  N N 9   
ALA HB1  H  N N 10  
ALA HB2  H  N N 11  
ALA HB3  H  N N 12  
ALA HXT  H  N N 13  
ARG N    N  N N 14  
ARG CA   C  N S 15  
ARG C    C  N N 16  
ARG O    O  N N 17  
ARG CB   C  N N 18  
ARG CG   C  N N 19  
ARG CD   C  N N 20  
ARG NE   N  N N 21  
ARG CZ   C  N N 22  
ARG NH1  N  N N 23  
ARG NH2  N  N N 24  
ARG OXT  O  N N 25  
ARG H    H  N N 26  
ARG H2   H  N N 27  
ARG HA   H  N N 28  
ARG HB2  H  N N 29  
ARG HB3  H  N N 30  
ARG HG2  H  N N 31  
ARG HG3  H  N N 32  
ARG HD2  H  N N 33  
ARG HD3  H  N N 34  
ARG HE   H  N N 35  
ARG HH11 H  N N 36  
ARG HH12 H  N N 37  
ARG HH21 H  N N 38  
ARG HH22 H  N N 39  
ARG HXT  H  N N 40  
ASN N    N  N N 41  
ASN CA   C  N S 42  
ASN C    C  N N 43  
ASN O    O  N N 44  
ASN CB   C  N N 45  
ASN CG   C  N N 46  
ASN OD1  O  N N 47  
ASN ND2  N  N N 48  
ASN OXT  O  N N 49  
ASN H    H  N N 50  
ASN H2   H  N N 51  
ASN HA   H  N N 52  
ASN HB2  H  N N 53  
ASN HB3  H  N N 54  
ASN HD21 H  N N 55  
ASN HD22 H  N N 56  
ASN HXT  H  N N 57  
ASP N    N  N N 58  
ASP CA   C  N S 59  
ASP C    C  N N 60  
ASP O    O  N N 61  
ASP CB   C  N N 62  
ASP CG   C  N N 63  
ASP OD1  O  N N 64  
ASP OD2  O  N N 65  
ASP OXT  O  N N 66  
ASP H    H  N N 67  
ASP H2   H  N N 68  
ASP HA   H  N N 69  
ASP HB2  H  N N 70  
ASP HB3  H  N N 71  
ASP HD2  H  N N 72  
ASP HXT  H  N N 73  
CYS N    N  N N 74  
CYS CA   C  N R 75  
CYS C    C  N N 76  
CYS O    O  N N 77  
CYS CB   C  N N 78  
CYS SG   S  N N 79  
CYS OXT  O  N N 80  
CYS H    H  N N 81  
CYS H2   H  N N 82  
CYS HA   H  N N 83  
CYS HB2  H  N N 84  
CYS HB3  H  N N 85  
CYS HG   H  N N 86  
CYS HXT  H  N N 87  
GLN N    N  N N 88  
GLN CA   C  N S 89  
GLN C    C  N N 90  
GLN O    O  N N 91  
GLN CB   C  N N 92  
GLN CG   C  N N 93  
GLN CD   C  N N 94  
GLN OE1  O  N N 95  
GLN NE2  N  N N 96  
GLN OXT  O  N N 97  
GLN H    H  N N 98  
GLN H2   H  N N 99  
GLN HA   H  N N 100 
GLN HB2  H  N N 101 
GLN HB3  H  N N 102 
GLN HG2  H  N N 103 
GLN HG3  H  N N 104 
GLN HE21 H  N N 105 
GLN HE22 H  N N 106 
GLN HXT  H  N N 107 
GLU N    N  N N 108 
GLU CA   C  N S 109 
GLU C    C  N N 110 
GLU O    O  N N 111 
GLU CB   C  N N 112 
GLU CG   C  N N 113 
GLU CD   C  N N 114 
GLU OE1  O  N N 115 
GLU OE2  O  N N 116 
GLU OXT  O  N N 117 
GLU H    H  N N 118 
GLU H2   H  N N 119 
GLU HA   H  N N 120 
GLU HB2  H  N N 121 
GLU HB3  H  N N 122 
GLU HG2  H  N N 123 
GLU HG3  H  N N 124 
GLU HE2  H  N N 125 
GLU HXT  H  N N 126 
GLY N    N  N N 127 
GLY CA   C  N N 128 
GLY C    C  N N 129 
GLY O    O  N N 130 
GLY OXT  O  N N 131 
GLY H    H  N N 132 
GLY H2   H  N N 133 
GLY HA2  H  N N 134 
GLY HA3  H  N N 135 
GLY HXT  H  N N 136 
HIS N    N  N N 137 
HIS CA   C  N S 138 
HIS C    C  N N 139 
HIS O    O  N N 140 
HIS CB   C  N N 141 
HIS CG   C  Y N 142 
HIS ND1  N  Y N 143 
HIS CD2  C  Y N 144 
HIS CE1  C  Y N 145 
HIS NE2  N  Y N 146 
HIS OXT  O  N N 147 
HIS H    H  N N 148 
HIS H2   H  N N 149 
HIS HA   H  N N 150 
HIS HB2  H  N N 151 
HIS HB3  H  N N 152 
HIS HD1  H  N N 153 
HIS HD2  H  N N 154 
HIS HE1  H  N N 155 
HIS HE2  H  N N 156 
HIS HXT  H  N N 157 
HOH O    O  N N 158 
HOH H1   H  N N 159 
HOH H2   H  N N 160 
ILE N    N  N N 161 
ILE CA   C  N S 162 
ILE C    C  N N 163 
ILE O    O  N N 164 
ILE CB   C  N S 165 
ILE CG1  C  N N 166 
ILE CG2  C  N N 167 
ILE CD1  C  N N 168 
ILE OXT  O  N N 169 
ILE H    H  N N 170 
ILE H2   H  N N 171 
ILE HA   H  N N 172 
ILE HB   H  N N 173 
ILE HG12 H  N N 174 
ILE HG13 H  N N 175 
ILE HG21 H  N N 176 
ILE HG22 H  N N 177 
ILE HG23 H  N N 178 
ILE HD11 H  N N 179 
ILE HD12 H  N N 180 
ILE HD13 H  N N 181 
ILE HXT  H  N N 182 
LEU N    N  N N 183 
LEU CA   C  N S 184 
LEU C    C  N N 185 
LEU O    O  N N 186 
LEU CB   C  N N 187 
LEU CG   C  N N 188 
LEU CD1  C  N N 189 
LEU CD2  C  N N 190 
LEU OXT  O  N N 191 
LEU H    H  N N 192 
LEU H2   H  N N 193 
LEU HA   H  N N 194 
LEU HB2  H  N N 195 
LEU HB3  H  N N 196 
LEU HG   H  N N 197 
LEU HD11 H  N N 198 
LEU HD12 H  N N 199 
LEU HD13 H  N N 200 
LEU HD21 H  N N 201 
LEU HD22 H  N N 202 
LEU HD23 H  N N 203 
LEU HXT  H  N N 204 
LYS N    N  N N 205 
LYS CA   C  N S 206 
LYS C    C  N N 207 
LYS O    O  N N 208 
LYS CB   C  N N 209 
LYS CG   C  N N 210 
LYS CD   C  N N 211 
LYS CE   C  N N 212 
LYS NZ   N  N N 213 
LYS OXT  O  N N 214 
LYS H    H  N N 215 
LYS H2   H  N N 216 
LYS HA   H  N N 217 
LYS HB2  H  N N 218 
LYS HB3  H  N N 219 
LYS HG2  H  N N 220 
LYS HG3  H  N N 221 
LYS HD2  H  N N 222 
LYS HD3  H  N N 223 
LYS HE2  H  N N 224 
LYS HE3  H  N N 225 
LYS HZ1  H  N N 226 
LYS HZ2  H  N N 227 
LYS HZ3  H  N N 228 
LYS HXT  H  N N 229 
MET N    N  N N 230 
MET CA   C  N S 231 
MET C    C  N N 232 
MET O    O  N N 233 
MET CB   C  N N 234 
MET CG   C  N N 235 
MET SD   S  N N 236 
MET CE   C  N N 237 
MET OXT  O  N N 238 
MET H    H  N N 239 
MET H2   H  N N 240 
MET HA   H  N N 241 
MET HB2  H  N N 242 
MET HB3  H  N N 243 
MET HG2  H  N N 244 
MET HG3  H  N N 245 
MET HE1  H  N N 246 
MET HE2  H  N N 247 
MET HE3  H  N N 248 
MET HXT  H  N N 249 
MG  MG   MG N N 250 
PHE N    N  N N 251 
PHE CA   C  N S 252 
PHE C    C  N N 253 
PHE O    O  N N 254 
PHE CB   C  N N 255 
PHE CG   C  Y N 256 
PHE CD1  C  Y N 257 
PHE CD2  C  Y N 258 
PHE CE1  C  Y N 259 
PHE CE2  C  Y N 260 
PHE CZ   C  Y N 261 
PHE OXT  O  N N 262 
PHE H    H  N N 263 
PHE H2   H  N N 264 
PHE HA   H  N N 265 
PHE HB2  H  N N 266 
PHE HB3  H  N N 267 
PHE HD1  H  N N 268 
PHE HD2  H  N N 269 
PHE HE1  H  N N 270 
PHE HE2  H  N N 271 
PHE HZ   H  N N 272 
PHE HXT  H  N N 273 
PRO N    N  N N 274 
PRO CA   C  N S 275 
PRO C    C  N N 276 
PRO O    O  N N 277 
PRO CB   C  N N 278 
PRO CG   C  N N 279 
PRO CD   C  N N 280 
PRO OXT  O  N N 281 
PRO H    H  N N 282 
PRO HA   H  N N 283 
PRO HB2  H  N N 284 
PRO HB3  H  N N 285 
PRO HG2  H  N N 286 
PRO HG3  H  N N 287 
PRO HD2  H  N N 288 
PRO HD3  H  N N 289 
PRO HXT  H  N N 290 
SER N    N  N N 291 
SER CA   C  N S 292 
SER C    C  N N 293 
SER O    O  N N 294 
SER CB   C  N N 295 
SER OG   O  N N 296 
SER OXT  O  N N 297 
SER H    H  N N 298 
SER H2   H  N N 299 
SER HA   H  N N 300 
SER HB2  H  N N 301 
SER HB3  H  N N 302 
SER HG   H  N N 303 
SER HXT  H  N N 304 
THR N    N  N N 305 
THR CA   C  N S 306 
THR C    C  N N 307 
THR O    O  N N 308 
THR CB   C  N R 309 
THR OG1  O  N N 310 
THR CG2  C  N N 311 
THR OXT  O  N N 312 
THR H    H  N N 313 
THR H2   H  N N 314 
THR HA   H  N N 315 
THR HB   H  N N 316 
THR HG1  H  N N 317 
THR HG21 H  N N 318 
THR HG22 H  N N 319 
THR HG23 H  N N 320 
THR HXT  H  N N 321 
TRP N    N  N N 322 
TRP CA   C  N S 323 
TRP C    C  N N 324 
TRP O    O  N N 325 
TRP CB   C  N N 326 
TRP CG   C  Y N 327 
TRP CD1  C  Y N 328 
TRP CD2  C  Y N 329 
TRP NE1  N  Y N 330 
TRP CE2  C  Y N 331 
TRP CE3  C  Y N 332 
TRP CZ2  C  Y N 333 
TRP CZ3  C  Y N 334 
TRP CH2  C  Y N 335 
TRP OXT  O  N N 336 
TRP H    H  N N 337 
TRP H2   H  N N 338 
TRP HA   H  N N 339 
TRP HB2  H  N N 340 
TRP HB3  H  N N 341 
TRP HD1  H  N N 342 
TRP HE1  H  N N 343 
TRP HE3  H  N N 344 
TRP HZ2  H  N N 345 
TRP HZ3  H  N N 346 
TRP HH2  H  N N 347 
TRP HXT  H  N N 348 
TYR N    N  N N 349 
TYR CA   C  N S 350 
TYR C    C  N N 351 
TYR O    O  N N 352 
TYR CB   C  N N 353 
TYR CG   C  Y N 354 
TYR CD1  C  Y N 355 
TYR CD2  C  Y N 356 
TYR CE1  C  Y N 357 
TYR CE2  C  Y N 358 
TYR CZ   C  Y N 359 
TYR OH   O  N N 360 
TYR OXT  O  N N 361 
TYR H    H  N N 362 
TYR H2   H  N N 363 
TYR HA   H  N N 364 
TYR HB2  H  N N 365 
TYR HB3  H  N N 366 
TYR HD1  H  N N 367 
TYR HD2  H  N N 368 
TYR HE1  H  N N 369 
TYR HE2  H  N N 370 
TYR HH   H  N N 371 
TYR HXT  H  N N 372 
VAL N    N  N N 373 
VAL CA   C  N S 374 
VAL C    C  N N 375 
VAL O    O  N N 376 
VAL CB   C  N N 377 
VAL CG1  C  N N 378 
VAL CG2  C  N N 379 
VAL OXT  O  N N 380 
VAL H    H  N N 381 
VAL H2   H  N N 382 
VAL HA   H  N N 383 
VAL HB   H  N N 384 
VAL HG11 H  N N 385 
VAL HG12 H  N N 386 
VAL HG13 H  N N 387 
VAL HG21 H  N N 388 
VAL HG22 H  N N 389 
VAL HG23 H  N N 390 
VAL HXT  H  N N 391 
# 
loop_
_chem_comp_bond.comp_id 
_chem_comp_bond.atom_id_1 
_chem_comp_bond.atom_id_2 
_chem_comp_bond.value_order 
_chem_comp_bond.pdbx_aromatic_flag 
_chem_comp_bond.pdbx_stereo_config 
_chem_comp_bond.pdbx_ordinal 
ALA N   CA   sing N N 1   
ALA N   H    sing N N 2   
ALA N   H2   sing N N 3   
ALA CA  C    sing N N 4   
ALA CA  CB   sing N N 5   
ALA CA  HA   sing N N 6   
ALA C   O    doub N N 7   
ALA C   OXT  sing N N 8   
ALA CB  HB1  sing N N 9   
ALA CB  HB2  sing N N 10  
ALA CB  HB3  sing N N 11  
ALA OXT HXT  sing N N 12  
ARG N   CA   sing N N 13  
ARG N   H    sing N N 14  
ARG N   H2   sing N N 15  
ARG CA  C    sing N N 16  
ARG CA  CB   sing N N 17  
ARG CA  HA   sing N N 18  
ARG C   O    doub N N 19  
ARG C   OXT  sing N N 20  
ARG CB  CG   sing N N 21  
ARG CB  HB2  sing N N 22  
ARG CB  HB3  sing N N 23  
ARG CG  CD   sing N N 24  
ARG CG  HG2  sing N N 25  
ARG CG  HG3  sing N N 26  
ARG CD  NE   sing N N 27  
ARG CD  HD2  sing N N 28  
ARG CD  HD3  sing N N 29  
ARG NE  CZ   sing N N 30  
ARG NE  HE   sing N N 31  
ARG CZ  NH1  sing N N 32  
ARG CZ  NH2  doub N N 33  
ARG NH1 HH11 sing N N 34  
ARG NH1 HH12 sing N N 35  
ARG NH2 HH21 sing N N 36  
ARG NH2 HH22 sing N N 37  
ARG OXT HXT  sing N N 38  
ASN N   CA   sing N N 39  
ASN N   H    sing N N 40  
ASN N   H2   sing N N 41  
ASN CA  C    sing N N 42  
ASN CA  CB   sing N N 43  
ASN CA  HA   sing N N 44  
ASN C   O    doub N N 45  
ASN C   OXT  sing N N 46  
ASN CB  CG   sing N N 47  
ASN CB  HB2  sing N N 48  
ASN CB  HB3  sing N N 49  
ASN CG  OD1  doub N N 50  
ASN CG  ND2  sing N N 51  
ASN ND2 HD21 sing N N 52  
ASN ND2 HD22 sing N N 53  
ASN OXT HXT  sing N N 54  
ASP N   CA   sing N N 55  
ASP N   H    sing N N 56  
ASP N   H2   sing N N 57  
ASP CA  C    sing N N 58  
ASP CA  CB   sing N N 59  
ASP CA  HA   sing N N 60  
ASP C   O    doub N N 61  
ASP C   OXT  sing N N 62  
ASP CB  CG   sing N N 63  
ASP CB  HB2  sing N N 64  
ASP CB  HB3  sing N N 65  
ASP CG  OD1  doub N N 66  
ASP CG  OD2  sing N N 67  
ASP OD2 HD2  sing N N 68  
ASP OXT HXT  sing N N 69  
CYS N   CA   sing N N 70  
CYS N   H    sing N N 71  
CYS N   H2   sing N N 72  
CYS CA  C    sing N N 73  
CYS CA  CB   sing N N 74  
CYS CA  HA   sing N N 75  
CYS C   O    doub N N 76  
CYS C   OXT  sing N N 77  
CYS CB  SG   sing N N 78  
CYS CB  HB2  sing N N 79  
CYS CB  HB3  sing N N 80  
CYS SG  HG   sing N N 81  
CYS OXT HXT  sing N N 82  
GLN N   CA   sing N N 83  
GLN N   H    sing N N 84  
GLN N   H2   sing N N 85  
GLN CA  C    sing N N 86  
GLN CA  CB   sing N N 87  
GLN CA  HA   sing N N 88  
GLN C   O    doub N N 89  
GLN C   OXT  sing N N 90  
GLN CB  CG   sing N N 91  
GLN CB  HB2  sing N N 92  
GLN CB  HB3  sing N N 93  
GLN CG  CD   sing N N 94  
GLN CG  HG2  sing N N 95  
GLN CG  HG3  sing N N 96  
GLN CD  OE1  doub N N 97  
GLN CD  NE2  sing N N 98  
GLN NE2 HE21 sing N N 99  
GLN NE2 HE22 sing N N 100 
GLN OXT HXT  sing N N 101 
GLU N   CA   sing N N 102 
GLU N   H    sing N N 103 
GLU N   H2   sing N N 104 
GLU CA  C    sing N N 105 
GLU CA  CB   sing N N 106 
GLU CA  HA   sing N N 107 
GLU C   O    doub N N 108 
GLU C   OXT  sing N N 109 
GLU CB  CG   sing N N 110 
GLU CB  HB2  sing N N 111 
GLU CB  HB3  sing N N 112 
GLU CG  CD   sing N N 113 
GLU CG  HG2  sing N N 114 
GLU CG  HG3  sing N N 115 
GLU CD  OE1  doub N N 116 
GLU CD  OE2  sing N N 117 
GLU OE2 HE2  sing N N 118 
GLU OXT HXT  sing N N 119 
GLY N   CA   sing N N 120 
GLY N   H    sing N N 121 
GLY N   H2   sing N N 122 
GLY CA  C    sing N N 123 
GLY CA  HA2  sing N N 124 
GLY CA  HA3  sing N N 125 
GLY C   O    doub N N 126 
GLY C   OXT  sing N N 127 
GLY OXT HXT  sing N N 128 
HIS N   CA   sing N N 129 
HIS N   H    sing N N 130 
HIS N   H2   sing N N 131 
HIS CA  C    sing N N 132 
HIS CA  CB   sing N N 133 
HIS CA  HA   sing N N 134 
HIS C   O    doub N N 135 
HIS C   OXT  sing N N 136 
HIS CB  CG   sing N N 137 
HIS CB  HB2  sing N N 138 
HIS CB  HB3  sing N N 139 
HIS CG  ND1  sing Y N 140 
HIS CG  CD2  doub Y N 141 
HIS ND1 CE1  doub Y N 142 
HIS ND1 HD1  sing N N 143 
HIS CD2 NE2  sing Y N 144 
HIS CD2 HD2  sing N N 145 
HIS CE1 NE2  sing Y N 146 
HIS CE1 HE1  sing N N 147 
HIS NE2 HE2  sing N N 148 
HIS OXT HXT  sing N N 149 
HOH O   H1   sing N N 150 
HOH O   H2   sing N N 151 
ILE N   CA   sing N N 152 
ILE N   H    sing N N 153 
ILE N   H2   sing N N 154 
ILE CA  C    sing N N 155 
ILE CA  CB   sing N N 156 
ILE CA  HA   sing N N 157 
ILE C   O    doub N N 158 
ILE C   OXT  sing N N 159 
ILE CB  CG1  sing N N 160 
ILE CB  CG2  sing N N 161 
ILE CB  HB   sing N N 162 
ILE CG1 CD1  sing N N 163 
ILE CG1 HG12 sing N N 164 
ILE CG1 HG13 sing N N 165 
ILE CG2 HG21 sing N N 166 
ILE CG2 HG22 sing N N 167 
ILE CG2 HG23 sing N N 168 
ILE CD1 HD11 sing N N 169 
ILE CD1 HD12 sing N N 170 
ILE CD1 HD13 sing N N 171 
ILE OXT HXT  sing N N 172 
LEU N   CA   sing N N 173 
LEU N   H    sing N N 174 
LEU N   H2   sing N N 175 
LEU CA  C    sing N N 176 
LEU CA  CB   sing N N 177 
LEU CA  HA   sing N N 178 
LEU C   O    doub N N 179 
LEU C   OXT  sing N N 180 
LEU CB  CG   sing N N 181 
LEU CB  HB2  sing N N 182 
LEU CB  HB3  sing N N 183 
LEU CG  CD1  sing N N 184 
LEU CG  CD2  sing N N 185 
LEU CG  HG   sing N N 186 
LEU CD1 HD11 sing N N 187 
LEU CD1 HD12 sing N N 188 
LEU CD1 HD13 sing N N 189 
LEU CD2 HD21 sing N N 190 
LEU CD2 HD22 sing N N 191 
LEU CD2 HD23 sing N N 192 
LEU OXT HXT  sing N N 193 
LYS N   CA   sing N N 194 
LYS N   H    sing N N 195 
LYS N   H2   sing N N 196 
LYS CA  C    sing N N 197 
LYS CA  CB   sing N N 198 
LYS CA  HA   sing N N 199 
LYS C   O    doub N N 200 
LYS C   OXT  sing N N 201 
LYS CB  CG   sing N N 202 
LYS CB  HB2  sing N N 203 
LYS CB  HB3  sing N N 204 
LYS CG  CD   sing N N 205 
LYS CG  HG2  sing N N 206 
LYS CG  HG3  sing N N 207 
LYS CD  CE   sing N N 208 
LYS CD  HD2  sing N N 209 
LYS CD  HD3  sing N N 210 
LYS CE  NZ   sing N N 211 
LYS CE  HE2  sing N N 212 
LYS CE  HE3  sing N N 213 
LYS NZ  HZ1  sing N N 214 
LYS NZ  HZ2  sing N N 215 
LYS NZ  HZ3  sing N N 216 
LYS OXT HXT  sing N N 217 
MET N   CA   sing N N 218 
MET N   H    sing N N 219 
MET N   H2   sing N N 220 
MET CA  C    sing N N 221 
MET CA  CB   sing N N 222 
MET CA  HA   sing N N 223 
MET C   O    doub N N 224 
MET C   OXT  sing N N 225 
MET CB  CG   sing N N 226 
MET CB  HB2  sing N N 227 
MET CB  HB3  sing N N 228 
MET CG  SD   sing N N 229 
MET CG  HG2  sing N N 230 
MET CG  HG3  sing N N 231 
MET SD  CE   sing N N 232 
MET CE  HE1  sing N N 233 
MET CE  HE2  sing N N 234 
MET CE  HE3  sing N N 235 
MET OXT HXT  sing N N 236 
PHE N   CA   sing N N 237 
PHE N   H    sing N N 238 
PHE N   H2   sing N N 239 
PHE CA  C    sing N N 240 
PHE CA  CB   sing N N 241 
PHE CA  HA   sing N N 242 
PHE C   O    doub N N 243 
PHE C   OXT  sing N N 244 
PHE CB  CG   sing N N 245 
PHE CB  HB2  sing N N 246 
PHE CB  HB3  sing N N 247 
PHE CG  CD1  doub Y N 248 
PHE CG  CD2  sing Y N 249 
PHE CD1 CE1  sing Y N 250 
PHE CD1 HD1  sing N N 251 
PHE CD2 CE2  doub Y N 252 
PHE CD2 HD2  sing N N 253 
PHE CE1 CZ   doub Y N 254 
PHE CE1 HE1  sing N N 255 
PHE CE2 CZ   sing Y N 256 
PHE CE2 HE2  sing N N 257 
PHE CZ  HZ   sing N N 258 
PHE OXT HXT  sing N N 259 
PRO N   CA   sing N N 260 
PRO N   CD   sing N N 261 
PRO N   H    sing N N 262 
PRO CA  C    sing N N 263 
PRO CA  CB   sing N N 264 
PRO CA  HA   sing N N 265 
PRO C   O    doub N N 266 
PRO C   OXT  sing N N 267 
PRO CB  CG   sing N N 268 
PRO CB  HB2  sing N N 269 
PRO CB  HB3  sing N N 270 
PRO CG  CD   sing N N 271 
PRO CG  HG2  sing N N 272 
PRO CG  HG3  sing N N 273 
PRO CD  HD2  sing N N 274 
PRO CD  HD3  sing N N 275 
PRO OXT HXT  sing N N 276 
SER N   CA   sing N N 277 
SER N   H    sing N N 278 
SER N   H2   sing N N 279 
SER CA  C    sing N N 280 
SER CA  CB   sing N N 281 
SER CA  HA   sing N N 282 
SER C   O    doub N N 283 
SER C   OXT  sing N N 284 
SER CB  OG   sing N N 285 
SER CB  HB2  sing N N 286 
SER CB  HB3  sing N N 287 
SER OG  HG   sing N N 288 
SER OXT HXT  sing N N 289 
THR N   CA   sing N N 290 
THR N   H    sing N N 291 
THR N   H2   sing N N 292 
THR CA  C    sing N N 293 
THR CA  CB   sing N N 294 
THR CA  HA   sing N N 295 
THR C   O    doub N N 296 
THR C   OXT  sing N N 297 
THR CB  OG1  sing N N 298 
THR CB  CG2  sing N N 299 
THR CB  HB   sing N N 300 
THR OG1 HG1  sing N N 301 
THR CG2 HG21 sing N N 302 
THR CG2 HG22 sing N N 303 
THR CG2 HG23 sing N N 304 
THR OXT HXT  sing N N 305 
TRP N   CA   sing N N 306 
TRP N   H    sing N N 307 
TRP N   H2   sing N N 308 
TRP CA  C    sing N N 309 
TRP CA  CB   sing N N 310 
TRP CA  HA   sing N N 311 
TRP C   O    doub N N 312 
TRP C   OXT  sing N N 313 
TRP CB  CG   sing N N 314 
TRP CB  HB2  sing N N 315 
TRP CB  HB3  sing N N 316 
TRP CG  CD1  doub Y N 317 
TRP CG  CD2  sing Y N 318 
TRP CD1 NE1  sing Y N 319 
TRP CD1 HD1  sing N N 320 
TRP CD2 CE2  doub Y N 321 
TRP CD2 CE3  sing Y N 322 
TRP NE1 CE2  sing Y N 323 
TRP NE1 HE1  sing N N 324 
TRP CE2 CZ2  sing Y N 325 
TRP CE3 CZ3  doub Y N 326 
TRP CE3 HE3  sing N N 327 
TRP CZ2 CH2  doub Y N 328 
TRP CZ2 HZ2  sing N N 329 
TRP CZ3 CH2  sing Y N 330 
TRP CZ3 HZ3  sing N N 331 
TRP CH2 HH2  sing N N 332 
TRP OXT HXT  sing N N 333 
TYR N   CA   sing N N 334 
TYR N   H    sing N N 335 
TYR N   H2   sing N N 336 
TYR CA  C    sing N N 337 
TYR CA  CB   sing N N 338 
TYR CA  HA   sing N N 339 
TYR C   O    doub N N 340 
TYR C   OXT  sing N N 341 
TYR CB  CG   sing N N 342 
TYR CB  HB2  sing N N 343 
TYR CB  HB3  sing N N 344 
TYR CG  CD1  doub Y N 345 
TYR CG  CD2  sing Y N 346 
TYR CD1 CE1  sing Y N 347 
TYR CD1 HD1  sing N N 348 
TYR CD2 CE2  doub Y N 349 
TYR CD2 HD2  sing N N 350 
TYR CE1 CZ   doub Y N 351 
TYR CE1 HE1  sing N N 352 
TYR CE2 CZ   sing Y N 353 
TYR CE2 HE2  sing N N 354 
TYR CZ  OH   sing N N 355 
TYR OH  HH   sing N N 356 
TYR OXT HXT  sing N N 357 
VAL N   CA   sing N N 358 
VAL N   H    sing N N 359 
VAL N   H2   sing N N 360 
VAL CA  C    sing N N 361 
VAL CA  CB   sing N N 362 
VAL CA  HA   sing N N 363 
VAL C   O    doub N N 364 
VAL C   OXT  sing N N 365 
VAL CB  CG1  sing N N 366 
VAL CB  CG2  sing N N 367 
VAL CB  HB   sing N N 368 
VAL CG1 HG11 sing N N 369 
VAL CG1 HG12 sing N N 370 
VAL CG1 HG13 sing N N 371 
VAL CG2 HG21 sing N N 372 
VAL CG2 HG22 sing N N 373 
VAL CG2 HG23 sing N N 374 
VAL OXT HXT  sing N N 375 
# 
_atom_sites.entry_id                    4QQO 
_atom_sites.fract_transf_matrix[1][1]   0.00452981 
_atom_sites.fract_transf_matrix[1][2]   -0.00324030 
_atom_sites.fract_transf_matrix[1][3]   0.01591574 
_atom_sites.fract_transf_matrix[2][1]   -0.00302065 
_atom_sites.fract_transf_matrix[2][2]   0.01134653 
_atom_sites.fract_transf_matrix[2][3]   0.01210202 
_atom_sites.fract_transf_matrix[3][1]   -0.01358079 
_atom_sites.fract_transf_matrix[3][2]   -0.00635754 
_atom_sites.fract_transf_matrix[3][3]   0.00257092 
_atom_sites.fract_transf_vector[1]      -0.468277 
_atom_sites.fract_transf_vector[2]      -0.272523 
_atom_sites.fract_transf_vector[3]      0.077606 
# 
loop_
_atom_type.symbol 
C  
CA 
MG 
N  
O  
S  
# 
loop_
_atom_site.group_PDB 
_atom_site.id 
_atom_site.type_symbol 
_atom_site.label_atom_id 
_atom_site.label_alt_id 
_atom_site.label_comp_id 
_atom_site.label_asym_id 
_atom_site.label_entity_id 
_atom_site.label_seq_id 
_atom_site.pdbx_PDB_ins_code 
_atom_site.Cartn_x 
_atom_site.Cartn_y 
_atom_site.Cartn_z 
_atom_site.occupancy 
_atom_site.B_iso_or_equiv 
_atom_site.pdbx_formal_charge 
_atom_site.auth_seq_id 
_atom_site.auth_comp_id 
_atom_site.auth_asym_id 
_atom_site.auth_atom_id 
_atom_site.pdbx_PDB_model_num 
ATOM   1    N  N   . LYS A 1 8   ? 18.911  6.781   -7.259  1.00 12.70 ? 8   LYS A N   1 
ATOM   2    C  CA  . LYS A 1 8   ? 17.859  6.016   -7.915  1.00 10.40 ? 8   LYS A CA  1 
ATOM   3    C  C   . LYS A 1 8   ? 16.983  5.293   -6.892  1.00 14.00 ? 8   LYS A C   1 
ATOM   4    O  O   . LYS A 1 8   ? 17.340  4.226   -6.394  1.00 13.54 ? 8   LYS A O   1 
ATOM   5    C  CB  . LYS A 1 8   ? 18.465  5.017   -8.901  1.00 16.76 ? 8   LYS A CB  1 
ATOM   6    C  CG  . LYS A 1 8   ? 19.161  5.676   -10.078 1.00 18.20 ? 8   LYS A CG  1 
ATOM   7    C  CD  . LYS A 1 8   ? 19.518  4.668   -11.155 1.00 13.32 ? 8   LYS A CD  1 
ATOM   8    C  CE  . LYS A 1 8   ? 20.307  5.325   -12.275 1.00 16.45 ? 8   LYS A CE  1 
ATOM   9    N  NZ  . LYS A 1 8   ? 20.096  6.797   -12.294 1.00 48.74 ? 8   LYS A NZ  1 
ATOM   10   N  N   . ILE A 1 9   ? 15.833  5.884   -6.579  1.00 14.07 ? 9   ILE A N   1 
ATOM   11   C  CA  . ILE A 1 9   ? 14.939  5.326   -5.570  1.00 8.62  ? 9   ILE A CA  1 
ATOM   12   C  C   . ILE A 1 9   ? 13.574  4.984   -6.159  1.00 6.42  ? 9   ILE A C   1 
ATOM   13   O  O   . ILE A 1 9   ? 12.850  5.863   -6.624  1.00 2.01  ? 9   ILE A O   1 
ATOM   14   C  CB  . ILE A 1 9   ? 14.744  6.295   -4.389  1.00 3.40  ? 9   ILE A CB  1 
ATOM   15   C  CG1 . ILE A 1 9   ? 16.099  6.760   -3.845  1.00 9.74  ? 9   ILE A CG1 1 
ATOM   16   C  CG2 . ILE A 1 9   ? 13.920  5.638   -3.300  1.00 8.12  ? 9   ILE A CG2 1 
ATOM   17   C  CD1 . ILE A 1 9   ? 15.994  7.800   -2.750  1.00 14.22 ? 9   ILE A CD1 1 
ATOM   18   N  N   . ALA A 1 10  ? 13.231  3.699   -6.126  1.00 4.39  ? 10  ALA A N   1 
ATOM   19   C  CA  . ALA A 1 10  ? 11.973  3.219   -6.681  1.00 5.61  ? 10  ALA A CA  1 
ATOM   20   C  C   . ALA A 1 10  ? 11.683  1.805   -6.199  1.00 8.44  ? 10  ALA A C   1 
ATOM   21   O  O   . ALA A 1 10  ? 12.589  0.974   -6.110  1.00 6.56  ? 10  ALA A O   1 
ATOM   22   C  CB  . ALA A 1 10  ? 12.010  3.264   -8.204  1.00 6.14  ? 10  ALA A CB  1 
ATOM   23   N  N   . PHE A 1 11  ? 10.421  1.525   -5.894  1.00 4.44  ? 11  PHE A N   1 
ATOM   24   C  CA  . PHE A 1 11  ? 10.048  0.181   -5.482  1.00 3.74  ? 11  PHE A CA  1 
ATOM   25   C  C   . PHE A 1 11  ? 8.678   -0.225  -6.007  1.00 5.06  ? 11  PHE A C   1 
ATOM   26   O  O   . PHE A 1 11  ? 7.870   0.612   -6.408  1.00 6.26  ? 11  PHE A O   1 
ATOM   27   C  CB  . PHE A 1 11  ? 10.077  0.051   -3.956  1.00 3.21  ? 11  PHE A CB  1 
ATOM   28   C  CG  . PHE A 1 11  ? 8.886   0.660   -3.266  1.00 4.27  ? 11  PHE A CG  1 
ATOM   29   C  CD1 . PHE A 1 11  ? 8.831   2.025   -3.025  1.00 6.19  ? 11  PHE A CD1 1 
ATOM   30   C  CD2 . PHE A 1 11  ? 7.833   -0.134  -2.842  1.00 4.01  ? 11  PHE A CD2 1 
ATOM   31   C  CE1 . PHE A 1 11  ? 7.739   2.586   -2.387  1.00 7.62  ? 11  PHE A CE1 1 
ATOM   32   C  CE2 . PHE A 1 11  ? 6.744   0.420   -2.205  1.00 3.88  ? 11  PHE A CE2 1 
ATOM   33   C  CZ  . PHE A 1 11  ? 6.695   1.783   -1.977  1.00 1.92  ? 11  PHE A CZ  1 
ATOM   34   N  N   . TYR A 1 12  ? 8.435   -1.528  -5.995  1.00 4.65  ? 12  TYR A N   1 
ATOM   35   C  CA  . TYR A 1 12  ? 7.165   -2.093  -6.420  1.00 5.05  ? 12  TYR A CA  1 
ATOM   36   C  C   . TYR A 1 12  ? 7.003   -3.465  -5.787  1.00 3.09  ? 12  TYR A C   1 
ATOM   37   O  O   . TYR A 1 12  ? 7.838   -4.349  -5.972  1.00 2.93  ? 12  TYR A O   1 
ATOM   38   C  CB  . TYR A 1 12  ? 7.087   -2.187  -7.948  1.00 8.74  ? 12  TYR A CB  1 
ATOM   39   C  CG  . TYR A 1 12  ? 5.899   -2.978  -8.449  1.00 2.66  ? 12  TYR A CG  1 
ATOM   40   C  CD1 . TYR A 1 12  ? 4.632   -2.779  -7.913  1.00 3.11  ? 12  TYR A CD1 1 
ATOM   41   C  CD2 . TYR A 1 12  ? 6.043   -3.919  -9.454  1.00 2.63  ? 12  TYR A CD2 1 
ATOM   42   C  CE1 . TYR A 1 12  ? 3.545   -3.503  -8.361  1.00 3.60  ? 12  TYR A CE1 1 
ATOM   43   C  CE2 . TYR A 1 12  ? 4.960   -4.644  -9.913  1.00 5.72  ? 12  TYR A CE2 1 
ATOM   44   C  CZ  . TYR A 1 12  ? 3.713   -4.431  -9.362  1.00 4.00  ? 12  TYR A CZ  1 
ATOM   45   O  OH  . TYR A 1 12  ? 2.634   -5.152  -9.814  1.00 6.61  ? 12  TYR A OH  1 
ATOM   46   N  N   . ALA A 1 13  ? 5.925   -3.632  -5.029  1.00 6.80  ? 13  ALA A N   1 
ATOM   47   C  CA  . ALA A 1 13  ? 5.668   -4.887  -4.339  1.00 6.65  ? 13  ALA A CA  1 
ATOM   48   C  C   . ALA A 1 13  ? 4.197   -5.258  -4.425  1.00 2.44  ? 13  ALA A C   1 
ATOM   49   O  O   . ALA A 1 13  ? 3.344   -4.398  -4.627  1.00 3.85  ? 13  ALA A O   1 
ATOM   50   C  CB  . ALA A 1 13  ? 6.110   -4.794  -2.882  1.00 1.56  ? 13  ALA A CB  1 
ATOM   51   N  N   . GLY A 1 14  ? 3.910   -6.548  -4.278  1.00 4.18  ? 14  GLY A N   1 
ATOM   52   C  CA  . GLY A 1 14  ? 2.541   -7.032  -4.267  1.00 3.25  ? 14  GLY A CA  1 
ATOM   53   C  C   . GLY A 1 14  ? 2.210   -7.759  -2.978  1.00 2.57  ? 14  GLY A C   1 
ATOM   54   O  O   . GLY A 1 14  ? 3.084   -8.002  -2.154  1.00 3.29  ? 14  GLY A O   1 
ATOM   55   N  N   . LEU A 1 15  ? 0.941   -8.112  -2.814  1.00 6.07  ? 15  LEU A N   1 
ATOM   56   C  CA  . LEU A 1 15  ? 0.457   -8.780  -1.611  1.00 4.96  ? 15  LEU A CA  1 
ATOM   57   C  C   . LEU A 1 15  ? 0.245   -10.270 -1.886  1.00 12.78 ? 15  LEU A C   1 
ATOM   58   O  O   . LEU A 1 15  ? -0.267  -10.630 -2.943  1.00 18.10 ? 15  LEU A O   1 
ATOM   59   C  CB  . LEU A 1 15  ? -0.847  -8.126  -1.146  1.00 3.88  ? 15  LEU A CB  1 
ATOM   60   C  CG  . LEU A 1 15  ? -1.389  -8.460  0.239   1.00 8.61  ? 15  LEU A CG  1 
ATOM   61   C  CD1 . LEU A 1 15  ? -0.607  -7.695  1.294   1.00 9.47  ? 15  LEU A CD1 1 
ATOM   62   C  CD2 . LEU A 1 15  ? -2.874  -8.141  0.329   1.00 12.94 ? 15  LEU A CD2 1 
ATOM   63   N  N   . LYS A 1 16  ? 0.624   -11.137 -0.949  1.00 7.80  ? 16  LYS A N   1 
ATOM   64   C  CA  . LYS A 1 16  ? 0.537   -12.577 -1.205  1.00 15.29 ? 16  LYS A CA  1 
ATOM   65   C  C   . LYS A 1 16  ? -0.663  -13.318 -0.614  1.00 21.49 ? 16  LYS A C   1 
ATOM   66   O  O   . LYS A 1 16  ? -1.274  -14.135 -1.300  1.00 43.48 ? 16  LYS A O   1 
ATOM   67   C  CB  . LYS A 1 16  ? 1.808   -13.275 -0.728  1.00 14.67 ? 16  LYS A CB  1 
ATOM   68   C  CG  . LYS A 1 16  ? 3.044   -12.868 -1.485  1.00 24.90 ? 16  LYS A CG  1 
ATOM   69   C  CD  . LYS A 1 16  ? 4.237   -13.644 -0.981  1.00 29.66 ? 16  LYS A CD  1 
ATOM   70   C  CE  . LYS A 1 16  ? 5.489   -13.288 -1.752  1.00 28.54 ? 16  LYS A CE  1 
ATOM   71   N  NZ  . LYS A 1 16  ? 6.649   -14.087 -1.291  1.00 34.62 ? 16  LYS A NZ  1 
ATOM   72   N  N   . ARG A 1 17  ? -0.987  -13.083 0.651   1.00 19.90 ? 17  ARG A N   1 
ATOM   73   C  CA  . ARG A 1 17  ? -2.069  -13.848 1.258   1.00 24.44 ? 17  ARG A CA  1 
ATOM   74   C  C   . ARG A 1 17  ? -3.296  -12.994 1.515   1.00 25.52 ? 17  ARG A C   1 
ATOM   75   O  O   . ARG A 1 17  ? -3.351  -11.811 1.159   1.00 23.44 ? 17  ARG A O   1 
ATOM   76   C  CB  . ARG A 1 17  ? -1.620  -14.506 2.569   1.00 37.79 ? 17  ARG A CB  1 
ATOM   77   C  CG  . ARG A 1 17  ? -0.603  -15.628 2.408   1.00 45.76 ? 17  ARG A CG  1 
ATOM   78   C  CD  . ARG A 1 17  ? -0.232  -16.247 3.749   1.00 54.19 ? 17  ARG A CD  1 
ATOM   79   N  NE  . ARG A 1 17  ? 0.419   -15.285 4.632   1.00 58.65 ? 17  ARG A NE  1 
ATOM   80   C  CZ  . ARG A 1 17  ? -0.205  -14.683 5.638   1.00 54.16 ? 17  ARG A CZ  1 
ATOM   81   N  NH1 . ARG A 1 17  ? -1.488  -14.937 5.865   1.00 41.36 ? 17  ARG A NH1 1 
ATOM   82   N  NH2 . ARG A 1 17  ? 0.442   -13.820 6.407   1.00 46.46 ? 17  ARG A NH2 1 
ATOM   83   N  N   . GLN A 1 18  ? -4.299  -13.613 2.120   1.00 19.09 ? 18  GLN A N   1 
ATOM   84   C  CA  . GLN A 1 18  ? -5.487  -12.881 2.493   1.00 18.20 ? 18  GLN A CA  1 
ATOM   85   C  C   . GLN A 1 18  ? -5.188  -11.996 3.693   1.00 17.43 ? 18  GLN A C   1 
ATOM   86   O  O   . GLN A 1 18  ? -4.561  -12.430 4.661   1.00 10.32 ? 18  GLN A O   1 
ATOM   87   C  CB  . GLN A 1 18  ? -6.638  -13.827 2.813   1.00 19.95 ? 18  GLN A CB  1 
ATOM   88   C  CG  . GLN A 1 18  ? -7.939  -13.460 2.125   1.00 33.89 ? 18  GLN A CG  1 
ATOM   89   C  CD  . GLN A 1 18  ? -7.887  -13.640 0.615   1.00 45.25 ? 18  GLN A CD  1 
ATOM   90   O  OE1 . GLN A 1 18  ? -6.987  -14.295 0.083   1.00 49.40 ? 18  GLN A OE1 1 
ATOM   91   N  NE2 . GLN A 1 18  ? -8.839  -13.026 -0.085  1.00 54.18 ? 18  GLN A NE2 1 
ATOM   92   N  N   . HIS A 1 19  ? -5.644  -10.752 3.627   1.00 9.26  ? 19  HIS A N   1 
ATOM   93   C  CA  . HIS A 1 19  ? -5.377  -9.803  4.689   1.00 10.15 ? 19  HIS A CA  1 
ATOM   94   C  C   . HIS A 1 19  ? -6.670  -9.172  5.211   1.00 6.60  ? 19  HIS A C   1 
ATOM   95   O  O   . HIS A 1 19  ? -7.568  -8.849  4.436   1.00 14.70 ? 19  HIS A O   1 
ATOM   96   C  CB  . HIS A 1 19  ? -4.390  -8.733  4.205   1.00 7.38  ? 19  HIS A CB  1 
ATOM   97   C  CG  . HIS A 1 19  ? -2.990  -9.239  4.048   1.00 7.28  ? 19  HIS A CG  1 
ATOM   98   N  ND1 . HIS A 1 19  ? -2.644  -10.207 3.126   1.00 12.87 ? 19  HIS A ND1 1 
ATOM   99   C  CD2 . HIS A 1 19  ? -1.852  -8.941  4.717   1.00 6.59  ? 19  HIS A CD2 1 
ATOM   100  C  CE1 . HIS A 1 19  ? -1.356  -10.467 3.225   1.00 14.11 ? 19  HIS A CE1 1 
ATOM   101  N  NE2 . HIS A 1 19  ? -0.849  -9.712  4.185   1.00 8.15  ? 19  HIS A NE2 1 
ATOM   102  N  N   . GLU A 1 20  ? -6.754  -9.001  6.530   1.00 4.88  ? 20  GLU A N   1 
ATOM   103  C  CA  . GLU A 1 20  ? -8.000  -8.566  7.171   1.00 10.76 ? 20  GLU A CA  1 
ATOM   104  C  C   . GLU A 1 20  ? -7.862  -8.026  8.598   1.00 6.37  ? 20  GLU A C   1 
ATOM   105  O  O   . GLU A 1 20  ? -7.151  -8.594  9.420   1.00 8.60  ? 20  GLU A O   1 
ATOM   106  C  CB  . GLU A 1 20  ? -9.006  -9.726  7.171   1.00 10.34 ? 20  GLU A CB  1 
ATOM   107  C  CG  . GLU A 1 20  ? -8.750  -10.818 8.206   1.00 10.11 ? 20  GLU A CG  1 
ATOM   108  C  CD  . GLU A 1 20  ? -7.506  -11.629 7.918   1.00 9.94  ? 20  GLU A CD  1 
ATOM   109  O  OE1 . GLU A 1 20  ? -7.333  -12.073 6.762   1.00 17.38 ? 20  GLU A OE1 1 
ATOM   110  O  OE2 . GLU A 1 20  ? -6.690  -11.799 8.844   1.00 15.93 ? 20  GLU A OE2 1 
ATOM   111  N  N   . GLY A 1 21  ? -8.587  -6.945  8.886   1.00 5.38  ? 21  GLY A N   1 
ATOM   112  C  CA  . GLY A 1 21  ? -8.568  -6.320  10.197  1.00 3.89  ? 21  GLY A CA  1 
ATOM   113  C  C   . GLY A 1 21  ? -7.654  -5.110  10.210  1.00 11.20 ? 21  GLY A C   1 
ATOM   114  O  O   . GLY A 1 21  ? -6.998  -4.821  9.206   1.00 7.52  ? 21  GLY A O   1 
ATOM   115  N  N   . TYR A 1 22  ? -7.605  -4.396  11.330  1.00 3.31  ? 22  TYR A N   1 
ATOM   116  C  CA  . TYR A 1 22  ? -6.687  -3.272  11.440  1.00 4.97  ? 22  TYR A CA  1 
ATOM   117  C  C   . TYR A 1 22  ? -5.251  -3.779  11.452  1.00 12.54 ? 22  TYR A C   1 
ATOM   118  O  O   . TYR A 1 22  ? -4.897  -4.607  12.295  1.00 9.52  ? 22  TYR A O   1 
ATOM   119  C  CB  . TYR A 1 22  ? -6.960  -2.440  12.696  1.00 9.59  ? 22  TYR A CB  1 
ATOM   120  C  CG  . TYR A 1 22  ? -6.016  -1.264  12.828  1.00 8.23  ? 22  TYR A CG  1 
ATOM   121  C  CD1 . TYR A 1 22  ? -6.359  -0.018  12.324  1.00 11.84 ? 22  TYR A CD1 1 
ATOM   122  C  CD2 . TYR A 1 22  ? -4.776  -1.403  13.439  1.00 11.84 ? 22  TYR A CD2 1 
ATOM   123  C  CE1 . TYR A 1 22  ? -5.500  1.054   12.431  1.00 11.93 ? 22  TYR A CE1 1 
ATOM   124  C  CE2 . TYR A 1 22  ? -3.909  -0.338  13.544  1.00 6.09  ? 22  TYR A CE2 1 
ATOM   125  C  CZ  . TYR A 1 22  ? -4.278  0.887   13.041  1.00 12.75 ? 22  TYR A CZ  1 
ATOM   126  O  OH  . TYR A 1 22  ? -3.420  1.955   13.150  1.00 23.33 ? 22  TYR A OH  1 
ATOM   127  N  N   . GLU A 1 23  ? -4.439  -3.301  10.507  1.00 11.21 ? 23  GLU A N   1 
ATOM   128  C  CA  . GLU A 1 23  ? -3.015  -3.638  10.442  1.00 12.63 ? 23  GLU A CA  1 
ATOM   129  C  C   . GLU A 1 23  ? -2.301  -2.936  9.298   1.00 11.84 ? 23  GLU A C   1 
ATOM   130  O  O   . GLU A 1 23  ? -2.919  -2.517  8.321   1.00 7.15  ? 23  GLU A O   1 
ATOM   131  C  CB  . GLU A 1 23  ? -2.805  -5.126  10.240  1.00 11.86 ? 23  GLU A CB  1 
ATOM   132  C  CG  . GLU A 1 23  ? -3.864  -5.754  9.390   1.00 16.82 ? 23  GLU A CG  1 
ATOM   133  C  CD  . GLU A 1 23  ? -3.615  -7.208  9.173   1.00 19.59 ? 23  GLU A CD  1 
ATOM   134  O  OE1 . GLU A 1 23  ? -2.457  -7.585  8.911   1.00 40.79 ? 23  GLU A OE1 1 
ATOM   135  O  OE2 . GLU A 1 23  ? -4.582  -7.986  9.242   1.00 23.01 ? 23  GLU A OE2 1 
ATOM   136  N  N   . VAL A 1 24  ? -0.982  -2.852  9.412   1.00 6.67  ? 24  VAL A N   1 
ATOM   137  C  CA  . VAL A 1 24  ? -0.139  -2.453  8.299   1.00 5.76  ? 24  VAL A CA  1 
ATOM   138  C  C   . VAL A 1 24  ? -0.121  -3.543  7.229   1.00 8.59  ? 24  VAL A C   1 
ATOM   139  O  O   . VAL A 1 24  ? 0.203   -4.696  7.514   1.00 27.36 ? 24  VAL A O   1 
ATOM   140  C  CB  . VAL A 1 24  ? 1.298   -2.174  8.774   1.00 6.72  ? 24  VAL A CB  1 
ATOM   141  C  CG1 . VAL A 1 24  ? 2.201   -1.846  7.591   1.00 12.66 ? 24  VAL A CG1 1 
ATOM   142  C  CG2 . VAL A 1 24  ? 1.304   -1.049  9.804   1.00 8.03  ? 24  VAL A CG2 1 
ATOM   143  N  N   . LEU A 1 25  ? -0.483  -3.182  6.002   1.00 8.16  ? 25  LEU A N   1 
ATOM   144  C  CA  . LEU A 1 25  ? -0.409  -4.113  4.880   1.00 8.65  ? 25  LEU A CA  1 
ATOM   145  C  C   . LEU A 1 25  ? 1.039   -4.313  4.458   1.00 5.09  ? 25  LEU A C   1 
ATOM   146  O  O   . LEU A 1 25  ? 1.653   -3.414  3.885   1.00 9.14  ? 25  LEU A O   1 
ATOM   147  C  CB  . LEU A 1 25  ? -1.234  -3.613  3.688   1.00 6.73  ? 25  LEU A CB  1 
ATOM   148  C  CG  . LEU A 1 25  ? -2.750  -3.808  3.685   1.00 8.80  ? 25  LEU A CG  1 
ATOM   149  C  CD1 . LEU A 1 25  ? -3.350  -3.155  2.455   1.00 6.23  ? 25  LEU A CD1 1 
ATOM   150  C  CD2 . LEU A 1 25  ? -3.103  -5.287  3.724   1.00 5.08  ? 25  LEU A CD2 1 
ATOM   151  N  N   . LYS A 1 26  ? 1.582   -5.490  4.749   1.00 9.86  ? 26  LYS A N   1 
ATOM   152  C  CA  . LYS A 1 26  ? 2.942   -5.825  4.345   1.00 5.61  ? 26  LYS A CA  1 
ATOM   153  C  C   . LYS A 1 26  ? 2.957   -6.462  2.959   1.00 5.52  ? 26  LYS A C   1 
ATOM   154  O  O   . LYS A 1 26  ? 2.560   -7.617  2.791   1.00 17.82 ? 26  LYS A O   1 
ATOM   155  C  CB  . LYS A 1 26  ? 3.593   -6.769  5.358   1.00 9.22  ? 26  LYS A CB  1 
ATOM   156  C  CG  . LYS A 1 26  ? 3.843   -6.164  6.727   1.00 5.70  ? 26  LYS A CG  1 
ATOM   157  C  CD  . LYS A 1 26  ? 4.642   -7.122  7.598   1.00 8.42  ? 26  LYS A CD  1 
ATOM   158  C  CE  . LYS A 1 26  ? 4.577   -6.737  9.065   1.00 8.14  ? 26  LYS A CE  1 
ATOM   159  N  NZ  . LYS A 1 26  ? 3.289   -7.134  9.692   1.00 33.31 ? 26  LYS A NZ  1 
ATOM   160  N  N   . PHE A 1 27  ? 3.412   -5.709  1.965   1.00 7.96  ? 27  PHE A N   1 
ATOM   161  C  CA  . PHE A 1 27  ? 3.532   -6.241  0.616   1.00 5.23  ? 27  PHE A CA  1 
ATOM   162  C  C   . PHE A 1 27  ? 4.846   -7.013  0.509   1.00 10.38 ? 27  PHE A C   1 
ATOM   163  O  O   . PHE A 1 27  ? 5.924   -6.424  0.433   1.00 6.53  ? 27  PHE A O   1 
ATOM   164  C  CB  . PHE A 1 27  ? 3.450   -5.115  -0.419  1.00 5.78  ? 27  PHE A CB  1 
ATOM   165  C  CG  . PHE A 1 27  ? 2.164   -4.329  -0.354  1.00 4.06  ? 27  PHE A CG  1 
ATOM   166  C  CD1 . PHE A 1 27  ? 2.013   -3.294  0.556   1.00 3.09  ? 27  PHE A CD1 1 
ATOM   167  C  CD2 . PHE A 1 27  ? 1.107   -4.636  -1.196  1.00 1.47  ? 27  PHE A CD2 1 
ATOM   168  C  CE1 . PHE A 1 27  ? 0.831   -2.578  0.623   1.00 2.84  ? 27  PHE A CE1 1 
ATOM   169  C  CE2 . PHE A 1 27  ? -0.073  -3.922  -1.139  1.00 2.57  ? 27  PHE A CE2 1 
ATOM   170  C  CZ  . PHE A 1 27  ? -0.212  -2.891  -0.227  1.00 2.74  ? 27  PHE A CZ  1 
ATOM   171  N  N   . ASP A 1 28  ? 4.728   -8.340  0.507   1.00 18.19 ? 28  ASP A N   1 
ATOM   172  C  CA  . ASP A 1 28  ? 5.862   -9.246  0.691   1.00 12.98 ? 28  ASP A CA  1 
ATOM   173  C  C   . ASP A 1 28  ? 6.381   -9.764  -0.660  1.00 13.12 ? 28  ASP A C   1 
ATOM   174  O  O   . ASP A 1 28  ? 7.468   -10.332 -0.747  1.00 12.75 ? 28  ASP A O   1 
ATOM   175  C  CB  . ASP A 1 28  ? 5.438   -10.394 1.635   1.00 24.26 ? 28  ASP A CB  1 
ATOM   176  C  CG  . ASP A 1 28  ? 6.384   -11.585 1.608   1.00 38.68 ? 28  ASP A CG  1 
ATOM   177  O  OD1 . ASP A 1 28  ? 7.615   -11.390 1.711   1.00 49.73 ? 28  ASP A OD1 1 
ATOM   178  O  OD2 . ASP A 1 28  ? 5.888   -12.728 1.524   1.00 48.22 ? 28  ASP A OD2 1 
ATOM   179  N  N   . ASP A 1 29  ? 5.617   -9.524  -1.722  1.00 12.86 ? 29  ASP A N   1 
ATOM   180  C  CA  . ASP A 1 29  ? 6.043   -9.890  -3.073  1.00 11.13 ? 29  ASP A CA  1 
ATOM   181  C  C   . ASP A 1 29  ? 6.762   -8.726  -3.757  1.00 6.85  ? 29  ASP A C   1 
ATOM   182  O  O   . ASP A 1 29  ? 6.190   -8.046  -4.605  1.00 5.77  ? 29  ASP A O   1 
ATOM   183  C  CB  . ASP A 1 29  ? 4.846   -10.328 -3.924  1.00 14.12 ? 29  ASP A CB  1 
ATOM   184  C  CG  . ASP A 1 29  ? 5.258   -11.148 -5.135  1.00 16.17 ? 29  ASP A CG  1 
ATOM   185  O  OD1 . ASP A 1 29  ? 6.473   -11.311 -5.361  1.00 11.84 ? 29  ASP A OD1 1 
ATOM   186  O  OD2 . ASP A 1 29  ? 4.368   -11.619 -5.872  1.00 16.49 ? 29  ASP A OD2 1 
ATOM   187  N  N   . VAL A 1 30  ? 8.024   -8.512  -3.404  1.00 11.51 ? 30  VAL A N   1 
ATOM   188  C  CA  . VAL A 1 30  ? 8.765   -7.353  -3.894  1.00 11.25 ? 30  VAL A CA  1 
ATOM   189  C  C   . VAL A 1 30  ? 9.388   -7.582  -5.271  1.00 6.86  ? 30  VAL A C   1 
ATOM   190  O  O   . VAL A 1 30  ? 10.239  -8.454  -5.448  1.00 7.94  ? 30  VAL A O   1 
ATOM   191  C  CB  . VAL A 1 30  ? 9.868   -6.955  -2.907  1.00 5.06  ? 30  VAL A CB  1 
ATOM   192  C  CG1 . VAL A 1 30  ? 10.443  -5.595  -3.279  1.00 6.25  ? 30  VAL A CG1 1 
ATOM   193  C  CG2 . VAL A 1 30  ? 9.310   -6.929  -1.495  1.00 4.92  ? 30  VAL A CG2 1 
ATOM   194  N  N   . VAL A 1 31  ? 8.965   -6.777  -6.240  1.00 4.45  ? 31  VAL A N   1 
ATOM   195  C  CA  . VAL A 1 31  ? 9.450   -6.892  -7.612  1.00 4.12  ? 31  VAL A CA  1 
ATOM   196  C  C   . VAL A 1 31  ? 10.623  -5.949  -7.865  1.00 3.73  ? 31  VAL A C   1 
ATOM   197  O  O   . VAL A 1 31  ? 11.646  -6.340  -8.426  1.00 8.88  ? 31  VAL A O   1 
ATOM   198  C  CB  . VAL A 1 31  ? 8.329   -6.587  -8.627  1.00 4.16  ? 31  VAL A CB  1 
ATOM   199  C  CG1 . VAL A 1 31  ? 8.869   -6.599  -10.052 1.00 3.70  ? 31  VAL A CG1 1 
ATOM   200  C  CG2 . VAL A 1 31  ? 7.183   -7.581  -8.465  1.00 1.09  ? 31  VAL A CG2 1 
ATOM   201  N  N   . THR A 1 32  ? 10.461  -4.702  -7.443  1.00 5.02  ? 32  THR A N   1 
ATOM   202  C  CA  . THR A 1 32  ? 11.473  -3.680  -7.650  1.00 3.79  ? 32  THR A CA  1 
ATOM   203  C  C   . THR A 1 32  ? 11.761  -3.009  -6.314  1.00 4.07  ? 32  THR A C   1 
ATOM   204  O  O   . THR A 1 32  ? 10.851  -2.820  -5.510  1.00 5.77  ? 32  THR A O   1 
ATOM   205  C  CB  . THR A 1 32  ? 11.010  -2.647  -8.693  1.00 2.97  ? 32  THR A CB  1 
ATOM   206  O  OG1 . THR A 1 32  ? 10.612  -3.330  -9.888  1.00 3.44  ? 32  THR A OG1 1 
ATOM   207  C  CG2 . THR A 1 32  ? 12.122  -1.655  -9.023  1.00 5.19  ? 32  THR A CG2 1 
ATOM   208  N  N   . ASN A 1 33  ? 13.023  -2.669  -6.067  1.00 5.41  ? 33  ASN A N   1 
ATOM   209  C  CA  . ASN A 1 33  ? 13.415  -2.108  -4.780  1.00 7.10  ? 33  ASN A CA  1 
ATOM   210  C  C   . ASN A 1 33  ? 14.800  -1.467  -4.823  1.00 9.69  ? 33  ASN A C   1 
ATOM   211  O  O   . ASN A 1 33  ? 15.684  -1.840  -4.058  1.00 9.00  ? 33  ASN A O   1 
ATOM   212  C  CB  . ASN A 1 33  ? 13.372  -3.195  -3.703  1.00 5.08  ? 33  ASN A CB  1 
ATOM   213  C  CG  . ASN A 1 33  ? 13.315  -2.627  -2.295  1.00 13.55 ? 33  ASN A CG  1 
ATOM   214  O  OD1 . ASN A 1 33  ? 13.143  -1.422  -2.106  1.00 9.62  ? 33  ASN A OD1 1 
ATOM   215  N  ND2 . ASN A 1 33  ? 13.457  -3.497  -1.299  1.00 10.18 ? 33  ASN A ND2 1 
ATOM   216  N  N   . LEU A 1 34  ? 14.980  -0.495  -5.713  1.00 3.53  ? 34  LEU A N   1 
ATOM   217  C  CA  . LEU A 1 34  ? 16.262  0.191   -5.847  1.00 14.35 ? 34  LEU A CA  1 
ATOM   218  C  C   . LEU A 1 34  ? 16.651  0.887   -4.547  1.00 8.16  ? 34  LEU A C   1 
ATOM   219  O  O   . LEU A 1 34  ? 15.880  1.677   -4.000  1.00 9.47  ? 34  LEU A O   1 
ATOM   220  C  CB  . LEU A 1 34  ? 16.217  1.211   -6.988  1.00 12.00 ? 34  LEU A CB  1 
ATOM   221  C  CG  . LEU A 1 34  ? 15.468  0.862   -8.276  1.00 6.53  ? 34  LEU A CG  1 
ATOM   222  C  CD1 . LEU A 1 34  ? 15.583  2.021   -9.253  1.00 4.94  ? 34  LEU A CD1 1 
ATOM   223  C  CD2 . LEU A 1 34  ? 15.982  -0.430  -8.903  1.00 5.40  ? 34  LEU A CD2 1 
ATOM   224  N  N   . GLY A 1 35  ? 17.847  0.583   -4.053  1.00 5.95  ? 35  GLY A N   1 
ATOM   225  C  CA  . GLY A 1 35  ? 18.332  1.165   -2.814  1.00 6.74  ? 35  GLY A CA  1 
ATOM   226  C  C   . GLY A 1 35  ? 17.869  0.412   -1.582  1.00 9.82  ? 35  GLY A C   1 
ATOM   227  O  O   . GLY A 1 35  ? 18.257  0.752   -0.464  1.00 5.10  ? 35  GLY A O   1 
ATOM   228  N  N   . ASN A 1 36  ? 17.033  -0.604  -1.789  1.00 8.14  ? 36  ASN A N   1 
ATOM   229  C  CA  . ASN A 1 36  ? 16.500  -1.431  -0.707  1.00 9.52  ? 36  ASN A CA  1 
ATOM   230  C  C   . ASN A 1 36  ? 15.836  -0.620  0.405   1.00 7.75  ? 36  ASN A C   1 
ATOM   231  O  O   . ASN A 1 36  ? 16.088  -0.859  1.585   1.00 13.04 ? 36  ASN A O   1 
ATOM   232  C  CB  . ASN A 1 36  ? 17.612  -2.309  -0.116  1.00 8.77  ? 36  ASN A CB  1 
ATOM   233  C  CG  . ASN A 1 36  ? 17.073  -3.555  0.571   1.00 11.03 ? 36  ASN A CG  1 
ATOM   234  O  OD1 . ASN A 1 36  ? 17.392  -3.836  1.724   1.00 10.12 ? 36  ASN A OD1 1 
ATOM   235  N  ND2 . ASN A 1 36  ? 16.225  -4.287  -0.130  1.00 12.09 ? 36  ASN A ND2 1 
ATOM   236  N  N   . HIS A 1 37  ? 14.984  0.330   0.032   1.00 5.91  ? 37  HIS A N   1 
ATOM   237  C  CA  . HIS A 1 37  ? 14.366  1.211   1.019   1.00 6.39  ? 37  HIS A CA  1 
ATOM   238  C  C   . HIS A 1 37  ? 12.977  0.736   1.429   1.00 5.47  ? 37  HIS A C   1 
ATOM   239  O  O   . HIS A 1 37  ? 12.396  1.249   2.384   1.00 5.69  ? 37  HIS A O   1 
ATOM   240  C  CB  . HIS A 1 37  ? 14.300  2.645   0.486   1.00 4.49  ? 37  HIS A CB  1 
ATOM   241  C  CG  . HIS A 1 37  ? 15.642  3.230   0.178   1.00 4.81  ? 37  HIS A CG  1 
ATOM   242  N  ND1 . HIS A 1 37  ? 16.010  3.623   -1.092  1.00 6.99  ? 37  HIS A ND1 1 
ATOM   243  C  CD2 . HIS A 1 37  ? 16.710  3.477   0.971   1.00 8.48  ? 37  HIS A CD2 1 
ATOM   244  C  CE1 . HIS A 1 37  ? 17.245  4.092   -1.065  1.00 4.76  ? 37  HIS A CE1 1 
ATOM   245  N  NE2 . HIS A 1 37  ? 17.693  4.015   0.175   1.00 9.05  ? 37  HIS A NE2 1 
ATOM   246  N  N   . TYR A 1 38  ? 12.443  -0.247  0.713   1.00 7.28  ? 38  TYR A N   1 
ATOM   247  C  CA  . TYR A 1 38  ? 11.190  -0.861  1.131   1.00 7.29  ? 38  TYR A CA  1 
ATOM   248  C  C   . TYR A 1 38  ? 11.456  -2.162  1.888   1.00 4.76  ? 38  TYR A C   1 
ATOM   249  O  O   . TYR A 1 38  ? 12.158  -3.046  1.398   1.00 7.13  ? 38  TYR A O   1 
ATOM   250  C  CB  . TYR A 1 38  ? 10.272  -1.127  -0.063  1.00 5.16  ? 38  TYR A CB  1 
ATOM   251  C  CG  . TYR A 1 38  ? 9.040   -1.905  0.332   1.00 6.31  ? 38  TYR A CG  1 
ATOM   252  C  CD1 . TYR A 1 38  ? 8.002   -1.290  1.017   1.00 4.81  ? 38  TYR A CD1 1 
ATOM   253  C  CD2 . TYR A 1 38  ? 8.926   -3.258  0.047   1.00 2.83  ? 38  TYR A CD2 1 
ATOM   254  C  CE1 . TYR A 1 38  ? 6.879   -1.996  1.397   1.00 5.68  ? 38  TYR A CE1 1 
ATOM   255  C  CE2 . TYR A 1 38  ? 7.809   -3.973  0.419   1.00 7.63  ? 38  TYR A CE2 1 
ATOM   256  C  CZ  . TYR A 1 38  ? 6.789   -3.336  1.094   1.00 4.87  ? 38  TYR A CZ  1 
ATOM   257  O  OH  . TYR A 1 38  ? 5.677   -4.043  1.473   1.00 10.36 ? 38  TYR A OH  1 
ATOM   258  N  N   . ASP A 1 39  ? 10.886  -2.265  3.085   1.00 6.97  ? 39  ASP A N   1 
ATOM   259  C  CA  . ASP A 1 39  ? 11.067  -3.433  3.941   1.00 9.29  ? 39  ASP A CA  1 
ATOM   260  C  C   . ASP A 1 39  ? 9.760   -4.215  4.063   1.00 4.97  ? 39  ASP A C   1 
ATOM   261  O  O   . ASP A 1 39  ? 8.839   -3.775  4.743   1.00 7.27  ? 39  ASP A O   1 
ATOM   262  C  CB  . ASP A 1 39  ? 11.561  -3.000  5.328   1.00 6.18  ? 39  ASP A CB  1 
ATOM   263  C  CG  . ASP A 1 39  ? 12.068  -4.164  6.170   1.00 9.65  ? 39  ASP A CG  1 
ATOM   264  O  OD1 . ASP A 1 39  ? 12.884  -3.920  7.084   1.00 17.25 ? 39  ASP A OD1 1 
ATOM   265  O  OD2 . ASP A 1 39  ? 11.663  -5.317  5.926   1.00 9.16  ? 39  ASP A OD2 1 
ATOM   266  N  N   . PRO A 1 40  ? 9.683   -5.387  3.409   1.00 4.76  ? 40  PRO A N   1 
ATOM   267  C  CA  . PRO A 1 40  ? 8.483   -6.235  3.447   1.00 5.32  ? 40  PRO A CA  1 
ATOM   268  C  C   . PRO A 1 40  ? 8.211   -6.856  4.819   1.00 5.35  ? 40  PRO A C   1 
ATOM   269  O  O   . PRO A 1 40  ? 7.113   -7.363  5.045   1.00 7.32  ? 40  PRO A O   1 
ATOM   270  C  CB  . PRO A 1 40  ? 8.793   -7.324  2.415   1.00 5.63  ? 40  PRO A CB  1 
ATOM   271  C  CG  . PRO A 1 40  ? 10.281  -7.382  2.370   1.00 5.49  ? 40  PRO A CG  1 
ATOM   272  C  CD  . PRO A 1 40  ? 10.736  -5.966  2.559   1.00 3.57  ? 40  PRO A CD  1 
ATOM   273  N  N   . THR A 1 41  ? 9.193   -6.825  5.714   1.00 6.51  ? 41  THR A N   1 
ATOM   274  C  CA  . THR A 1 41  ? 8.997   -7.338  7.065   1.00 7.81  ? 41  THR A CA  1 
ATOM   275  C  C   . THR A 1 41  ? 8.257   -6.316  7.918   1.00 9.17  ? 41  THR A C   1 
ATOM   276  O  O   . THR A 1 41  ? 7.745   -6.636  8.991   1.00 18.22 ? 41  THR A O   1 
ATOM   277  C  CB  . THR A 1 41  ? 10.333  -7.700  7.749   1.00 7.75  ? 41  THR A CB  1 
ATOM   278  O  OG1 . THR A 1 41  ? 11.169  -6.540  7.823   1.00 14.50 ? 41  THR A OG1 1 
ATOM   279  C  CG2 . THR A 1 41  ? 11.055  -8.788  6.975   1.00 15.95 ? 41  THR A CG2 1 
ATOM   280  N  N   . THR A 1 42  ? 8.211   -5.080  7.435   1.00 9.57  ? 42  THR A N   1 
ATOM   281  C  CA  . THR A 1 42  ? 7.462   -4.021  8.093   1.00 7.85  ? 42  THR A CA  1 
ATOM   282  C  C   . THR A 1 42  ? 6.359   -3.525  7.168   1.00 12.17 ? 42  THR A C   1 
ATOM   283  O  O   . THR A 1 42  ? 5.333   -3.018  7.623   1.00 10.12 ? 42  THR A O   1 
ATOM   284  C  CB  . THR A 1 42  ? 8.368   -2.836  8.483   1.00 10.74 ? 42  THR A CB  1 
ATOM   285  O  OG1 . THR A 1 42  ? 8.853   -2.197  7.296   1.00 11.61 ? 42  THR A OG1 1 
ATOM   286  C  CG2 . THR A 1 42  ? 9.547   -3.309  9.314   1.00 4.81  ? 42  THR A CG2 1 
ATOM   287  N  N   . GLY A 1 43  ? 6.582   -3.678  5.865   1.00 8.97  ? 43  GLY A N   1 
ATOM   288  C  CA  . GLY A 1 43  ? 5.659   -3.178  4.862   1.00 4.33  ? 43  GLY A CA  1 
ATOM   289  C  C   . GLY A 1 43  ? 5.848   -1.694  4.616   1.00 4.80  ? 43  GLY A C   1 
ATOM   290  O  O   . GLY A 1 43  ? 5.034   -1.058  3.947   1.00 1.82  ? 43  GLY A O   1 
ATOM   291  N  N   . LYS A 1 44  ? 6.933   -1.141  5.150   1.00 9.37  ? 44  LYS A N   1 
ATOM   292  C  CA  . LYS A 1 44  ? 7.160   0.302   5.113   1.00 8.58  ? 44  LYS A CA  1 
ATOM   293  C  C   . LYS A 1 44  ? 8.293   0.723   4.180   1.00 7.50  ? 44  LYS A C   1 
ATOM   294  O  O   . LYS A 1 44  ? 9.303   0.031   4.051   1.00 6.37  ? 44  LYS A O   1 
ATOM   295  C  CB  . LYS A 1 44  ? 7.457   0.826   6.522   1.00 8.96  ? 44  LYS A CB  1 
ATOM   296  C  CG  . LYS A 1 44  ? 6.263   0.832   7.460   1.00 11.70 ? 44  LYS A CG  1 
ATOM   297  C  CD  . LYS A 1 44  ? 6.615   1.496   8.781   1.00 18.86 ? 44  LYS A CD  1 
ATOM   298  C  CE  . LYS A 1 44  ? 5.604   1.152   9.863   1.00 22.10 ? 44  LYS A CE  1 
ATOM   299  N  NZ  . LYS A 1 44  ? 5.233   2.338   10.679  1.00 21.82 ? 44  LYS A NZ  1 
ATOM   300  N  N   . PHE A 1 45  ? 8.111   1.873   3.536   1.00 5.57  ? 45  PHE A N   1 
ATOM   301  C  CA  . PHE A 1 45  ? 9.173   2.519   2.775   1.00 5.12  ? 45  PHE A CA  1 
ATOM   302  C  C   . PHE A 1 45  ? 9.834   3.576   3.651   1.00 6.05  ? 45  PHE A C   1 
ATOM   303  O  O   . PHE A 1 45  ? 9.154   4.436   4.203   1.00 4.51  ? 45  PHE A O   1 
ATOM   304  C  CB  . PHE A 1 45  ? 8.620   3.147   1.490   1.00 4.67  ? 45  PHE A CB  1 
ATOM   305  C  CG  . PHE A 1 45  ? 9.584   4.079   0.797   1.00 3.92  ? 45  PHE A CG  1 
ATOM   306  C  CD1 . PHE A 1 45  ? 10.480  3.596   -0.143  1.00 6.78  ? 45  PHE A CD1 1 
ATOM   307  C  CD2 . PHE A 1 45  ? 9.583   5.440   1.074   1.00 4.50  ? 45  PHE A CD2 1 
ATOM   308  C  CE1 . PHE A 1 45  ? 11.365  4.450   -0.784  1.00 5.35  ? 45  PHE A CE1 1 
ATOM   309  C  CE2 . PHE A 1 45  ? 10.466  6.297   0.438   1.00 6.29  ? 45  PHE A CE2 1 
ATOM   310  C  CZ  . PHE A 1 45  ? 11.357  5.801   -0.492  1.00 11.02 ? 45  PHE A CZ  1 
ATOM   311  N  N   . THR A 1 46  ? 11.155  3.514   3.780   1.00 5.65  ? 46  THR A N   1 
ATOM   312  C  CA  . THR A 1 46  ? 11.875  4.510   4.566   1.00 4.16  ? 46  THR A CA  1 
ATOM   313  C  C   . THR A 1 46  ? 12.622  5.499   3.680   1.00 7.70  ? 46  THR A C   1 
ATOM   314  O  O   . THR A 1 46  ? 13.438  5.111   2.840   1.00 9.92  ? 46  THR A O   1 
ATOM   315  C  CB  . THR A 1 46  ? 12.875  3.856   5.535   1.00 4.21  ? 46  THR A CB  1 
ATOM   316  O  OG1 . THR A 1 46  ? 12.161  3.176   6.572   1.00 4.36  ? 46  THR A OG1 1 
ATOM   317  C  CG2 . THR A 1 46  ? 13.767  4.911   6.168   1.00 4.45  ? 46  THR A CG2 1 
ATOM   318  N  N   . CYS A 1 47  ? 12.337  6.783   3.876   1.00 8.32  ? 47  CYS A N   1 
ATOM   319  C  CA  . CYS A 1 47  ? 13.022  7.842   3.150   1.00 8.07  ? 47  CYS A CA  1 
ATOM   320  C  C   . CYS A 1 47  ? 14.477  7.978   3.594   1.00 9.76  ? 47  CYS A C   1 
ATOM   321  O  O   . CYS A 1 47  ? 14.766  8.110   4.786   1.00 7.01  ? 47  CYS A O   1 
ATOM   322  C  CB  . CYS A 1 47  ? 12.295  9.171   3.340   1.00 5.80  ? 47  CYS A CB  1 
ATOM   323  S  SG  . CYS A 1 47  ? 13.208  10.588  2.725   1.00 7.10  ? 47  CYS A SG  1 
ATOM   324  N  N   . SER A 1 48  ? 15.384  7.943   2.624   1.00 7.73  ? 48  SER A N   1 
ATOM   325  C  CA  . SER A 1 48  ? 16.810  8.098   2.883   1.00 15.52 ? 48  SER A CA  1 
ATOM   326  C  C   . SER A 1 48  ? 17.277  9.478   2.448   1.00 9.54  ? 48  SER A C   1 
ATOM   327  O  O   . SER A 1 48  ? 18.202  10.048  3.024   1.00 6.94  ? 48  SER A O   1 
ATOM   328  C  CB  . SER A 1 48  ? 17.610  7.029   2.143   1.00 13.59 ? 48  SER A CB  1 
ATOM   329  O  OG  . SER A 1 48  ? 17.452  7.179   0.741   1.00 9.68  ? 48  SER A OG  1 
ATOM   330  N  N   . ILE A 1 49  ? 16.616  9.999   1.420   1.00 11.18 ? 49  ILE A N   1 
ATOM   331  C  CA  . ILE A 1 49  ? 16.976  11.266  0.800   1.00 9.86  ? 49  ILE A CA  1 
ATOM   332  C  C   . ILE A 1 49  ? 15.812  12.240  0.877   1.00 9.94  ? 49  ILE A C   1 
ATOM   333  O  O   . ILE A 1 49  ? 14.708  11.919  0.447   1.00 7.93  ? 49  ILE A O   1 
ATOM   334  C  CB  . ILE A 1 49  ? 17.377  11.074  -0.685  1.00 13.44 ? 49  ILE A CB  1 
ATOM   335  C  CG1 . ILE A 1 49  ? 18.464  10.002  -0.818  1.00 15.72 ? 49  ILE A CG1 1 
ATOM   336  C  CG2 . ILE A 1 49  ? 17.799  12.393  -1.311  1.00 21.39 ? 49  ILE A CG2 1 
ATOM   337  C  CD1 . ILE A 1 49  ? 18.913  9.744   -2.249  1.00 42.08 ? 49  ILE A CD1 1 
ATOM   338  N  N   . PRO A 1 50  ? 16.054  13.437  1.427   1.00 8.96  ? 50  PRO A N   1 
ATOM   339  C  CA  . PRO A 1 50  ? 14.995  14.447  1.470   1.00 8.83  ? 50  PRO A CA  1 
ATOM   340  C  C   . PRO A 1 50  ? 14.574  14.831  0.059   1.00 6.55  ? 50  PRO A C   1 
ATOM   341  O  O   . PRO A 1 50  ? 15.433  15.111  -0.777  1.00 11.34 ? 50  PRO A O   1 
ATOM   342  C  CB  . PRO A 1 50  ? 15.655  15.621  2.195   1.00 18.43 ? 50  PRO A CB  1 
ATOM   343  C  CG  . PRO A 1 50  ? 17.120  15.444  1.946   1.00 10.01 ? 50  PRO A CG  1 
ATOM   344  C  CD  . PRO A 1 50  ? 17.342  13.960  1.916   1.00 14.43 ? 50  PRO A CD  1 
ATOM   345  N  N   . GLY A 1 51  ? 13.274  14.820  -0.212  1.00 5.27  ? 51  GLY A N   1 
ATOM   346  C  CA  . GLY A 1 51  ? 12.798  15.156  -1.540  1.00 5.45  ? 51  GLY A CA  1 
ATOM   347  C  C   . GLY A 1 51  ? 11.326  14.898  -1.773  1.00 6.61  ? 51  GLY A C   1 
ATOM   348  O  O   . GLY A 1 51  ? 10.568  14.662  -0.832  1.00 7.64  ? 51  GLY A O   1 
ATOM   349  N  N   . ILE A 1 52  ? 10.927  14.942  -3.041  1.00 3.42  ? 52  ILE A N   1 
ATOM   350  C  CA  . ILE A 1 52  ? 9.531   14.801  -3.429  1.00 2.26  ? 52  ILE A CA  1 
ATOM   351  C  C   . ILE A 1 52  ? 9.273   13.415  -4.011  1.00 5.00  ? 52  ILE A C   1 
ATOM   352  O  O   . ILE A 1 52  ? 9.981   12.966  -4.914  1.00 3.71  ? 52  ILE A O   1 
ATOM   353  C  CB  . ILE A 1 52  ? 9.130   15.877  -4.448  1.00 4.48  ? 52  ILE A CB  1 
ATOM   354  C  CG1 . ILE A 1 52  ? 9.436   17.265  -3.888  1.00 6.97  ? 52  ILE A CG1 1 
ATOM   355  C  CG2 . ILE A 1 52  ? 7.658   15.769  -4.796  1.00 1.14  ? 52  ILE A CG2 1 
ATOM   356  C  CD1 . ILE A 1 52  ? 8.591   17.634  -2.695  1.00 3.66  ? 52  ILE A CD1 1 
ATOM   357  N  N   . TYR A 1 53  ? 8.257   12.742  -3.481  1.00 4.81  ? 53  TYR A N   1 
ATOM   358  C  CA  . TYR A 1 53  ? 8.016   11.341  -3.799  1.00 5.20  ? 53  TYR A CA  1 
ATOM   359  C  C   . TYR A 1 53  ? 6.595   11.095  -4.289  1.00 6.71  ? 53  TYR A C   1 
ATOM   360  O  O   . TYR A 1 53  ? 5.644   11.686  -3.784  1.00 5.20  ? 53  TYR A O   1 
ATOM   361  C  CB  . TYR A 1 53  ? 8.291   10.467  -2.570  1.00 4.60  ? 53  TYR A CB  1 
ATOM   362  C  CG  . TYR A 1 53  ? 9.742   10.419  -2.131  1.00 4.31  ? 53  TYR A CG  1 
ATOM   363  C  CD1 . TYR A 1 53  ? 10.333  11.497  -1.486  1.00 3.25  ? 53  TYR A CD1 1 
ATOM   364  C  CD2 . TYR A 1 53  ? 10.509  9.282   -2.339  1.00 4.04  ? 53  TYR A CD2 1 
ATOM   365  C  CE1 . TYR A 1 53  ? 11.650  11.450  -1.078  1.00 2.32  ? 53  TYR A CE1 1 
ATOM   366  C  CE2 . TYR A 1 53  ? 11.822  9.225   -1.932  1.00 6.92  ? 53  TYR A CE2 1 
ATOM   367  C  CZ  . TYR A 1 53  ? 12.390  10.313  -1.303  1.00 12.41 ? 53  TYR A CZ  1 
ATOM   368  O  OH  . TYR A 1 53  ? 13.703  10.258  -0.900  1.00 6.74  ? 53  TYR A OH  1 
ATOM   369  N  N   . PHE A 1 54  ? 6.466   10.223  -5.285  1.00 6.06  ? 54  PHE A N   1 
ATOM   370  C  CA  . PHE A 1 54  ? 5.169   9.737   -5.740  1.00 5.13  ? 54  PHE A CA  1 
ATOM   371  C  C   . PHE A 1 54  ? 4.928   8.353   -5.154  1.00 1.72  ? 54  PHE A C   1 
ATOM   372  O  O   . PHE A 1 54  ? 5.842   7.540   -5.105  1.00 3.33  ? 54  PHE A O   1 
ATOM   373  C  CB  . PHE A 1 54  ? 5.115   9.694   -7.273  1.00 2.55  ? 54  PHE A CB  1 
ATOM   374  C  CG  . PHE A 1 54  ? 3.858   9.075   -7.831  1.00 5.79  ? 54  PHE A CG  1 
ATOM   375  C  CD1 . PHE A 1 54  ? 2.692   9.822   -7.951  1.00 5.74  ? 54  PHE A CD1 1 
ATOM   376  C  CD2 . PHE A 1 54  ? 3.848   7.755   -8.263  1.00 2.42  ? 54  PHE A CD2 1 
ATOM   377  C  CE1 . PHE A 1 54  ? 1.535   9.259   -8.476  1.00 2.22  ? 54  PHE A CE1 1 
ATOM   378  C  CE2 . PHE A 1 54  ? 2.698   7.185   -8.792  1.00 3.34  ? 54  PHE A CE2 1 
ATOM   379  C  CZ  . PHE A 1 54  ? 1.540   7.938   -8.899  1.00 4.40  ? 54  PHE A CZ  1 
ATOM   380  N  N   . PHE A 1 55  ? 3.706   8.100   -4.692  1.00 4.19  ? 55  PHE A N   1 
ATOM   381  C  CA  . PHE A 1 55  ? 3.302   6.775   -4.217  1.00 2.53  ? 55  PHE A CA  1 
ATOM   382  C  C   . PHE A 1 55  ? 1.934   6.409   -4.775  1.00 3.35  ? 55  PHE A C   1 
ATOM   383  O  O   . PHE A 1 55  ? 1.092   7.280   -4.985  1.00 6.55  ? 55  PHE A O   1 
ATOM   384  C  CB  . PHE A 1 55  ? 3.243   6.716   -2.685  1.00 5.03  ? 55  PHE A CB  1 
ATOM   385  C  CG  . PHE A 1 55  ? 4.578   6.825   -2.008  1.00 2.90  ? 55  PHE A CG  1 
ATOM   386  C  CD1 . PHE A 1 55  ? 5.037   8.048   -1.548  1.00 1.86  ? 55  PHE A CD1 1 
ATOM   387  C  CD2 . PHE A 1 55  ? 5.362   5.699   -1.805  1.00 2.44  ? 55  PHE A CD2 1 
ATOM   388  C  CE1 . PHE A 1 55  ? 6.262   8.150   -0.913  1.00 2.78  ? 55  PHE A CE1 1 
ATOM   389  C  CE2 . PHE A 1 55  ? 6.587   5.794   -1.173  1.00 3.94  ? 55  PHE A CE2 1 
ATOM   390  C  CZ  . PHE A 1 55  ? 7.038   7.022   -0.727  1.00 3.61  ? 55  PHE A CZ  1 
ATOM   391  N  N   . THR A 1 56  ? 1.704   5.120   -4.997  1.00 4.46  ? 56  THR A N   1 
ATOM   392  C  CA  . THR A 1 56  ? 0.388   4.655   -5.421  1.00 7.07  ? 56  THR A CA  1 
ATOM   393  C  C   . THR A 1 56  ? 0.139   3.234   -4.924  1.00 8.13  ? 56  THR A C   1 
ATOM   394  O  O   . THR A 1 56  ? 1.076   2.451   -4.737  1.00 4.19  ? 56  THR A O   1 
ATOM   395  C  CB  . THR A 1 56  ? 0.227   4.714   -6.961  1.00 5.45  ? 56  THR A CB  1 
ATOM   396  O  OG1 . THR A 1 56  ? -1.141  4.471   -7.320  1.00 4.52  ? 56  THR A OG1 1 
ATOM   397  C  CG2 . THR A 1 56  ? 1.121   3.692   -7.640  1.00 5.37  ? 56  THR A CG2 1 
ATOM   398  N  N   . TYR A 1 57  ? -1.126  2.905   -4.691  1.00 3.38  ? 57  TYR A N   1 
ATOM   399  C  CA  . TYR A 1 57  ? -1.467  1.568   -4.235  1.00 3.12  ? 57  TYR A CA  1 
ATOM   400  C  C   . TYR A 1 57  ? -2.805  1.103   -4.790  1.00 3.75  ? 57  TYR A C   1 
ATOM   401  O  O   . TYR A 1 57  ? -3.720  1.895   -4.995  1.00 4.25  ? 57  TYR A O   1 
ATOM   402  C  CB  . TYR A 1 57  ? -1.474  1.509   -2.705  1.00 1.04  ? 57  TYR A CB  1 
ATOM   403  C  CG  . TYR A 1 57  ? -2.508  2.387   -2.033  1.00 3.80  ? 57  TYR A CG  1 
ATOM   404  C  CD1 . TYR A 1 57  ? -2.273  3.739   -1.827  1.00 3.03  ? 57  TYR A CD1 1 
ATOM   405  C  CD2 . TYR A 1 57  ? -3.709  1.855   -1.584  1.00 1.14  ? 57  TYR A CD2 1 
ATOM   406  C  CE1 . TYR A 1 57  ? -3.210  4.538   -1.205  1.00 3.52  ? 57  TYR A CE1 1 
ATOM   407  C  CE2 . TYR A 1 57  ? -4.651  2.644   -0.962  1.00 2.23  ? 57  TYR A CE2 1 
ATOM   408  C  CZ  . TYR A 1 57  ? -4.397  3.984   -0.774  1.00 4.80  ? 57  TYR A CZ  1 
ATOM   409  O  OH  . TYR A 1 57  ? -5.334  4.774   -0.152  1.00 7.84  ? 57  TYR A OH  1 
ATOM   410  N  N   . HIS A 1 58  ? -2.892  -0.195  -5.053  1.00 3.76  ? 58  HIS A N   1 
ATOM   411  C  CA  . HIS A 1 58  ? -4.120  -0.820  -5.517  1.00 6.46  ? 58  HIS A CA  1 
ATOM   412  C  C   . HIS A 1 58  ? -4.397  -2.025  -4.635  1.00 3.45  ? 58  HIS A C   1 
ATOM   413  O  O   . HIS A 1 58  ? -3.620  -2.969  -4.631  1.00 9.71  ? 58  HIS A O   1 
ATOM   414  C  CB  . HIS A 1 58  ? -4.002  -1.248  -6.981  1.00 2.48  ? 58  HIS A CB  1 
ATOM   415  C  CG  . HIS A 1 58  ? -3.581  -0.148  -7.906  1.00 4.14  ? 58  HIS A CG  1 
ATOM   416  N  ND1 . HIS A 1 58  ? -4.461  0.494   -8.750  1.00 7.02  ? 58  HIS A ND1 1 
ATOM   417  C  CD2 . HIS A 1 58  ? -2.369  0.415   -8.128  1.00 3.88  ? 58  HIS A CD2 1 
ATOM   418  C  CE1 . HIS A 1 58  ? -3.810  1.406   -9.452  1.00 3.86  ? 58  HIS A CE1 1 
ATOM   419  N  NE2 . HIS A 1 58  ? -2.541  1.382   -9.090  1.00 7.44  ? 58  HIS A NE2 1 
ATOM   420  N  N   . VAL A 1 59  ? -5.488  -1.996  -3.879  1.00 7.36  ? 59  VAL A N   1 
ATOM   421  C  CA  . VAL A 1 59  ? -5.799  -3.102  -2.981  1.00 3.40  ? 59  VAL A CA  1 
ATOM   422  C  C   . VAL A 1 59  ? -7.108  -3.782  -3.363  1.00 7.03  ? 59  VAL A C   1 
ATOM   423  O  O   . VAL A 1 59  ? -8.167  -3.161  -3.361  1.00 4.98  ? 59  VAL A O   1 
ATOM   424  C  CB  . VAL A 1 59  ? -5.877  -2.638  -1.519  1.00 9.19  ? 59  VAL A CB  1 
ATOM   425  C  CG1 . VAL A 1 59  ? -6.124  -3.830  -0.602  1.00 5.17  ? 59  VAL A CG1 1 
ATOM   426  C  CG2 . VAL A 1 59  ? -4.594  -1.919  -1.123  1.00 3.85  ? 59  VAL A CG2 1 
ATOM   427  N  N   . LEU A 1 60  ? -7.021  -5.067  -3.691  1.00 6.01  ? 60  LEU A N   1 
ATOM   428  C  CA  . LEU A 1 60  ? -8.187  -5.842  -4.096  1.00 10.80 ? 60  LEU A CA  1 
ATOM   429  C  C   . LEU A 1 60  ? -8.982  -6.323  -2.886  1.00 9.20  ? 60  LEU A C   1 
ATOM   430  O  O   . LEU A 1 60  ? -8.416  -6.848  -1.930  1.00 8.78  ? 60  LEU A O   1 
ATOM   431  C  CB  . LEU A 1 60  ? -7.757  -7.036  -4.952  1.00 10.69 ? 60  LEU A CB  1 
ATOM   432  C  CG  . LEU A 1 60  ? -8.843  -8.033  -5.360  1.00 14.47 ? 60  LEU A CG  1 
ATOM   433  C  CD1 . LEU A 1 60  ? -9.852  -7.372  -6.279  1.00 8.73  ? 60  LEU A CD1 1 
ATOM   434  C  CD2 . LEU A 1 60  ? -8.225  -9.250  -6.031  1.00 15.00 ? 60  LEU A CD2 1 
ATOM   435  N  N   . MET A 1 61  ? -10.297 -6.145  -2.937  1.00 9.75  ? 61  MET A N   1 
ATOM   436  C  CA  . MET A 1 61  ? -11.157 -6.562  -1.839  1.00 14.19 ? 61  MET A CA  1 
ATOM   437  C  C   . MET A 1 61  ? -12.086 -7.694  -2.267  1.00 21.87 ? 61  MET A C   1 
ATOM   438  O  O   . MET A 1 61  ? -12.582 -7.706  -3.391  1.00 22.25 ? 61  MET A O   1 
ATOM   439  C  CB  . MET A 1 61  ? -11.977 -5.381  -1.322  1.00 8.29  ? 61  MET A CB  1 
ATOM   440  C  CG  . MET A 1 61  ? -13.113 -5.770  -0.395  1.00 24.42 ? 61  MET A CG  1 
ATOM   441  S  SD  . MET A 1 61  ? -14.499 -4.633  -0.485  1.00 29.54 ? 61  MET A SD  1 
ATOM   442  C  CE  . MET A 1 61  ? -15.095 -4.981  -2.138  1.00 27.25 ? 61  MET A CE  1 
ATOM   443  N  N   . ARG A 1 62  ? -12.310 -8.644  -1.361  1.00 36.25 ? 62  ARG A N   1 
ATOM   444  C  CA  A ARG A 1 62  ? -13.208 -9.765  -1.614  0.25 44.25 ? 62  ARG A CA  1 
ATOM   445  C  CA  B ARG A 1 62  ? -13.212 -9.764  -1.609  0.75 44.41 ? 62  ARG A CA  1 
ATOM   446  C  C   . ARG A 1 62  ? -14.649 -9.407  -1.243  1.00 31.55 ? 62  ARG A C   1 
ATOM   447  O  O   . ARG A 1 62  ? -14.882 -8.624  -0.327  1.00 35.33 ? 62  ARG A O   1 
ATOM   448  C  CB  A ARG A 1 62  ? -12.748 -11.001 -0.832  0.25 50.12 ? 62  ARG A CB  1 
ATOM   449  C  CB  B ARG A 1 62  ? -12.762 -10.995 -0.816  0.75 50.29 ? 62  ARG A CB  1 
ATOM   450  C  CG  A ARG A 1 62  ? -13.502 -12.278 -1.170  0.25 53.66 ? 62  ARG A CG  1 
ATOM   451  C  CG  B ARG A 1 62  ? -13.594 -12.247 -1.071  0.75 53.74 ? 62  ARG A CG  1 
ATOM   452  C  CD  A ARG A 1 62  ? -13.098 -13.432 -0.259  0.25 56.42 ? 62  ARG A CD  1 
ATOM   453  C  CD  B ARG A 1 62  ? -13.097 -13.420 -0.241  0.75 56.66 ? 62  ARG A CD  1 
ATOM   454  N  NE  A ARG A 1 62  ? -11.880 -14.103 -0.705  0.25 55.01 ? 62  ARG A NE  1 
ATOM   455  N  NE  B ARG A 1 62  ? -14.121 -14.448 -0.079  0.75 50.32 ? 62  ARG A NE  1 
ATOM   456  C  CZ  A ARG A 1 62  ? -11.309 -15.118 -0.064  0.25 55.03 ? 62  ARG A CZ  1 
ATOM   457  C  CZ  B ARG A 1 62  ? -13.942 -15.578 0.597   0.75 55.55 ? 62  ARG A CZ  1 
ATOM   458  N  NH1 A ARG A 1 62  ? -11.839 -15.575 1.064   0.25 54.59 ? 62  ARG A NH1 1 
ATOM   459  N  NH1 B ARG A 1 62  ? -12.775 -15.831 1.174   0.75 62.46 ? 62  ARG A NH1 1 
ATOM   460  N  NH2 A ARG A 1 62  ? -10.203 -15.674 -0.543  0.25 53.35 ? 62  ARG A NH2 1 
ATOM   461  N  NH2 B ARG A 1 62  ? -14.930 -16.457 0.693   0.75 58.73 ? 62  ARG A NH2 1 
ATOM   462  N  N   . GLY A 1 63  ? -15.609 -9.980  -1.967  1.00 57.28 ? 63  GLY A N   1 
ATOM   463  C  CA  . GLY A 1 63  ? -17.019 -9.794  -1.667  1.00 60.40 ? 63  GLY A CA  1 
ATOM   464  C  C   . GLY A 1 63  ? -17.517 -10.906 -0.764  1.00 47.32 ? 63  GLY A C   1 
ATOM   465  O  O   . GLY A 1 63  ? -16.955 -12.000 -0.763  1.00 61.47 ? 63  GLY A O   1 
ATOM   466  N  N   . GLY A 1 64  ? -18.573 -10.644 -0.001  1.00 58.22 ? 64  GLY A N   1 
ATOM   467  C  CA  . GLY A 1 64  ? -18.997 -11.581 1.024   1.00 77.37 ? 64  GLY A CA  1 
ATOM   468  C  C   . GLY A 1 64  ? -18.009 -11.475 2.168   1.00 71.04 ? 64  GLY A C   1 
ATOM   469  O  O   . GLY A 1 64  ? -17.172 -12.353 2.358   1.00 72.29 ? 64  GLY A O   1 
ATOM   470  N  N   . ASP A 1 65  ? -18.117 -10.399 2.942   1.00 62.78 ? 65  ASP A N   1 
ATOM   471  C  CA  . ASP A 1 65  ? -17.033 -9.967  3.817   1.00 64.42 ? 65  ASP A CA  1 
ATOM   472  C  C   . ASP A 1 65  ? -17.508 -8.939  4.839   1.00 60.14 ? 65  ASP A C   1 
ATOM   473  O  O   . ASP A 1 65  ? -16.792 -7.979  5.144   1.00 53.72 ? 65  ASP A O   1 
ATOM   474  C  CB  . ASP A 1 65  ? -15.925 -9.363  2.959   1.00 53.69 ? 65  ASP A CB  1 
ATOM   475  C  CG  . ASP A 1 65  ? -16.422 -8.164  2.133   1.00 51.19 ? 65  ASP A CG  1 
ATOM   476  O  OD1 . ASP A 1 65  ? -17.477 -8.274  1.470   1.00 49.23 ? 65  ASP A OD1 1 
ATOM   477  O  OD2 . ASP A 1 65  ? -15.770 -7.102  2.140   1.00 40.65 ? 65  ASP A OD2 1 
ATOM   478  N  N   . GLY A 1 66  ? -18.707 -9.144  5.374   1.00 59.00 ? 66  GLY A N   1 
ATOM   479  C  CA  . GLY A 1 66  ? -19.475 -8.019  5.869   1.00 60.33 ? 66  GLY A CA  1 
ATOM   480  C  C   . GLY A 1 66  ? -19.638 -7.278  4.561   1.00 58.83 ? 66  GLY A C   1 
ATOM   481  O  O   . GLY A 1 66  ? -20.269 -7.817  3.656   1.00 61.84 ? 66  GLY A O   1 
ATOM   482  N  N   . THR A 1 67  ? -19.085 -6.068  4.471   1.00 40.14 ? 67  THR A N   1 
ATOM   483  C  CA  . THR A 1 67  ? -18.591 -5.462  3.220   1.00 48.76 ? 67  THR A CA  1 
ATOM   484  C  C   . THR A 1 67  ? -18.157 -4.017  3.401   1.00 34.77 ? 67  THR A C   1 
ATOM   485  O  O   . THR A 1 67  ? -18.926 -3.094  3.125   1.00 46.81 ? 67  THR A O   1 
ATOM   486  C  CB  . THR A 1 67  ? -19.596 -5.440  2.039   1.00 61.91 ? 67  THR A CB  1 
ATOM   487  O  OG1 . THR A 1 67  ? -20.355 -6.653  1.969   1.00 65.88 ? 67  THR A OG1 1 
ATOM   488  C  CG2 . THR A 1 67  ? -18.827 -5.258  0.749   1.00 41.20 ? 67  THR A CG2 1 
ATOM   489  N  N   . SER A 1 68  ? -16.923 -3.824  3.852   1.00 29.80 ? 68  SER A N   1 
ATOM   490  C  CA  . SER A 1 68  ? -16.274 -2.521  3.769   1.00 20.65 ? 68  SER A CA  1 
ATOM   491  C  C   . SER A 1 68  ? -14.793 -2.668  4.091   1.00 30.15 ? 68  SER A C   1 
ATOM   492  O  O   . SER A 1 68  ? -14.420 -3.113  5.178   1.00 19.33 ? 68  SER A O   1 
ATOM   493  C  CB  . SER A 1 68  ? -16.924 -1.505  4.708   1.00 25.52 ? 68  SER A CB  1 
ATOM   494  O  OG  . SER A 1 68  ? -16.461 -0.201  4.417   1.00 22.34 ? 68  SER A OG  1 
ATOM   495  N  N   . MET A 1 69  ? -13.950 -2.313  3.130   1.00 17.67 ? 69  MET A N   1 
ATOM   496  C  CA  A MET A 1 69  ? -12.511 -2.408  3.314   0.82 15.50 ? 69  MET A CA  1 
ATOM   497  C  CA  B MET A 1 69  ? -12.508 -2.414  3.303   0.18 15.67 ? 69  MET A CA  1 
ATOM   498  C  C   . MET A 1 69  ? -11.853 -1.049  3.121   1.00 12.01 ? 69  MET A C   1 
ATOM   499  O  O   . MET A 1 69  ? -12.064 -0.383  2.108   1.00 14.99 ? 69  MET A O   1 
ATOM   500  C  CB  A MET A 1 69  ? -11.909 -3.427  2.346   0.82 17.98 ? 69  MET A CB  1 
ATOM   501  C  CB  B MET A 1 69  ? -11.924 -3.431  2.318   0.18 17.96 ? 69  MET A CB  1 
ATOM   502  C  CG  A MET A 1 69  ? -10.463 -3.767  2.647   0.82 13.40 ? 69  MET A CG  1 
ATOM   503  C  CG  B MET A 1 69  ? -10.455 -3.767  2.540   0.18 13.51 ? 69  MET A CG  1 
ATOM   504  S  SD  A MET A 1 69  ? -9.595  -4.458  1.231   0.82 11.55 ? 69  MET A SD  1 
ATOM   505  S  SD  B MET A 1 69  ? -9.316  -2.647  1.702   0.18 8.91  ? 69  MET A SD  1 
ATOM   506  C  CE  A MET A 1 69  ? -9.611  -3.048  0.127   0.82 12.07 ? 69  MET A CE  1 
ATOM   507  C  CE  B MET A 1 69  ? -9.674  -3.010  -0.012  0.18 11.99 ? 69  MET A CE  1 
ATOM   508  N  N   . TRP A 1 70  ? -11.063 -0.641  4.107   1.00 13.44 ? 70  TRP A N   1 
ATOM   509  C  CA  . TRP A 1 70  ? -10.326 0.612   4.044   1.00 7.99  ? 70  TRP A CA  1 
ATOM   510  C  C   . TRP A 1 70  ? -8.838  0.344   3.887   1.00 9.69  ? 70  TRP A C   1 
ATOM   511  O  O   . TRP A 1 70  ? -8.278  -0.507  4.573   1.00 11.82 ? 70  TRP A O   1 
ATOM   512  C  CB  . TRP A 1 70  ? -10.558 1.455   5.301   1.00 16.21 ? 70  TRP A CB  1 
ATOM   513  C  CG  . TRP A 1 70  ? -11.952 1.986   5.488   1.00 13.68 ? 70  TRP A CG  1 
ATOM   514  C  CD1 . TRP A 1 70  ? -12.411 3.216   5.123   1.00 12.73 ? 70  TRP A CD1 1 
ATOM   515  C  CD2 . TRP A 1 70  ? -13.054 1.317   6.119   1.00 14.96 ? 70  TRP A CD2 1 
ATOM   516  N  NE1 . TRP A 1 70  ? -13.733 3.351   5.473   1.00 11.97 ? 70  TRP A NE1 1 
ATOM   517  C  CE2 . TRP A 1 70  ? -14.149 2.202   6.084   1.00 18.76 ? 70  TRP A CE2 1 
ATOM   518  C  CE3 . TRP A 1 70  ? -13.219 0.057   6.697   1.00 15.50 ? 70  TRP A CE3 1 
ATOM   519  C  CZ2 . TRP A 1 70  ? -15.397 1.862   6.611   1.00 27.86 ? 70  TRP A CZ2 1 
ATOM   520  C  CZ3 . TRP A 1 70  ? -14.456 -0.277  7.220   1.00 25.98 ? 70  TRP A CZ3 1 
ATOM   521  C  CH2 . TRP A 1 70  ? -15.528 0.623   7.175   1.00 32.15 ? 70  TRP A CH2 1 
ATOM   522  N  N   . ALA A 1 71  ? -8.200  1.075   2.981   1.00 8.94  ? 71  ALA A N   1 
ATOM   523  C  CA  . ALA A 1 71  ? -6.753  1.017   2.824   1.00 7.10  ? 71  ALA A CA  1 
ATOM   524  C  C   . ALA A 1 71  ? -6.215  2.436   2.709   1.00 6.53  ? 71  ALA A C   1 
ATOM   525  O  O   . ALA A 1 71  ? -6.494  3.134   1.733   1.00 10.15 ? 71  ALA A O   1 
ATOM   526  C  CB  . ALA A 1 71  ? -6.372  0.193   1.606   1.00 5.93  ? 71  ALA A CB  1 
ATOM   527  N  N   . ASP A 1 72  ? -5.459  2.864   3.714   1.00 3.45  ? 72  ASP A N   1 
ATOM   528  C  CA  . ASP A 1 72  ? -4.951  4.230   3.756   1.00 8.71  ? 72  ASP A CA  1 
ATOM   529  C  C   . ASP A 1 72  ? -3.436  4.275   3.649   1.00 6.03  ? 72  ASP A C   1 
ATOM   530  O  O   . ASP A 1 72  ? -2.732  3.534   4.333   1.00 5.58  ? 72  ASP A O   1 
ATOM   531  C  CB  . ASP A 1 72  ? -5.380  4.936   5.044   1.00 5.13  ? 72  ASP A CB  1 
ATOM   532  C  CG  . ASP A 1 72  ? -6.882  5.041   5.182   1.00 4.68  ? 72  ASP A CG  1 
ATOM   533  O  OD1 . ASP A 1 72  ? -7.591  4.862   4.172   1.00 8.16  ? 72  ASP A OD1 1 
ATOM   534  O  OD2 . ASP A 1 72  ? -7.353  5.319   6.303   1.00 14.46 ? 72  ASP A OD2 1 
ATOM   535  N  N   . LEU A 1 73  ? -2.939  5.154   2.789   1.00 5.20  ? 73  LEU A N   1 
ATOM   536  C  CA  . LEU A 1 73  ? -1.515  5.421   2.743   1.00 4.43  ? 73  LEU A CA  1 
ATOM   537  C  C   . LEU A 1 73  ? -1.150  6.357   3.885   1.00 5.17  ? 73  LEU A C   1 
ATOM   538  O  O   . LEU A 1 73  ? -1.766  7.409   4.062   1.00 3.17  ? 73  LEU A O   1 
ATOM   539  C  CB  . LEU A 1 73  ? -1.107  6.026   1.400   1.00 3.75  ? 73  LEU A CB  1 
ATOM   540  C  CG  . LEU A 1 73  ? 0.384   6.342   1.252   1.00 2.70  ? 73  LEU A CG  1 
ATOM   541  C  CD1 . LEU A 1 73  ? 0.875   5.888   -0.111  1.00 5.24  ? 73  LEU A CD1 1 
ATOM   542  C  CD2 . LEU A 1 73  ? 0.654   7.826   1.449   1.00 3.88  ? 73  LEU A CD2 1 
ATOM   543  N  N   . CYS A 1 74  ? -0.146  5.968   4.661   1.00 7.07  ? 74  CYS A N   1 
ATOM   544  C  CA  . CYS A 1 74  ? 0.289   6.767   5.795   1.00 9.42  ? 74  CYS A CA  1 
ATOM   545  C  C   . CYS A 1 74  ? 1.720   7.238   5.634   1.00 7.93  ? 74  CYS A C   1 
ATOM   546  O  O   . CYS A 1 74  ? 2.571   6.517   5.120   1.00 3.01  ? 74  CYS A O   1 
ATOM   547  C  CB  . CYS A 1 74  ? 0.155   5.972   7.095   1.00 9.68  ? 74  CYS A CB  1 
ATOM   548  S  SG  . CYS A 1 74  ? -1.530  5.506   7.504   1.00 8.53  ? 74  CYS A SG  1 
ATOM   549  N  N   . LYS A 1 75  ? 1.970   8.467   6.061   1.00 4.61  ? 75  LYS A N   1 
ATOM   550  C  CA  . LYS A 1 75  ? 3.327   8.955   6.216   1.00 9.80  ? 75  LYS A CA  1 
ATOM   551  C  C   . LYS A 1 75  ? 3.558   9.044   7.715   1.00 9.33  ? 75  LYS A C   1 
ATOM   552  O  O   . LYS A 1 75  ? 2.987   9.908   8.381   1.00 7.44  ? 75  LYS A O   1 
ATOM   553  C  CB  . LYS A 1 75  ? 3.511   10.304  5.526   1.00 8.33  ? 75  LYS A CB  1 
ATOM   554  C  CG  . LYS A 1 75  ? 4.779   11.049  5.890   1.00 11.13 ? 75  LYS A CG  1 
ATOM   555  C  CD  . LYS A 1 75  ? 4.862   12.346  5.113   1.00 29.18 ? 75  LYS A CD  1 
ATOM   556  C  CE  . LYS A 1 75  ? 5.963   13.243  5.636   1.00 22.27 ? 75  LYS A CE  1 
ATOM   557  N  NZ  . LYS A 1 75  ? 5.510   14.657  5.699   1.00 14.55 ? 75  LYS A NZ  1 
ATOM   558  N  N   . ASN A 1 76  ? 4.380   8.136   8.239   1.00 8.73  ? 76  ASN A N   1 
ATOM   559  C  CA  . ASN A 1 76  ? 4.477   7.904   9.677   1.00 7.02  ? 76  ASN A CA  1 
ATOM   560  C  C   . ASN A 1 76  ? 3.093   7.656   10.270  1.00 7.05  ? 76  ASN A C   1 
ATOM   561  O  O   . ASN A 1 76  ? 2.418   6.706   9.878   1.00 9.29  ? 76  ASN A O   1 
ATOM   562  C  CB  . ASN A 1 76  ? 5.174   9.065   10.383  1.00 7.05  ? 76  ASN A CB  1 
ATOM   563  C  CG  . ASN A 1 76  ? 6.577   9.308   9.856   1.00 9.99  ? 76  ASN A CG  1 
ATOM   564  O  OD1 . ASN A 1 76  ? 7.377   8.380   9.745   1.00 5.97  ? 76  ASN A OD1 1 
ATOM   565  N  ND2 . ASN A 1 76  ? 6.885   10.561  9.537   1.00 11.58 ? 76  ASN A ND2 1 
ATOM   566  N  N   . ASN A 1 77  ? 2.663   8.501   11.201  1.00 5.67  ? 77  ASN A N   1 
ATOM   567  C  CA  . ASN A 1 77  ? 1.359   8.308   11.827  1.00 8.54  ? 77  ASN A CA  1 
ATOM   568  C  C   . ASN A 1 77  ? 0.256   9.187   11.242  1.00 7.85  ? 77  ASN A C   1 
ATOM   569  O  O   . ASN A 1 77  ? -0.797  9.344   11.856  1.00 8.40  ? 77  ASN A O   1 
ATOM   570  C  CB  . ASN A 1 77  ? 1.448   8.548   13.333  1.00 13.78 ? 77  ASN A CB  1 
ATOM   571  C  CG  . ASN A 1 77  ? 2.003   7.351   14.084  1.00 9.58  ? 77  ASN A CG  1 
ATOM   572  O  OD1 . ASN A 1 77  ? 1.897   6.212   13.629  1.00 15.51 ? 77  ASN A OD1 1 
ATOM   573  N  ND2 . ASN A 1 77  ? 2.580   7.603   15.251  1.00 7.74  ? 77  ASN A ND2 1 
ATOM   574  N  N   . GLN A 1 78  ? 0.481   9.739   10.053  1.00 6.73  ? 78  GLN A N   1 
ATOM   575  C  CA  . GLN A 1 78  ? -0.490  10.649  9.447   1.00 14.54 ? 78  GLN A CA  1 
ATOM   576  C  C   . GLN A 1 78  ? -1.137  10.077  8.189   1.00 6.60  ? 78  GLN A C   1 
ATOM   577  O  O   . GLN A 1 78  ? -0.450  9.629   7.273   1.00 4.74  ? 78  GLN A O   1 
ATOM   578  C  CB  . GLN A 1 78  ? 0.174   11.981  9.108   1.00 15.93 ? 78  GLN A CB  1 
ATOM   579  C  CG  . GLN A 1 78  ? 1.189   12.458  10.132  1.00 41.10 ? 78  GLN A CG  1 
ATOM   580  C  CD  . GLN A 1 78  ? 1.594   13.903  9.914   1.00 49.45 ? 78  GLN A CD  1 
ATOM   581  O  OE1 . GLN A 1 78  ? 1.272   14.780  10.717  1.00 51.65 ? 78  GLN A OE1 1 
ATOM   582  N  NE2 . GLN A 1 78  ? 2.291   14.160  8.812   1.00 31.29 ? 78  GLN A NE2 1 
ATOM   583  N  N   . VAL A 1 79  ? -2.467  10.107  8.150   1.00 13.62 ? 79  VAL A N   1 
ATOM   584  C  CA  . VAL A 1 79  ? -3.209  9.726   6.955   1.00 8.17  ? 79  VAL A CA  1 
ATOM   585  C  C   . VAL A 1 79  ? -3.012  10.773  5.865   1.00 8.81  ? 79  VAL A C   1 
ATOM   586  O  O   . VAL A 1 79  ? -3.359  11.942  6.052   1.00 15.66 ? 79  VAL A O   1 
ATOM   587  C  CB  . VAL A 1 79  ? -4.722  9.587   7.232   1.00 7.48  ? 79  VAL A CB  1 
ATOM   588  C  CG1 . VAL A 1 79  ? -5.441  9.059   6.002   1.00 4.66  ? 79  VAL A CG1 1 
ATOM   589  C  CG2 . VAL A 1 79  ? -4.975  8.694   8.429   1.00 14.69 ? 79  VAL A CG2 1 
ATOM   590  N  N   . ARG A 1 80  ? -2.452  10.365  4.730   1.00 9.19  ? 80  ARG A N   1 
ATOM   591  C  CA  . ARG A 1 80  ? -2.219  11.301  3.635   1.00 5.28  ? 80  ARG A CA  1 
ATOM   592  C  C   . ARG A 1 80  ? -3.067  10.942  2.423   1.00 3.40  ? 80  ARG A C   1 
ATOM   593  O  O   . ARG A 1 80  ? -3.190  11.728  1.487   1.00 11.51 ? 80  ARG A O   1 
ATOM   594  C  CB  . ARG A 1 80  ? -0.735  11.341  3.253   1.00 4.18  ? 80  ARG A CB  1 
ATOM   595  C  CG  . ARG A 1 80  ? 0.219   11.659  4.404   1.00 6.46  ? 80  ARG A CG  1 
ATOM   596  C  CD  . ARG A 1 80  ? -0.321  12.740  5.329   1.00 12.71 ? 80  ARG A CD  1 
ATOM   597  N  NE  . ARG A 1 80  ? -0.153  14.088  4.801   1.00 15.49 ? 80  ARG A NE  1 
ATOM   598  C  CZ  . ARG A 1 80  ? -1.016  15.077  5.008   1.00 15.56 ? 80  ARG A CZ  1 
ATOM   599  N  NH1 . ARG A 1 80  ? -2.111  14.862  5.723   1.00 12.81 ? 80  ARG A NH1 1 
ATOM   600  N  NH2 . ARG A 1 80  ? -0.788  16.281  4.500   1.00 14.46 ? 80  ARG A NH2 1 
ATOM   601  N  N   . ALA A 1 81  ? -3.648  9.748   2.446   1.00 7.02  ? 81  ALA A N   1 
ATOM   602  C  CA  . ALA A 1 81  ? -4.573  9.318   1.404   1.00 5.06  ? 81  ALA A CA  1 
ATOM   603  C  C   . ALA A 1 81  ? -5.454  8.204   1.927   1.00 5.14  ? 81  ALA A C   1 
ATOM   604  O  O   . ALA A 1 81  ? -5.019  7.396   2.742   1.00 4.91  ? 81  ALA A O   1 
ATOM   605  C  CB  . ALA A 1 81  ? -3.825  8.858   0.172   1.00 4.68  ? 81  ALA A CB  1 
ATOM   606  N  N   . SER A 1 82  ? -6.691  8.158   1.447   1.00 6.37  ? 82  SER A N   1 
ATOM   607  C  CA  . SER A 1 82  ? -7.632  7.138   1.877   1.00 5.06  ? 82  SER A CA  1 
ATOM   608  C  C   . SER A 1 82  ? -8.393  6.543   0.700   1.00 6.10  ? 82  SER A C   1 
ATOM   609  O  O   . SER A 1 82  ? -8.537  7.172   -0.348  1.00 5.79  ? 82  SER A O   1 
ATOM   610  C  CB  . SER A 1 82  ? -8.622  7.712   2.889   1.00 5.03  ? 82  SER A CB  1 
ATOM   611  O  OG  . SER A 1 82  ? -7.960  8.272   4.007   1.00 6.74  ? 82  SER A OG  1 
ATOM   612  N  N   . ALA A 1 83  ? -8.885  5.326   0.890   1.00 5.88  ? 83  ALA A N   1 
ATOM   613  C  CA  . ALA A 1 83  ? -9.713  4.668   -0.108  1.00 9.46  ? 83  ALA A CA  1 
ATOM   614  C  C   . ALA A 1 83  ? -10.635 3.667   0.569   1.00 5.93  ? 83  ALA A C   1 
ATOM   615  O  O   . ALA A 1 83  ? -10.256 3.033   1.552   1.00 10.76 ? 83  ALA A O   1 
ATOM   616  C  CB  . ALA A 1 83  ? -8.846  3.983   -1.152  1.00 11.37 ? 83  ALA A CB  1 
ATOM   617  N  N   . ILE A 1 84  ? -11.855 3.538   0.061   1.00 10.85 ? 84  ILE A N   1 
ATOM   618  C  CA  . ILE A 1 84  ? -12.762 2.518   0.570   1.00 4.58  ? 84  ILE A CA  1 
ATOM   619  C  C   . ILE A 1 84  ? -13.265 1.646   -0.575  1.00 12.58 ? 84  ILE A C   1 
ATOM   620  O  O   . ILE A 1 84  ? -13.584 2.139   -1.657  1.00 12.87 ? 84  ILE A O   1 
ATOM   621  C  CB  . ILE A 1 84  ? -13.960 3.130   1.339   1.00 10.41 ? 84  ILE A CB  1 
ATOM   622  C  CG1 . ILE A 1 84  ? -14.749 2.039   2.060   1.00 7.02  ? 84  ILE A CG1 1 
ATOM   623  C  CG2 . ILE A 1 84  ? -14.895 3.897   0.421   1.00 12.15 ? 84  ILE A CG2 1 
ATOM   624  C  CD1 . ILE A 1 84  ? -15.878 2.588   2.902   1.00 18.99 ? 84  ILE A CD1 1 
ATOM   625  N  N   . ALA A 1 85  ? -13.292 0.338   -0.343  1.00 11.41 ? 85  ALA A N   1 
ATOM   626  C  CA  . ALA A 1 85  ? -13.840 -0.596  -1.316  1.00 10.78 ? 85  ALA A CA  1 
ATOM   627  C  C   . ALA A 1 85  ? -15.023 -1.307  -0.694  1.00 22.98 ? 85  ALA A C   1 
ATOM   628  O  O   . ALA A 1 85  ? -15.056 -1.511  0.525   1.00 10.37 ? 85  ALA A O   1 
ATOM   629  C  CB  . ALA A 1 85  ? -12.789 -1.594  -1.770  1.00 11.72 ? 85  ALA A CB  1 
ATOM   630  N  N   . GLN A 1 86  ? -15.984 -1.695  -1.524  1.00 16.41 ? 86  GLN A N   1 
ATOM   631  C  CA  . GLN A 1 86  ? -17.251 -2.195  -1.007  1.00 28.37 ? 86  GLN A CA  1 
ATOM   632  C  C   . GLN A 1 86  ? -18.172 -2.591  -2.167  1.00 27.32 ? 86  GLN A C   1 
ATOM   633  O  O   . GLN A 1 86  ? -18.373 -1.821  -3.107  1.00 33.36 ? 86  GLN A O   1 
ATOM   634  C  CB  . GLN A 1 86  ? -17.867 -1.119  -0.109  1.00 34.43 ? 86  GLN A CB  1 
ATOM   635  C  CG  . GLN A 1 86  ? -19.299 -1.232  0.326   1.00 31.12 ? 86  GLN A CG  1 
ATOM   636  C  CD  . GLN A 1 86  ? -19.982 0.114   0.240   1.00 49.22 ? 86  GLN A CD  1 
ATOM   637  O  OE1 . GLN A 1 86  ? -19.344 1.105   -0.089  1.00 50.67 ? 86  GLN A OE1 1 
ATOM   638  N  NE2 . GLN A 1 86  ? -21.245 0.179   0.638   1.00 50.98 ? 86  GLN A NE2 1 
ATOM   639  N  N   . ALA A 1 87  ? -18.694 -3.813  -2.115  1.00 36.34 ? 87  ALA A N   1 
ATOM   640  C  CA  . ALA A 1 87  ? -19.413 -4.404  -3.240  1.00 25.34 ? 87  ALA A CA  1 
ATOM   641  C  C   . ALA A 1 87  ? -20.561 -5.293  -2.772  1.00 35.28 ? 87  ALA A C   1 
ATOM   642  O  O   . ALA A 1 87  ? -20.568 -5.777  -1.646  1.00 38.12 ? 87  ALA A O   1 
ATOM   643  C  CB  . ALA A 1 87  ? -18.450 -5.195  -4.121  1.00 30.85 ? 87  ALA A CB  1 
ATOM   644  N  N   . ALA A 1 88  ? -21.516 -5.514  -3.667  1.00 57.61 ? 88  ALA A N   1 
ATOM   645  C  CA  . ALA A 1 88  ? -22.768 -6.189  -3.347  1.00 74.58 ? 88  ALA A CA  1 
ATOM   646  C  C   . ALA A 1 88  ? -22.603 -7.701  -3.224  1.00 65.90 ? 88  ALA A C   1 
ATOM   647  O  O   . ALA A 1 88  ? -21.726 -8.186  -2.513  1.00 67.29 ? 88  ALA A O   1 
ATOM   648  C  CB  . ALA A 1 88  ? -23.813 -5.859  -4.408  1.00 61.64 ? 88  ALA A CB  1 
ATOM   649  N  N   . ASP A 1 89  ? -23.465 -8.433  -3.922  1.00 83.82 ? 89  ASP A N   1 
ATOM   650  C  CA  . ASP A 1 89  ? -23.428 -9.886  -3.949  1.00 83.35 ? 89  ASP A CA  1 
ATOM   651  C  C   . ASP A 1 89  ? -22.055 -10.390 -4.423  1.00 75.23 ? 89  ASP A C   1 
ATOM   652  O  O   . ASP A 1 89  ? -21.660 -10.129 -5.560  1.00 79.70 ? 89  ASP A O   1 
ATOM   653  C  CB  . ASP A 1 89  ? -24.504 -10.426 -4.893  1.00 75.27 ? 89  ASP A CB  1 
ATOM   654  C  CG  . ASP A 1 89  ? -25.916 -9.930  -4.559  1.00 78.68 ? 89  ASP A CG  1 
ATOM   655  O  OD1 . ASP A 1 89  ? -26.261 -9.757  -3.369  1.00 88.20 ? 89  ASP A OD1 1 
ATOM   656  O  OD2 . ASP A 1 89  ? -26.706 -9.727  -5.505  1.00 57.71 ? 89  ASP A OD2 1 
ATOM   657  N  N   . GLN A 1 90  ? -21.356 -11.112 -3.547  1.00 60.35 ? 90  GLN A N   1 
ATOM   658  C  CA  . GLN A 1 90  ? -20.186 -11.934 -3.877  1.00 57.66 ? 90  GLN A CA  1 
ATOM   659  C  C   . GLN A 1 90  ? -19.083 -11.265 -4.704  1.00 61.65 ? 90  GLN A C   1 
ATOM   660  O  O   . GLN A 1 90  ? -18.327 -11.963 -5.359  1.00 57.51 ? 90  GLN A O   1 
ATOM   661  C  CB  . GLN A 1 90  ? -20.621 -13.196 -4.644  1.00 67.53 ? 90  GLN A CB  1 
ATOM   662  C  CG  . GLN A 1 90  ? -22.087 -13.600 -4.554  1.00 78.46 ? 90  GLN A CG  1 
ATOM   663  C  CD  . GLN A 1 90  ? -22.476 -14.526 -5.684  1.00 76.49 ? 90  GLN A CD  1 
ATOM   664  O  OE1 . GLN A 1 90  ? -21.897 -15.599 -5.845  1.00 69.37 ? 90  GLN A OE1 1 
ATOM   665  N  NE2 . GLN A 1 90  ? -23.457 -14.112 -6.485  1.00 80.70 ? 90  GLN A NE2 1 
ATOM   666  N  N   . ASN A 1 91  ? -18.973 -9.941  -4.709  1.00 53.16 ? 91  ASN A N   1 
ATOM   667  C  CA  . ASN A 1 91  ? -18.070 -9.291  -5.687  1.00 42.96 ? 91  ASN A CA  1 
ATOM   668  C  C   . ASN A 1 91  ? -16.829 -8.528  -5.210  1.00 38.82 ? 91  ASN A C   1 
ATOM   669  O  O   . ASN A 1 91  ? -16.810 -7.918  -4.137  1.00 58.63 ? 91  ASN A O   1 
ATOM   670  C  CB  . ASN A 1 91  ? -18.880 -8.340  -6.571  1.00 44.19 ? 91  ASN A CB  1 
ATOM   671  C  CG  . ASN A 1 91  ? -19.706 -9.074  -7.623  1.00 52.47 ? 91  ASN A CG  1 
ATOM   672  O  OD1 . ASN A 1 91  ? -19.906 -10.285 -7.543  1.00 42.29 ? 91  ASN A OD1 1 
ATOM   673  N  ND2 . ASN A 1 91  ? -20.240 -8.325  -8.582  1.00 50.14 ? 91  ASN A ND2 1 
ATOM   674  N  N   . TYR A 1 92  ? -15.807 -8.546  -6.067  1.00 36.07 ? 92  TYR A N   1 
ATOM   675  C  CA  . TYR A 1 92  ? -14.542 -7.847  -5.838  1.00 29.91 ? 92  TYR A CA  1 
ATOM   676  C  C   . TYR A 1 92  ? -14.595 -6.367  -6.241  1.00 25.90 ? 92  TYR A C   1 
ATOM   677  O  O   . TYR A 1 92  ? -15.398 -5.964  -7.082  1.00 27.47 ? 92  TYR A O   1 
ATOM   678  C  CB  . TYR A 1 92  ? -13.398 -8.519  -6.619  1.00 31.68 ? 92  TYR A CB  1 
ATOM   679  C  CG  . TYR A 1 92  ? -13.023 -9.937  -6.214  1.00 40.37 ? 92  TYR A CG  1 
ATOM   680  C  CD1 . TYR A 1 92  ? -12.111 -10.172 -5.192  1.00 42.03 ? 92  TYR A CD1 1 
ATOM   681  C  CD2 . TYR A 1 92  ? -13.544 -11.038 -6.888  1.00 41.19 ? 92  TYR A CD2 1 
ATOM   682  C  CE1 . TYR A 1 92  ? -11.757 -11.463 -4.834  1.00 51.29 ? 92  TYR A CE1 1 
ATOM   683  C  CE2 . TYR A 1 92  ? -13.194 -12.326 -6.537  1.00 39.88 ? 92  TYR A CE2 1 
ATOM   684  C  CZ  . TYR A 1 92  ? -12.303 -12.534 -5.512  1.00 49.76 ? 92  TYR A CZ  1 
ATOM   685  O  OH  . TYR A 1 92  ? -11.963 -13.823 -5.173  1.00 42.70 ? 92  TYR A OH  1 
ATOM   686  N  N   . ASP A 1 93  ? -13.712 -5.570  -5.644  1.00 18.07 ? 93  ASP A N   1 
ATOM   687  C  CA  . ASP A 1 93  ? -13.540 -4.167  -6.020  1.00 16.95 ? 93  ASP A CA  1 
ATOM   688  C  C   . ASP A 1 93  ? -12.188 -3.676  -5.510  1.00 8.80  ? 93  ASP A C   1 
ATOM   689  O  O   . ASP A 1 93  ? -11.494 -4.398  -4.797  1.00 14.35 ? 93  ASP A O   1 
ATOM   690  C  CB  . ASP A 1 93  ? -14.673 -3.298  -5.465  1.00 9.21  ? 93  ASP A CB  1 
ATOM   691  C  CG  . ASP A 1 93  ? -15.100 -2.199  -6.428  1.00 12.77 ? 93  ASP A CG  1 
ATOM   692  O  OD1 . ASP A 1 93  ? -14.228 -1.619  -7.110  1.00 7.72  ? 93  ASP A OD1 1 
ATOM   693  O  OD2 . ASP A 1 93  ? -16.312 -1.911  -6.502  1.00 19.21 ? 93  ASP A OD2 1 
ATOM   694  N  N   . TYR A 1 94  ? -11.815 -2.453  -5.876  1.00 1.77  ? 94  TYR A N   1 
ATOM   695  C  CA  . TYR A 1 94  ? -10.520 -1.903  -5.491  1.00 9.47  ? 94  TYR A CA  1 
ATOM   696  C  C   . TYR A 1 94  ? -10.607 -0.655  -4.628  1.00 7.65  ? 94  TYR A C   1 
ATOM   697  O  O   . TYR A 1 94  ? -11.382 0.257   -4.910  1.00 6.21  ? 94  TYR A O   1 
ATOM   698  C  CB  . TYR A 1 94  ? -9.689  -1.573  -6.730  1.00 4.31  ? 94  TYR A CB  1 
ATOM   699  C  CG  . TYR A 1 94  ? -8.848  -2.717  -7.223  1.00 8.26  ? 94  TYR A CG  1 
ATOM   700  C  CD1 . TYR A 1 94  ? -9.306  -3.553  -8.227  1.00 4.93  ? 94  TYR A CD1 1 
ATOM   701  C  CD2 . TYR A 1 94  ? -7.593  -2.961  -6.683  1.00 7.95  ? 94  TYR A CD2 1 
ATOM   702  C  CE1 . TYR A 1 94  ? -8.539  -4.599  -8.682  1.00 14.06 ? 94  TYR A CE1 1 
ATOM   703  C  CE2 . TYR A 1 94  ? -6.817  -4.008  -7.129  1.00 11.43 ? 94  TYR A CE2 1 
ATOM   704  C  CZ  . TYR A 1 94  ? -7.295  -4.826  -8.130  1.00 10.16 ? 94  TYR A CZ  1 
ATOM   705  O  OH  . TYR A 1 94  ? -6.530  -5.876  -8.578  1.00 9.79  ? 94  TYR A OH  1 
ATOM   706  N  N   . ALA A 1 95  ? -9.795  -0.627  -3.578  1.00 6.87  ? 95  ALA A N   1 
ATOM   707  C  CA  . ALA A 1 95  ? -9.526  0.599   -2.842  1.00 4.23  ? 95  ALA A CA  1 
ATOM   708  C  C   . ALA A 1 95  ? -8.147  1.088   -3.253  1.00 4.26  ? 95  ALA A C   1 
ATOM   709  O  O   . ALA A 1 95  ? -7.133  0.503   -2.877  1.00 6.35  ? 95  ALA A O   1 
ATOM   710  C  CB  . ALA A 1 95  ? -9.601  0.367   -1.347  1.00 8.94  ? 95  ALA A CB  1 
ATOM   711  N  N   . SER A 1 96  ? -8.108  2.156   -4.040  1.00 8.96  ? 96  SER A N   1 
ATOM   712  C  CA  A SER A 1 96  ? -6.850  2.652   -4.584  0.85 8.32  ? 96  SER A CA  1 
ATOM   713  C  CA  B SER A 1 96  ? -6.848  2.652   -4.569  0.15 7.97  ? 96  SER A CA  1 
ATOM   714  C  C   . SER A 1 96  ? -6.730  4.169   -4.460  1.00 5.58  ? 96  SER A C   1 
ATOM   715  O  O   . SER A 1 96  ? -7.733  4.881   -4.425  1.00 5.32  ? 96  SER A O   1 
ATOM   716  C  CB  A SER A 1 96  ? -6.712  2.240   -6.051  0.85 13.12 ? 96  SER A CB  1 
ATOM   717  C  CB  B SER A 1 96  ? -6.688  2.221   -6.027  0.15 13.46 ? 96  SER A CB  1 
ATOM   718  O  OG  A SER A 1 96  ? -7.055  0.877   -6.245  0.85 17.32 ? 96  SER A OG  1 
ATOM   719  O  OG  B SER A 1 96  ? -7.733  2.741   -6.832  0.15 14.88 ? 96  SER A OG  1 
ATOM   720  N  N   . ASN A 1 97  ? -5.493  4.652   -4.401  1.00 5.88  ? 97  ASN A N   1 
ATOM   721  C  CA  . ASN A 1 97  ? -5.220  6.084   -4.353  1.00 3.66  ? 97  ASN A CA  1 
ATOM   722  C  C   . ASN A 1 97  ? -3.755  6.369   -4.679  1.00 3.41  ? 97  ASN A C   1 
ATOM   723  O  O   . ASN A 1 97  ? -2.924  5.459   -4.686  1.00 2.68  ? 97  ASN A O   1 
ATOM   724  C  CB  . ASN A 1 97  ? -5.585  6.661   -2.981  1.00 5.03  ? 97  ASN A CB  1 
ATOM   725  C  CG  . ASN A 1 97  ? -6.156  8.065   -3.073  1.00 4.71  ? 97  ASN A CG  1 
ATOM   726  O  OD1 . ASN A 1 97  ? -5.832  8.819   -3.988  1.00 5.92  ? 97  ASN A OD1 1 
ATOM   727  N  ND2 . ASN A 1 97  ? -7.013  8.421   -2.125  1.00 5.67  ? 97  ASN A ND2 1 
ATOM   728  N  N   . SER A 1 98  ? -3.448  7.632   -4.959  1.00 3.98  ? 98  SER A N   1 
ATOM   729  C  CA  . SER A 1 98  ? -2.089  8.043   -5.297  1.00 4.86  ? 98  SER A CA  1 
ATOM   730  C  C   . SER A 1 98  ? -1.735  9.351   -4.603  1.00 4.04  ? 98  SER A C   1 
ATOM   731  O  O   . SER A 1 98  ? -2.603  10.192  -4.380  1.00 5.09  ? 98  SER A O   1 
ATOM   732  C  CB  . SER A 1 98  ? -1.930  8.197   -6.811  1.00 3.10  ? 98  SER A CB  1 
ATOM   733  O  OG  . SER A 1 98  ? -2.356  7.027   -7.489  1.00 11.10 ? 98  SER A OG  1 
ATOM   734  N  N   . VAL A 1 99  ? -0.462  9.522   -4.251  1.00 3.84  ? 99  VAL A N   1 
ATOM   735  C  CA  . VAL A 1 99  ? -0.019  10.752  -3.604  1.00 4.21  ? 99  VAL A CA  1 
ATOM   736  C  C   . VAL A 1 99  ? 1.270   11.297  -4.192  1.00 5.56  ? 99  VAL A C   1 
ATOM   737  O  O   . VAL A 1 99  ? 2.023   10.585  -4.859  1.00 7.16  ? 99  VAL A O   1 
ATOM   738  C  CB  . VAL A 1 99  ? 0.216   10.566  -2.087  1.00 6.31  ? 99  VAL A CB  1 
ATOM   739  C  CG1 . VAL A 1 99  ? -1.012  10.025  -1.414  1.00 8.25  ? 99  VAL A CG1 1 
ATOM   740  C  CG2 . VAL A 1 99  ? 1.407   9.661   -1.834  1.00 3.06  ? 99  VAL A CG2 1 
ATOM   741  N  N   . VAL A 1 100 ? 1.505   12.579  -3.938  1.00 2.75  ? 100 VAL A N   1 
ATOM   742  C  CA  . VAL A 1 100 ? 2.805   13.194  -4.147  1.00 3.87  ? 100 VAL A CA  1 
ATOM   743  C  C   . VAL A 1 100 ? 3.152   13.918  -2.855  1.00 8.42  ? 100 VAL A C   1 
ATOM   744  O  O   . VAL A 1 100 ? 2.446   14.842  -2.447  1.00 5.31  ? 100 VAL A O   1 
ATOM   745  C  CB  . VAL A 1 100 ? 2.817   14.167  -5.341  1.00 6.04  ? 100 VAL A CB  1 
ATOM   746  C  CG1 . VAL A 1 100 ? 4.162   14.878  -5.438  1.00 5.74  ? 100 VAL A CG1 1 
ATOM   747  C  CG2 . VAL A 1 100 ? 2.509   13.426  -6.635  1.00 5.12  ? 100 VAL A CG2 1 
ATOM   748  N  N   . LEU A 1 101 ? 4.226   13.479  -2.203  1.00 4.20  ? 101 LEU A N   1 
ATOM   749  C  CA  . LEU A 1 101 ? 4.573   13.956  -0.870  1.00 3.78  ? 101 LEU A CA  1 
ATOM   750  C  C   . LEU A 1 101 ? 6.031   14.380  -0.764  1.00 8.99  ? 101 LEU A C   1 
ATOM   751  O  O   . LEU A 1 101 ? 6.894   13.838  -1.454  1.00 5.17  ? 101 LEU A O   1 
ATOM   752  C  CB  . LEU A 1 101 ? 4.292   12.867  0.171   1.00 2.48  ? 101 LEU A CB  1 
ATOM   753  C  CG  . LEU A 1 101 ? 2.868   12.313  0.248   1.00 5.34  ? 101 LEU A CG  1 
ATOM   754  C  CD1 . LEU A 1 101 ? 2.781   11.202  1.286   1.00 5.44  ? 101 LEU A CD1 1 
ATOM   755  C  CD2 . LEU A 1 101 ? 1.891   13.422  0.573   1.00 8.96  ? 101 LEU A CD2 1 
ATOM   756  N  N   . HIS A 1 102 ? 6.300   15.352  0.104   1.00 9.12  ? 102 HIS A N   1 
ATOM   757  C  CA  . HIS A 1 102 ? 7.670   15.659  0.489   1.00 7.12  ? 102 HIS A CA  1 
ATOM   758  C  C   . HIS A 1 102 ? 8.053   14.850  1.714   1.00 6.06  ? 102 HIS A C   1 
ATOM   759  O  O   . HIS A 1 102 ? 7.287   14.761  2.673   1.00 14.00 ? 102 HIS A O   1 
ATOM   760  C  CB  . HIS A 1 102 ? 7.861   17.142  0.786   1.00 6.81  ? 102 HIS A CB  1 
ATOM   761  C  CG  . HIS A 1 102 ? 9.266   17.492  1.171   1.00 5.96  ? 102 HIS A CG  1 
ATOM   762  N  ND1 . HIS A 1 102 ? 9.684   17.563  2.482   1.00 2.64  ? 102 HIS A ND1 1 
ATOM   763  C  CD2 . HIS A 1 102 ? 10.352  17.773  0.413   1.00 6.36  ? 102 HIS A CD2 1 
ATOM   764  C  CE1 . HIS A 1 102 ? 10.966  17.883  2.516   1.00 11.62 ? 102 HIS A CE1 1 
ATOM   765  N  NE2 . HIS A 1 102 ? 11.395  18.019  1.274   1.00 6.80  ? 102 HIS A NE2 1 
ATOM   766  N  N   . LEU A 1 103 ? 9.243   14.265  1.681   1.00 4.72  ? 103 LEU A N   1 
ATOM   767  C  CA  . LEU A 1 103 ? 9.697   13.414  2.768   1.00 6.88  ? 103 LEU A CA  1 
ATOM   768  C  C   . LEU A 1 103 ? 11.034  13.887  3.317   1.00 6.46  ? 103 LEU A C   1 
ATOM   769  O  O   . LEU A 1 103 ? 11.849  14.457  2.595   1.00 5.35  ? 103 LEU A O   1 
ATOM   770  C  CB  . LEU A 1 103 ? 9.809   11.961  2.300   1.00 5.89  ? 103 LEU A CB  1 
ATOM   771  C  CG  . LEU A 1 103 ? 8.534   11.293  1.773   1.00 6.45  ? 103 LEU A CG  1 
ATOM   772  C  CD1 . LEU A 1 103 ? 8.834   9.895   1.265   1.00 2.08  ? 103 LEU A CD1 1 
ATOM   773  C  CD2 . LEU A 1 103 ? 7.469   11.244  2.858   1.00 4.33  ? 103 LEU A CD2 1 
ATOM   774  N  N   . GLU A 1 104 ? 11.239  13.657  4.608   1.00 9.57  ? 104 GLU A N   1 
ATOM   775  C  CA  . GLU A 1 104 ? 12.522  13.901  5.252   1.00 8.96  ? 104 GLU A CA  1 
ATOM   776  C  C   . GLU A 1 104 ? 13.123  12.552  5.623   1.00 7.08  ? 104 GLU A C   1 
ATOM   777  O  O   . GLU A 1 104 ? 12.379  11.590  5.829   1.00 10.19 ? 104 GLU A O   1 
ATOM   778  C  CB  . GLU A 1 104 ? 12.355  14.790  6.489   1.00 8.88  ? 104 GLU A CB  1 
ATOM   779  C  CG  . GLU A 1 104 ? 11.935  16.226  6.184   1.00 13.41 ? 104 GLU A CG  1 
ATOM   780  C  CD  . GLU A 1 104 ? 13.070  17.067  5.616   1.00 19.46 ? 104 GLU A CD  1 
ATOM   781  O  OE1 . GLU A 1 104 ? 14.227  16.596  5.616   1.00 12.92 ? 104 GLU A OE1 1 
ATOM   782  O  OE2 . GLU A 1 104 ? 12.804  18.203  5.168   1.00 14.66 ? 104 GLU A OE2 1 
ATOM   783  N  N   . PRO A 1 105 ? 14.464  12.464  5.686   1.00 9.10  ? 105 PRO A N   1 
ATOM   784  C  CA  . PRO A 1 105 ? 15.127  11.205  6.047   1.00 8.23  ? 105 PRO A CA  1 
ATOM   785  C  C   . PRO A 1 105 ? 14.568  10.608  7.330   1.00 8.33  ? 105 PRO A C   1 
ATOM   786  O  O   . PRO A 1 105 ? 14.512  11.291  8.353   1.00 14.84 ? 105 PRO A O   1 
ATOM   787  C  CB  . PRO A 1 105 ? 16.586  11.619  6.228   1.00 6.27  ? 105 PRO A CB  1 
ATOM   788  C  CG  . PRO A 1 105 ? 16.747  12.779  5.309   1.00 6.96  ? 105 PRO A CG  1 
ATOM   789  C  CD  . PRO A 1 105 ? 15.438  13.517  5.343   1.00 9.50  ? 105 PRO A CD  1 
ATOM   790  N  N   . GLY A 1 106 ? 14.141  9.351   7.262   1.00 9.28  ? 106 GLY A N   1 
ATOM   791  C  CA  . GLY A 1 106 ? 13.528  8.688   8.398   1.00 11.12 ? 106 GLY A CA  1 
ATOM   792  C  C   . GLY A 1 106 ? 12.025  8.500   8.269   1.00 10.70 ? 106 GLY A C   1 
ATOM   793  O  O   . GLY A 1 106 ? 11.454  7.623   8.917   1.00 7.05  ? 106 GLY A O   1 
ATOM   794  N  N   . ASP A 1 107 ? 11.380  9.322   7.445   1.00 4.45  ? 107 ASP A N   1 
ATOM   795  C  CA  . ASP A 1 107 ? 9.937   9.219   7.246   1.00 4.89  ? 107 ASP A CA  1 
ATOM   796  C  C   . ASP A 1 107 ? 9.550   7.850   6.701   1.00 5.47  ? 107 ASP A C   1 
ATOM   797  O  O   . ASP A 1 107 ? 10.209  7.318   5.811   1.00 5.28  ? 107 ASP A O   1 
ATOM   798  C  CB  . ASP A 1 107 ? 9.433   10.307  6.291   1.00 11.83 ? 107 ASP A CB  1 
ATOM   799  C  CG  . ASP A 1 107 ? 9.351   11.674  6.943   1.00 7.72  ? 107 ASP A CG  1 
ATOM   800  O  OD1 . ASP A 1 107 ? 9.463   11.760  8.184   1.00 8.40  ? 107 ASP A OD1 1 
ATOM   801  O  OD2 . ASP A 1 107 ? 9.167   12.666  6.208   1.00 7.04  ? 107 ASP A OD2 1 
ATOM   802  N  N   . GLU A 1 108 ? 8.475   7.285   7.236   1.00 4.24  ? 108 GLU A N   1 
ATOM   803  C  CA  . GLU A 1 108 ? 8.012   5.978   6.793   1.00 3.63  ? 108 GLU A CA  1 
ATOM   804  C  C   . GLU A 1 108 ? 6.706   6.097   6.022   1.00 5.12  ? 108 GLU A C   1 
ATOM   805  O  O   . GLU A 1 108 ? 5.769   6.753   6.474   1.00 7.47  ? 108 GLU A O   1 
ATOM   806  C  CB  . GLU A 1 108 ? 7.844   5.040   7.988   1.00 9.72  ? 108 GLU A CB  1 
ATOM   807  C  CG  . GLU A 1 108 ? 9.145   4.743   8.717   1.00 7.14  ? 108 GLU A CG  1 
ATOM   808  C  CD  . GLU A 1 108 ? 8.934   3.893   9.951   1.00 9.04  ? 108 GLU A CD  1 
ATOM   809  O  OE1 . GLU A 1 108 ? 7.879   4.042   10.600  1.00 8.76  ? 108 GLU A OE1 1 
ATOM   810  O  OE2 . GLU A 1 108 ? 9.821   3.074   10.267  1.00 19.77 ? 108 GLU A OE2 1 
ATOM   811  N  N   . VAL A 1 109 ? 6.658   5.466   4.852   1.00 6.88  ? 109 VAL A N   1 
ATOM   812  C  CA  . VAL A 1 109 ? 5.471   5.485   4.003   1.00 5.97  ? 109 VAL A CA  1 
ATOM   813  C  C   . VAL A 1 109 ? 4.980   4.059   3.773   1.00 7.24  ? 109 VAL A C   1 
ATOM   814  O  O   . VAL A 1 109 ? 5.758   3.173   3.414   1.00 5.79  ? 109 VAL A O   1 
ATOM   815  C  CB  . VAL A 1 109 ? 5.752   6.168   2.651   1.00 4.03  ? 109 VAL A CB  1 
ATOM   816  C  CG1 . VAL A 1 109 ? 4.492   6.202   1.800   1.00 4.35  ? 109 VAL A CG1 1 
ATOM   817  C  CG2 . VAL A 1 109 ? 6.290   7.573   2.872   1.00 7.11  ? 109 VAL A CG2 1 
ATOM   818  N  N   . TYR A 1 110 ? 3.686   3.843   3.984   1.00 6.12  ? 110 TYR A N   1 
ATOM   819  C  CA  . TYR A 1 110 ? 3.121   2.500   3.996   1.00 4.47  ? 110 TYR A CA  1 
ATOM   820  C  C   . TYR A 1 110 ? 1.602   2.531   3.917   1.00 4.56  ? 110 TYR A C   1 
ATOM   821  O  O   . TYR A 1 110 ? 0.984   3.571   4.116   1.00 4.92  ? 110 TYR A O   1 
ATOM   822  C  CB  . TYR A 1 110 ? 3.553   1.752   5.258   1.00 6.19  ? 110 TYR A CB  1 
ATOM   823  C  CG  . TYR A 1 110 ? 3.230   2.484   6.545   1.00 9.89  ? 110 TYR A CG  1 
ATOM   824  C  CD1 . TYR A 1 110 ? 4.007   3.556   6.970   1.00 7.29  ? 110 TYR A CD1 1 
ATOM   825  C  CD2 . TYR A 1 110 ? 2.151   2.104   7.334   1.00 7.84  ? 110 TYR A CD2 1 
ATOM   826  C  CE1 . TYR A 1 110 ? 3.720   4.227   8.135   1.00 5.64  ? 110 TYR A CE1 1 
ATOM   827  C  CE2 . TYR A 1 110 ? 1.859   2.771   8.508   1.00 16.71 ? 110 TYR A CE2 1 
ATOM   828  C  CZ  . TYR A 1 110 ? 2.648   3.832   8.901   1.00 8.00  ? 110 TYR A CZ  1 
ATOM   829  O  OH  . TYR A 1 110 ? 2.362   4.499   10.067  1.00 9.87  ? 110 TYR A OH  1 
ATOM   830  N  N   . ILE A 1 111 ? 1.012   1.376   3.630   1.00 7.08  ? 111 ILE A N   1 
ATOM   831  C  CA  . ILE A 1 111 ? -0.438  1.249   3.538   1.00 13.76 ? 111 ILE A CA  1 
ATOM   832  C  C   . ILE A 1 111 ? -0.991  0.563   4.778   1.00 6.47  ? 111 ILE A C   1 
ATOM   833  O  O   . ILE A 1 111 ? -0.475  -0.467  5.204   1.00 4.91  ? 111 ILE A O   1 
ATOM   834  C  CB  . ILE A 1 111 ? -0.864  0.440   2.289   1.00 4.90  ? 111 ILE A CB  1 
ATOM   835  C  CG1 . ILE A 1 111 ? -0.199  0.999   1.032   1.00 3.42  ? 111 ILE A CG1 1 
ATOM   836  C  CG2 . ILE A 1 111 ? -2.377  0.430   2.141   1.00 7.12  ? 111 ILE A CG2 1 
ATOM   837  C  CD1 . ILE A 1 111 ? -0.386  2.484   0.853   1.00 8.55  ? 111 ILE A CD1 1 
ATOM   838  N  N   . LYS A 1 112 ? -2.040  1.128   5.364   1.00 2.89  ? 112 LYS A N   1 
ATOM   839  C  CA  . LYS A 1 112 ? -2.696  0.451   6.471   1.00 8.03  ? 112 LYS A CA  1 
ATOM   840  C  C   . LYS A 1 112 ? -4.073  -0.066  6.089   1.00 9.75  ? 112 LYS A C   1 
ATOM   841  O  O   . LYS A 1 112 ? -4.863  0.617   5.440   1.00 8.47  ? 112 LYS A O   1 
ATOM   842  C  CB  . LYS A 1 112 ? -2.802  1.362   7.694   1.00 5.29  ? 112 LYS A CB  1 
ATOM   843  C  CG  . LYS A 1 112 ? -2.975  0.560   8.972   1.00 18.70 ? 112 LYS A CG  1 
ATOM   844  C  CD  . LYS A 1 112 ? -2.554  1.316   10.220  1.00 33.22 ? 112 LYS A CD  1 
ATOM   845  C  CE  . LYS A 1 112 ? -2.591  2.823   10.038  1.00 30.88 ? 112 LYS A CE  1 
ATOM   846  N  NZ  . LYS A 1 112 ? -3.993  3.339   10.170  1.00 35.25 ? 112 LYS A NZ  1 
ATOM   847  N  N   . LEU A 1 113 ? -4.342  -1.296  6.496   1.00 9.27  ? 113 LEU A N   1 
ATOM   848  C  CA  . LEU A 1 113 ? -5.631  -1.916  6.276   1.00 9.57  ? 113 LEU A CA  1 
ATOM   849  C  C   . LEU A 1 113 ? -6.530  -1.668  7.481   1.00 15.77 ? 113 LEU A C   1 
ATOM   850  O  O   . LEU A 1 113 ? -6.157  -1.962  8.614   1.00 9.68  ? 113 LEU A O   1 
ATOM   851  C  CB  . LEU A 1 113 ? -5.460  -3.414  6.028   1.00 11.32 ? 113 LEU A CB  1 
ATOM   852  C  CG  . LEU A 1 113 ? -6.699  -4.247  5.708   1.00 13.75 ? 113 LEU A CG  1 
ATOM   853  C  CD1 . LEU A 1 113 ? -7.327  -3.778  4.417   1.00 10.95 ? 113 LEU A CD1 1 
ATOM   854  C  CD2 . LEU A 1 113 ? -6.324  -5.711  5.609   1.00 11.29 ? 113 LEU A CD2 1 
ATOM   855  N  N   . ASP A 1 114 ? -7.706  -1.106  7.237   1.00 20.56 ? 114 ASP A N   1 
ATOM   856  C  CA  . ASP A 1 114 ? -8.686  -0.923  8.296   1.00 22.65 ? 114 ASP A CA  1 
ATOM   857  C  C   . ASP A 1 114 ? -9.923  -1.751  7.979   1.00 21.15 ? 114 ASP A C   1 
ATOM   858  O  O   . ASP A 1 114 ? -10.664 -1.431  7.054   1.00 40.73 ? 114 ASP A O   1 
ATOM   859  C  CB  . ASP A 1 114 ? -9.043  0.555   8.455   1.00 21.21 ? 114 ASP A CB  1 
ATOM   860  C  CG  . ASP A 1 114 ? -10.329 0.763   9.227   1.00 48.29 ? 114 ASP A CG  1 
ATOM   861  O  OD1 . ASP A 1 114 ? -10.408 0.291   10.381  1.00 43.21 ? 114 ASP A OD1 1 
ATOM   862  O  OD2 . ASP A 1 114 ? -11.257 1.405   8.690   1.00 44.41 ? 114 ASP A OD2 1 
ATOM   863  N  N   . GLY A 1 115 ? -10.128 -2.827  8.733   1.00 26.66 ? 115 GLY A N   1 
ATOM   864  C  CA  . GLY A 1 115 ? -11.229 -3.738  8.485   1.00 22.73 ? 115 GLY A CA  1 
ATOM   865  C  C   . GLY A 1 115 ? -11.183 -4.355  7.102   1.00 21.73 ? 115 GLY A C   1 
ATOM   866  O  O   . GLY A 1 115 ? -10.253 -4.124  6.329   1.00 42.30 ? 115 GLY A O   1 
ATOM   867  N  N   . GLY A 1 116 ? -12.190 -5.157  6.789   1.00 19.06 ? 116 GLY A N   1 
ATOM   868  C  CA  . GLY A 1 116 ? -12.356 -5.654  5.438   1.00 22.29 ? 116 GLY A CA  1 
ATOM   869  C  C   . GLY A 1 116 ? -11.379 -6.733  5.012   1.00 15.50 ? 116 GLY A C   1 
ATOM   870  O  O   . GLY A 1 116 ? -10.315 -6.910  5.610   1.00 28.84 ? 116 GLY A O   1 
ATOM   871  N  N   . LYS A 1 117 ? -11.766 -7.444  3.955   1.00 20.50 ? 117 LYS A N   1 
ATOM   872  C  CA  . LYS A 1 117 ? -11.007 -8.557  3.394   1.00 22.26 ? 117 LYS A CA  1 
ATOM   873  C  C   . LYS A 1 117 ? -10.155 -8.096  2.213   1.00 25.47 ? 117 LYS A C   1 
ATOM   874  O  O   . LYS A 1 117 ? -10.682 -7.684  1.176   1.00 31.75 ? 117 LYS A O   1 
ATOM   875  C  CB  . LYS A 1 117 ? -11.962 -9.668  2.934   1.00 37.84 ? 117 LYS A CB  1 
ATOM   876  C  CG  . LYS A 1 117 ? -12.323 -10.766 3.946   1.00 38.01 ? 117 LYS A CG  1 
ATOM   877  C  CD  . LYS A 1 117 ? -11.172 -11.117 4.856   1.00 43.27 ? 117 LYS A CD  1 
ATOM   878  C  CE  . LYS A 1 117 ? -11.645 -11.912 6.060   1.00 48.21 ? 117 LYS A CE  1 
ATOM   879  N  NZ  . LYS A 1 117 ? -12.079 -11.013 7.166   1.00 50.24 ? 117 LYS A NZ  1 
ATOM   880  N  N   . ALA A 1 118 ? -8.839  -8.157  2.361   1.00 10.81 ? 118 ALA A N   1 
ATOM   881  C  CA  . ALA A 1 118 ? -7.957  -7.788  1.265   1.00 10.85 ? 118 ALA A CA  1 
ATOM   882  C  C   . ALA A 1 118 ? -7.376  -9.045  0.635   1.00 16.36 ? 118 ALA A C   1 
ATOM   883  O  O   . ALA A 1 118 ? -6.790  -9.876  1.330   1.00 15.26 ? 118 ALA A O   1 
ATOM   884  C  CB  . ALA A 1 118 ? -6.851  -6.879  1.752   1.00 14.48 ? 118 ALA A CB  1 
ATOM   885  N  N   . HIS A 1 119 ? -7.517  -9.175  -0.678  1.00 22.72 ? 119 HIS A N   1 
ATOM   886  C  CA  . HIS A 1 119 ? -6.960  -10.327 -1.350  1.00 21.42 ? 119 HIS A CA  1 
ATOM   887  C  C   . HIS A 1 119 ? -5.559  -10.041 -1.828  1.00 22.13 ? 119 HIS A C   1 
ATOM   888  O  O   . HIS A 1 119 ? -5.248  -8.939  -2.270  1.00 39.40 ? 119 HIS A O   1 
ATOM   889  C  CB  . HIS A 1 119 ? -7.817  -10.746 -2.532  1.00 27.47 ? 119 HIS A CB  1 
ATOM   890  C  CG  . HIS A 1 119 ? -7.403  -12.055 -3.143  1.00 62.44 ? 119 HIS A CG  1 
ATOM   891  N  ND1 . HIS A 1 119 ? -6.335  -12.179 -4.009  1.00 62.24 ? 119 HIS A ND1 1 
ATOM   892  C  CD2 . HIS A 1 119 ? -7.937  -13.295 -3.030  1.00 60.31 ? 119 HIS A CD2 1 
ATOM   893  C  CE1 . HIS A 1 119 ? -6.225  -13.436 -4.396  1.00 61.28 ? 119 HIS A CE1 1 
ATOM   894  N  NE2 . HIS A 1 119 ? -7.178  -14.141 -3.803  1.00 66.49 ? 119 HIS A NE2 1 
ATOM   895  N  N   . GLY A 1 120 ? -4.718  -11.059 -1.731  1.00 22.68 ? 120 GLY A N   1 
ATOM   896  C  CA  . GLY A 1 120 ? -3.388  -11.015 -2.295  1.00 19.75 ? 120 GLY A CA  1 
ATOM   897  C  C   . GLY A 1 120 ? -3.104  -12.403 -2.819  1.00 35.86 ? 120 GLY A C   1 
ATOM   898  O  O   . GLY A 1 120 ? -3.655  -13.385 -2.318  1.00 46.81 ? 120 GLY A O   1 
ATOM   899  N  N   . GLY A 1 121 ? -2.254  -12.497 -3.832  1.00 33.57 ? 121 GLY A N   1 
ATOM   900  C  CA  . GLY A 1 121 ? -1.925  -13.794 -4.397  1.00 39.53 ? 121 GLY A CA  1 
ATOM   901  C  C   . GLY A 1 121 ? -0.450  -14.112 -4.277  1.00 36.87 ? 121 GLY A C   1 
ATOM   902  O  O   . GLY A 1 121 ? 0.375   -13.199 -4.267  1.00 30.56 ? 121 GLY A O   1 
ATOM   903  N  N   . ASN A 1 122 ? -0.122  -15.403 -4.204  1.00 41.06 ? 122 ASN A N   1 
ATOM   904  C  CA  . ASN A 1 122 ? 1.256   -15.856 -3.999  1.00 58.24 ? 122 ASN A CA  1 
ATOM   905  C  C   . ASN A 1 122 ? 2.282   -15.109 -4.842  1.00 58.93 ? 122 ASN A C   1 
ATOM   906  O  O   . ASN A 1 122 ? 3.324   -14.688 -4.337  1.00 45.70 ? 122 ASN A O   1 
ATOM   907  C  CB  . ASN A 1 122 ? 1.371   -17.353 -4.287  1.00 56.54 ? 122 ASN A CB  1 
ATOM   908  C  CG  . ASN A 1 122 ? 0.171   -18.132 -3.803  1.00 60.05 ? 122 ASN A CG  1 
ATOM   909  O  OD1 . ASN A 1 122 ? -0.510  -17.723 -2.863  1.00 50.83 ? 122 ASN A OD1 1 
ATOM   910  N  ND2 . ASN A 1 122 ? -0.098  -19.261 -4.446  1.00 63.02 ? 122 ASN A ND2 1 
ATOM   911  N  N   . ASN A 1 123 ? 1.965   -14.932 -6.121  1.00 56.56 ? 123 ASN A N   1 
ATOM   912  C  CA  . ASN A 1 123 ? 2.848   -14.237 -7.047  1.00 31.98 ? 123 ASN A CA  1 
ATOM   913  C  C   . ASN A 1 123 ? 2.105   -13.770 -8.295  1.00 34.47 ? 123 ASN A C   1 
ATOM   914  O  O   . ASN A 1 123 ? 2.572   -13.973 -9.414  1.00 47.41 ? 123 ASN A O   1 
ATOM   915  C  CB  . ASN A 1 123 ? 4.013   -15.134 -7.438  1.00 32.44 ? 123 ASN A CB  1 
ATOM   916  N  N   . ASN A 1 124 ? 0.949   -13.143 -8.102  1.00 30.95 ? 124 ASN A N   1 
ATOM   917  C  CA  . ASN A 1 124 ? 0.169   -12.644 -9.231  1.00 31.69 ? 124 ASN A CA  1 
ATOM   918  C  C   . ASN A 1 124 ? -0.189  -11.163 -9.102  1.00 27.22 ? 124 ASN A C   1 
ATOM   919  O  O   . ASN A 1 124 ? -0.719  -10.565 -10.037 1.00 21.48 ? 124 ASN A O   1 
ATOM   920  C  CB  . ASN A 1 124 ? -1.096  -13.490 -9.405  1.00 23.49 ? 124 ASN A CB  1 
ATOM   921  C  CG  . ASN A 1 124 ? -0.790  -14.890 -9.918  1.00 53.50 ? 124 ASN A CG  1 
ATOM   922  O  OD1 . ASN A 1 124 ? 0.232   -15.110 -10.572 1.00 50.42 ? 124 ASN A OD1 1 
ATOM   923  N  ND2 . ASN A 1 124 ? -1.650  -15.850 -9.586  1.00 60.99 ? 124 ASN A ND2 1 
ATOM   924  N  N   . LYS A 1 125 ? 0.118   -10.588 -7.942  1.00 14.47 ? 125 LYS A N   1 
ATOM   925  C  CA  . LYS A 1 125 ? 0.052   -9.144  -7.712  1.00 14.64 ? 125 LYS A CA  1 
ATOM   926  C  C   . LYS A 1 125 ? -1.257  -8.450  -8.108  1.00 5.20  ? 125 LYS A C   1 
ATOM   927  O  O   . LYS A 1 125 ? -1.253  -7.514  -8.908  1.00 6.44  ? 125 LYS A O   1 
ATOM   928  C  CB  . LYS A 1 125 ? 1.225   -8.438  -8.423  1.00 19.78 ? 125 LYS A CB  1 
ATOM   929  C  CG  . LYS A 1 125 ? 2.604   -9.116  -8.289  1.00 25.25 ? 125 LYS A CG  1 
ATOM   930  C  CD  . LYS A 1 125 ? 2.877   -10.159 -9.367  1.00 31.99 ? 125 LYS A CD  1 
ATOM   931  C  CE  . LYS A 1 125 ? 4.249   -10.803 -9.205  1.00 25.54 ? 125 LYS A CE  1 
ATOM   932  N  NZ  . LYS A 1 125 ? 4.316   -12.137 -9.873  1.00 38.25 ? 125 LYS A NZ  1 
ATOM   933  N  N   . TYR A 1 126 ? -2.368  -8.886  -7.524  1.00 6.48  ? 126 TYR A N   1 
ATOM   934  C  CA  . TYR A 1 126 ? -3.632  -8.167  -7.670  1.00 7.13  ? 126 TYR A CA  1 
ATOM   935  C  C   . TYR A 1 126 ? -3.666  -6.948  -6.745  1.00 4.33  ? 126 TYR A C   1 
ATOM   936  O  O   . TYR A 1 126 ? -4.304  -5.939  -7.049  1.00 4.41  ? 126 TYR A O   1 
ATOM   937  C  CB  . TYR A 1 126 ? -4.824  -9.087  -7.386  1.00 7.25  ? 126 TYR A CB  1 
ATOM   938  C  CG  . TYR A 1 126 ? -5.192  -10.004 -8.535  1.00 10.89 ? 126 TYR A CG  1 
ATOM   939  C  CD1 . TYR A 1 126 ? -6.230  -9.681  -9.390  1.00 7.33  ? 126 TYR A CD1 1 
ATOM   940  C  CD2 . TYR A 1 126 ? -4.511  -11.194 -8.760  1.00 15.74 ? 126 TYR A CD2 1 
ATOM   941  C  CE1 . TYR A 1 126 ? -6.581  -10.501 -10.440 1.00 6.70  ? 126 TYR A CE1 1 
ATOM   942  C  CE2 . TYR A 1 126 ? -4.860  -12.031 -9.809  1.00 11.74 ? 126 TYR A CE2 1 
ATOM   943  C  CZ  . TYR A 1 126 ? -5.898  -11.672 -10.647 1.00 12.25 ? 126 TYR A CZ  1 
ATOM   944  O  OH  . TYR A 1 126 ? -6.263  -12.477 -11.702 1.00 14.66 ? 126 TYR A OH  1 
ATOM   945  N  N   . SER A 1 127 ? -2.973  -7.050  -5.614  1.00 5.81  ? 127 SER A N   1 
ATOM   946  C  CA  . SER A 1 127 ? -2.853  -5.935  -4.677  1.00 3.05  ? 127 SER A CA  1 
ATOM   947  C  C   . SER A 1 127 ? -1.415  -5.437  -4.622  1.00 5.03  ? 127 SER A C   1 
ATOM   948  O  O   . SER A 1 127 ? -0.495  -6.212  -4.376  1.00 5.69  ? 127 SER A O   1 
ATOM   949  C  CB  . SER A 1 127 ? -3.322  -6.336  -3.279  1.00 4.34  ? 127 SER A CB  1 
ATOM   950  O  OG  . SER A 1 127 ? -4.723  -6.547  -3.252  1.00 9.55  ? 127 SER A OG  1 
ATOM   951  N  N   . THR A 1 128 ? -1.223  -4.142  -4.853  1.00 3.72  ? 128 THR A N   1 
ATOM   952  C  CA  . THR A 1 128 ? 0.121   -3.607  -5.049  1.00 3.18  ? 128 THR A CA  1 
ATOM   953  C  C   . THR A 1 128 ? 0.420   -2.322  -4.281  1.00 2.84  ? 128 THR A C   1 
ATOM   954  O  O   . THR A 1 128 ? -0.476  -1.632  -3.793  1.00 5.03  ? 128 THR A O   1 
ATOM   955  C  CB  . THR A 1 128 ? 0.388   -3.327  -6.539  1.00 5.32  ? 128 THR A CB  1 
ATOM   956  O  OG1 . THR A 1 128 ? -0.590  -2.403  -7.032  1.00 5.95  ? 128 THR A OG1 1 
ATOM   957  C  CG2 . THR A 1 128 ? 0.332   -4.613  -7.352  1.00 5.27  ? 128 THR A CG2 1 
ATOM   958  N  N   . PHE A 1 129 ? 1.708   -2.017  -4.199  1.00 2.59  ? 129 PHE A N   1 
ATOM   959  C  CA  . PHE A 1 129 ? 2.211   -0.819  -3.547  1.00 3.24  ? 129 PHE A CA  1 
ATOM   960  C  C   . PHE A 1 129 ? 3.500   -0.444  -4.261  1.00 3.15  ? 129 PHE A C   1 
ATOM   961  O  O   . PHE A 1 129 ? 4.396   -1.269  -4.397  1.00 3.60  ? 129 PHE A O   1 
ATOM   962  C  CB  . PHE A 1 129 ? 2.448   -1.069  -2.056  1.00 6.63  ? 129 PHE A CB  1 
ATOM   963  C  CG  . PHE A 1 129 ? 2.875   0.149   -1.281  1.00 3.06  ? 129 PHE A CG  1 
ATOM   964  C  CD1 . PHE A 1 129 ? 2.455   1.417   -1.651  1.00 5.88  ? 129 PHE A CD1 1 
ATOM   965  C  CD2 . PHE A 1 129 ? 3.697   0.019   -0.174  1.00 2.87  ? 129 PHE A CD2 1 
ATOM   966  C  CE1 . PHE A 1 129 ? 2.852   2.534   -0.932  1.00 5.72  ? 129 PHE A CE1 1 
ATOM   967  C  CE2 . PHE A 1 129 ? 4.097   1.128   0.548   1.00 9.31  ? 129 PHE A CE2 1 
ATOM   968  C  CZ  . PHE A 1 129 ? 3.672   2.389   0.168   1.00 4.77  ? 129 PHE A CZ  1 
ATOM   969  N  N   . SER A 1 130 ? 3.586   0.785   -4.753  1.00 6.70  ? 130 SER A N   1 
ATOM   970  C  CA  . SER A 1 130 ? 4.772   1.225   -5.475  1.00 6.96  ? 130 SER A CA  1 
ATOM   971  C  C   . SER A 1 130 ? 5.002   2.716   -5.296  1.00 4.85  ? 130 SER A C   1 
ATOM   972  O  O   . SER A 1 130 ? 4.109   3.442   -4.857  1.00 8.29  ? 130 SER A O   1 
ATOM   973  C  CB  . SER A 1 130 ? 4.655   0.890   -6.963  1.00 7.27  ? 130 SER A CB  1 
ATOM   974  O  OG  . SER A 1 130 ? 3.596   1.613   -7.562  1.00 5.10  ? 130 SER A OG  1 
ATOM   975  N  N   . GLY A 1 131 ? 6.202   3.165   -5.639  1.00 6.01  ? 131 GLY A N   1 
ATOM   976  C  CA  . GLY A 1 131 ? 6.555   4.563   -5.508  1.00 3.94  ? 131 GLY A CA  1 
ATOM   977  C  C   . GLY A 1 131 ? 7.973   4.847   -5.947  1.00 6.08  ? 131 GLY A C   1 
ATOM   978  O  O   . GLY A 1 131 ? 8.771   3.931   -6.143  1.00 5.36  ? 131 GLY A O   1 
ATOM   979  N  N   . PHE A 1 132 ? 8.284   6.128   -6.100  1.00 5.40  ? 132 PHE A N   1 
ATOM   980  C  CA  . PHE A 1 132 ? 9.608   6.552   -6.528  1.00 5.62  ? 132 PHE A CA  1 
ATOM   981  C  C   . PHE A 1 132 ? 9.812   8.024   -6.227  1.00 4.38  ? 132 PHE A C   1 
ATOM   982  O  O   . PHE A 1 132 ? 8.848   8.775   -6.087  1.00 8.70  ? 132 PHE A O   1 
ATOM   983  C  CB  . PHE A 1 132 ? 9.815   6.285   -8.024  1.00 3.25  ? 132 PHE A CB  1 
ATOM   984  C  CG  . PHE A 1 132 ? 8.729   6.847   -8.904  1.00 5.83  ? 132 PHE A CG  1 
ATOM   985  C  CD1 . PHE A 1 132 ? 8.817   8.138   -9.399  1.00 8.47  ? 132 PHE A CD1 1 
ATOM   986  C  CD2 . PHE A 1 132 ? 7.631   6.078   -9.253  1.00 5.11  ? 132 PHE A CD2 1 
ATOM   987  C  CE1 . PHE A 1 132 ? 7.825   8.652   -10.215 1.00 6.47  ? 132 PHE A CE1 1 
ATOM   988  C  CE2 . PHE A 1 132 ? 6.638   6.587   -10.070 1.00 2.02  ? 132 PHE A CE2 1 
ATOM   989  C  CZ  . PHE A 1 132 ? 6.736   7.874   -10.550 1.00 3.70  ? 132 PHE A CZ  1 
ATOM   990  N  N   . ILE A 1 133 ? 11.069  8.437   -6.129  1.00 3.61  ? 133 ILE A N   1 
ATOM   991  C  CA  . ILE A 1 133 ? 11.377  9.835   -5.873  1.00 9.83  ? 133 ILE A CA  1 
ATOM   992  C  C   . ILE A 1 133 ? 11.301  10.628  -7.176  1.00 5.11  ? 133 ILE A C   1 
ATOM   993  O  O   . ILE A 1 133 ? 11.756  10.171  -8.225  1.00 6.81  ? 133 ILE A O   1 
ATOM   994  C  CB  . ILE A 1 133 ? 12.772  9.998   -5.203  1.00 6.88  ? 133 ILE A CB  1 
ATOM   995  C  CG1 . ILE A 1 133 ? 13.023  11.454  -4.811  1.00 4.27  ? 133 ILE A CG1 1 
ATOM   996  C  CG2 . ILE A 1 133 ? 13.887  9.464   -6.098  1.00 7.52  ? 133 ILE A CG2 1 
ATOM   997  C  CD1 . ILE A 1 133 ? 14.340  11.672  -4.099  1.00 1.78  ? 133 ILE A CD1 1 
ATOM   998  N  N   . ILE A 1 134 ? 10.686  11.805  -7.109  1.00 8.00  ? 134 ILE A N   1 
ATOM   999  C  CA  . ILE A 1 134 ? 10.572  12.678  -8.271  1.00 6.12  ? 134 ILE A CA  1 
ATOM   1000 C  C   . ILE A 1 134 ? 11.673  13.736  -8.237  1.00 4.19  ? 134 ILE A C   1 
ATOM   1001 O  O   . ILE A 1 134 ? 12.402  13.922  -9.210  1.00 6.19  ? 134 ILE A O   1 
ATOM   1002 C  CB  . ILE A 1 134 ? 9.190   13.359  -8.330  1.00 4.30  ? 134 ILE A CB  1 
ATOM   1003 C  CG1 . ILE A 1 134 ? 8.081   12.309  -8.307  1.00 2.97  ? 134 ILE A CG1 1 
ATOM   1004 C  CG2 . ILE A 1 134 ? 9.072   14.214  -9.573  1.00 20.13 ? 134 ILE A CG2 1 
ATOM   1005 C  CD1 . ILE A 1 134 ? 6.691   12.897  -8.262  1.00 12.82 ? 134 ILE A CD1 1 
ATOM   1006 N  N   . TYR A 1 135 ? 11.790  14.420  -7.104  1.00 2.77  ? 135 TYR A N   1 
ATOM   1007 C  CA  . TYR A 1 135 ? 12.842  15.409  -6.904  1.00 6.19  ? 135 TYR A CA  1 
ATOM   1008 C  C   . TYR A 1 135 ? 13.606  15.148  -5.619  1.00 3.38  ? 135 TYR A C   1 
ATOM   1009 O  O   . TYR A 1 135 ? 13.010  14.836  -4.593  1.00 7.44  ? 135 TYR A O   1 
ATOM   1010 C  CB  . TYR A 1 135 ? 12.267  16.826  -6.852  1.00 8.98  ? 135 TYR A CB  1 
ATOM   1011 C  CG  . TYR A 1 135 ? 11.486  17.254  -8.068  1.00 6.63  ? 135 TYR A CG  1 
ATOM   1012 C  CD1 . TYR A 1 135 ? 12.136  17.618  -9.238  1.00 8.85  ? 135 TYR A CD1 1 
ATOM   1013 C  CD2 . TYR A 1 135 ? 10.097  17.327  -8.036  1.00 4.25  ? 135 TYR A CD2 1 
ATOM   1014 C  CE1 . TYR A 1 135 ? 11.431  18.025  -10.347 1.00 10.72 ? 135 TYR A CE1 1 
ATOM   1015 C  CE2 . TYR A 1 135 ? 9.380   17.733  -9.145  1.00 8.92  ? 135 TYR A CE2 1 
ATOM   1016 C  CZ  . TYR A 1 135 ? 10.056  18.080  -10.299 1.00 6.87  ? 135 TYR A CZ  1 
ATOM   1017 O  OH  . TYR A 1 135 ? 9.362   18.491  -11.409 1.00 12.22 ? 135 TYR A OH  1 
ATOM   1018 N  N   . ALA A 1 136 ? 14.925  15.285  -5.673  1.00 2.58  ? 136 ALA A N   1 
ATOM   1019 C  CA  . ALA A 1 136 ? 15.733  15.299  -4.463  1.00 5.06  ? 136 ALA A CA  1 
ATOM   1020 C  C   . ALA A 1 136 ? 16.036  16.746  -4.095  1.00 10.17 ? 136 ALA A C   1 
ATOM   1021 O  O   . ALA A 1 136 ? 16.410  17.545  -4.955  1.00 13.82 ? 136 ALA A O   1 
ATOM   1022 C  CB  . ALA A 1 136 ? 17.013  14.510  -4.654  1.00 16.94 ? 136 ALA A CB  1 
ATOM   1023 N  N   . ASP A 1 137 ? 15.859  17.087  -2.823  1.00 6.55  ? 137 ASP A N   1 
ATOM   1024 C  CA  . ASP A 1 137 ? 16.090  18.452  -2.359  1.00 8.98  ? 137 ASP A CA  1 
ATOM   1025 C  C   . ASP A 1 137 ? 17.545  18.871  -2.553  1.00 11.51 ? 137 ASP A C   1 
ATOM   1026 O  O   . ASP A 1 137 ? 18.439  18.028  -2.622  1.00 14.65 ? 137 ASP A O   1 
ATOM   1027 C  CB  . ASP A 1 137 ? 15.703  18.594  -0.885  1.00 9.76  ? 137 ASP A CB  1 
ATOM   1028 C  CG  . ASP A 1 137 ? 14.211  18.457  -0.655  1.00 4.74  ? 137 ASP A CG  1 
ATOM   1029 O  OD1 . ASP A 1 137 ? 13.442  18.509  -1.638  1.00 6.98  ? 137 ASP A OD1 1 
ATOM   1030 O  OD2 . ASP A 1 137 ? 13.810  18.304  0.517   1.00 8.07  ? 137 ASP A OD2 1 
HETATM 1031 MG MG  . MG  B 2 .   ? -8.836  7.234   6.808   1.00 24.93 ? 201 MG  A MG  1 
HETATM 1032 MG MG  . MG  C 2 .   ? -18.070 -1.939  -7.717  0.33 17.73 ? 202 MG  A MG  1 
HETATM 1033 MG MG  . MG  D 2 .   ? -7.831  2.854   -9.655  0.33 20.05 ? 203 MG  A MG  1 
HETATM 1034 MG MG  . MG  E 2 .   ? -14.105 -0.082  -8.468  0.33 18.47 ? 204 MG  A MG  1 
HETATM 1035 O  O   . HOH F 3 .   ? 1.254   -0.283  -7.425  1.00 8.00  ? 301 HOH A O   1 
HETATM 1036 O  O   . HOH F 3 .   ? -12.440 1.431   -7.044  1.00 14.14 ? 302 HOH A O   1 
HETATM 1037 O  O   . HOH F 3 .   ? 14.463  7.462   0.032   1.00 9.02  ? 303 HOH A O   1 
HETATM 1038 O  O   . HOH F 3 .   ? -1.164  4.271   -9.572  1.00 16.70 ? 304 HOH A O   1 
HETATM 1039 O  O   . HOH F 3 .   ? -13.859 -6.942  2.880   1.00 25.80 ? 305 HOH A O   1 
HETATM 1040 O  O   . HOH F 3 .   ? -16.268 -0.444  -4.229  1.00 10.24 ? 306 HOH A O   1 
HETATM 1041 O  O   . HOH F 3 .   ? -4.968  -13.638 7.281   1.00 13.81 ? 307 HOH A O   1 
HETATM 1042 O  O   . HOH F 3 .   ? 19.901  6.984   -0.357  1.00 20.27 ? 308 HOH A O   1 
HETATM 1043 O  O   . HOH F 3 .   ? 1.542   -10.740 -5.335  1.00 18.54 ? 309 HOH A O   1 
HETATM 1044 O  O   . HOH F 3 .   ? 2.885   -4.647  11.439  1.00 22.38 ? 310 HOH A O   1 
HETATM 1045 O  O   . HOH F 3 .   ? -7.229  -0.056  -8.709  1.00 10.45 ? 311 HOH A O   1 
HETATM 1046 O  O   . HOH F 3 .   ? 7.429   -0.793  11.790  1.00 20.04 ? 312 HOH A O   1 
HETATM 1047 O  O   . HOH F 3 .   ? 19.056  8.948   -6.272  1.00 26.67 ? 313 HOH A O   1 
HETATM 1048 O  O   . HOH F 3 .   ? 4.653   -3.688  10.477  1.00 24.83 ? 314 HOH A O   1 
HETATM 1049 O  O   . HOH F 3 .   ? -14.085 1.426   -4.193  1.00 9.67  ? 315 HOH A O   1 
HETATM 1050 O  O   . HOH F 3 .   ? 12.566  9.898   -10.807 1.00 37.75 ? 316 HOH A O   1 
HETATM 1051 O  O   . HOH F 3 .   ? 15.173  13.734  8.638   1.00 17.41 ? 317 HOH A O   1 
HETATM 1052 O  O   . HOH F 3 .   ? 4.820   -7.584  -6.364  1.00 54.64 ? 318 HOH A O   1 
HETATM 1053 O  O   . HOH F 3 .   ? -4.501  -15.926 5.469   1.00 30.46 ? 319 HOH A O   1 
HETATM 1054 O  O   . HOH F 3 .   ? -3.218  -14.890 8.253   1.00 10.75 ? 320 HOH A O   1 
HETATM 1055 O  O   . HOH F 3 .   ? 3.064   -9.894  6.992   1.00 42.07 ? 321 HOH A O   1 
HETATM 1056 O  O   . HOH F 3 .   ? -15.445 -5.694  3.803   1.00 41.07 ? 322 HOH A O   1 
HETATM 1057 O  O   . HOH F 3 .   ? 17.952  15.214  -1.401  1.00 19.74 ? 323 HOH A O   1 
HETATM 1058 O  O   . HOH F 3 .   ? 8.054   15.308  6.600   1.00 19.39 ? 324 HOH A O   1 
HETATM 1059 O  O   . HOH F 3 .   ? -3.744  -16.218 -3.016  1.00 43.12 ? 325 HOH A O   1 
HETATM 1060 O  O   . HOH F 3 .   ? -12.804 0.428   12.068  1.00 24.60 ? 326 HOH A O   1 
HETATM 1061 O  O   . HOH F 3 .   ? 0.831   -9.254  6.866   1.00 13.54 ? 327 HOH A O   1 
HETATM 1062 O  O   . HOH F 3 .   ? 5.326   4.717   11.245  1.00 58.93 ? 328 HOH A O   1 
HETATM 1063 O  O   . HOH F 3 .   ? -3.490  3.734   -7.488  1.00 15.80 ? 329 HOH A O   1 
HETATM 1064 O  O   . HOH F 3 .   ? 16.728  -5.811  -1.487  1.00 36.68 ? 330 HOH A O   1 
HETATM 1065 O  O   . HOH F 3 .   ? -5.710  12.814  6.176   1.00 24.07 ? 331 HOH A O   1 
HETATM 1066 O  O   . HOH F 3 .   ? 3.219   11.384  12.663  1.00 9.91  ? 332 HOH A O   1 
HETATM 1067 O  O   . HOH F 3 .   ? -5.692  5.057   8.364   1.00 20.96 ? 333 HOH A O   1 
HETATM 1068 O  O   . HOH F 3 .   ? 16.957  8.740   -6.617  1.00 37.81 ? 334 HOH A O   1 
HETATM 1069 O  O   . HOH F 3 .   ? 5.005   12.932  10.199  1.00 20.53 ? 335 HOH A O   1 
HETATM 1070 O  O   . HOH F 3 .   ? 7.785   -14.356 0.837   1.00 53.02 ? 336 HOH A O   1 
HETATM 1071 O  O   . HOH F 3 .   ? -1.943  -16.929 9.765   1.00 16.09 ? 337 HOH A O   1 
HETATM 1072 O  O   . HOH F 3 .   ? 8.049   17.434  4.871   1.00 13.62 ? 338 HOH A O   1 
HETATM 1073 O  O   . HOH F 3 .   ? 6.217   -9.970  6.252   1.00 23.83 ? 339 HOH A O   1 
HETATM 1074 O  O   . HOH F 3 .   ? -3.774  -15.936 -0.207  1.00 31.17 ? 340 HOH A O   1 
HETATM 1075 O  O   . HOH F 3 .   ? 8.535   16.420  9.139   1.00 29.97 ? 341 HOH A O   1 
HETATM 1076 O  O   . HOH F 3 .   ? -12.813 1.870   14.108  1.00 31.55 ? 342 HOH A O   1 
HETATM 1077 O  O   . HOH F 3 .   ? -8.135  -7.521  -8.922  1.00 40.80 ? 343 HOH A O   1 
HETATM 1078 O  O   . HOH F 3 .   ? 19.350  -5.584  -2.464  1.00 15.18 ? 344 HOH A O   1 
HETATM 1079 O  O   . HOH F 3 .   ? -3.116  -16.062 -7.499  1.00 36.42 ? 345 HOH A O   1 
HETATM 1080 O  O   . HOH F 3 .   ? -3.895  -13.479 -6.992  1.00 46.42 ? 346 HOH A O   1 
HETATM 1081 O  O   . HOH F 3 .   ? 12.273  12.105  9.798   1.00 26.46 ? 347 HOH A O   1 
HETATM 1082 O  O   . HOH F 3 .   ? 9.415   -10.880 4.170   1.00 14.03 ? 348 HOH A O   1 
HETATM 1083 O  O   . HOH F 3 .   ? -20.074 -8.772  1.643   1.00 39.17 ? 349 HOH A O   1 
HETATM 1084 O  O   . HOH F 3 .   ? 15.053  20.123  2.647   1.00 26.20 ? 350 HOH A O   1 
HETATM 1085 O  O   . HOH F 3 .   ? -3.039  -11.500 -6.068  1.00 23.50 ? 351 HOH A O   1 
HETATM 1086 O  O   . HOH F 3 .   ? 9.617   0.737   11.028  1.00 26.08 ? 352 HOH A O   1 
HETATM 1087 O  O   . HOH F 3 .   ? 6.104   11.199  12.666  1.00 21.62 ? 353 HOH A O   1 
HETATM 1088 O  O   . HOH F 3 .   ? -0.018  -16.070 -7.079  1.00 51.97 ? 354 HOH A O   1 
HETATM 1089 O  O   . HOH F 3 .   ? -4.743  -14.298 -0.749  1.00 40.08 ? 355 HOH A O   1 
HETATM 1090 O  O   . HOH F 3 .   ? 12.875  -2.166  9.023   1.00 23.55 ? 356 HOH A O   1 
HETATM 1091 O  O   . HOH F 3 .   ? 13.246  18.962  -4.340  1.00 14.49 ? 357 HOH A O   1 
HETATM 1092 O  O   . HOH F 3 .   ? 10.833  -11.319 -5.120  1.00 19.40 ? 358 HOH A O   1 
HETATM 1093 O  O   . HOH F 3 .   ? 0.051   -7.500  6.414   1.00 14.23 ? 359 HOH A O   1 
HETATM 1094 O  O   . HOH F 3 .   ? 10.087  -11.120 -2.473  1.00 29.95 ? 360 HOH A O   1 
HETATM 1095 O  O   . HOH F 3 .   ? -3.100  5.069   -10.551 0.33 14.45 ? 361 HOH A O   1 
HETATM 1096 O  O   . HOH F 3 .   ? 20.755  1.948   -0.014  1.00 16.27 ? 362 HOH A O   1 
HETATM 1097 O  O   . HOH F 3 .   ? -11.656 -14.420 -3.072  1.00 66.31 ? 363 HOH A O   1 
HETATM 1098 O  O   . HOH F 3 .   ? -9.612  0.646   -10.072 1.00 32.04 ? 364 HOH A O   1 
HETATM 1099 O  O   . HOH F 3 .   ? 12.324  2.975   9.200   1.00 10.21 ? 365 HOH A O   1 
HETATM 1100 O  O   . HOH F 3 .   ? -1.780  -9.735  -4.835  1.00 12.47 ? 366 HOH A O   1 
HETATM 1101 O  O   . HOH F 3 .   ? 16.255  15.795  -8.159  1.00 30.79 ? 367 HOH A O   1 
HETATM 1102 O  O   . HOH F 3 .   ? -15.308 -6.571  6.527   1.00 63.30 ? 368 HOH A O   1 
HETATM 1103 O  O   . HOH F 3 .   ? -7.904  6.698   9.425   1.00 38.56 ? 369 HOH A O   1 
HETATM 1104 O  O   . HOH F 3 .   ? 15.990  18.441  4.964   1.00 15.74 ? 370 HOH A O   1 
HETATM 1105 O  O   . HOH F 3 .   ? -22.577 -7.637  4.922   1.00 33.72 ? 371 HOH A O   1 
HETATM 1106 O  O   . HOH F 3 .   ? -20.947 -10.002 -1.255  1.00 70.36 ? 372 HOH A O   1 
HETATM 1107 O  O   . HOH F 3 .   ? 3.899   12.311  8.567   1.00 50.15 ? 373 HOH A O   1 
HETATM 1108 O  O   . HOH F 3 .   ? 20.685  9.563   -7.783  1.00 14.68 ? 374 HOH A O   1 
HETATM 1109 O  O   . HOH F 3 .   ? 3.899   0.492   12.553  1.00 33.27 ? 375 HOH A O   1 
HETATM 1110 O  O   . HOH F 3 .   ? 0.385   -4.264  11.975  1.00 6.58  ? 376 HOH A O   1 
HETATM 1111 O  O   . HOH F 3 .   ? 0.605   -6.524  9.469   1.00 14.03 ? 377 HOH A O   1 
HETATM 1112 O  O   . HOH F 3 .   ? -6.847  4.602   -10.180 1.00 31.03 ? 378 HOH A O   1 
HETATM 1113 O  O   . HOH F 3 .   ? -12.217 -0.912  15.475  1.00 14.85 ? 379 HOH A O   1 
HETATM 1114 O  O   . HOH F 3 .   ? -21.445 -4.594  4.826   1.00 26.02 ? 380 HOH A O   1 
HETATM 1115 O  O   . HOH F 3 .   ? 3.815   3.320   12.398  1.00 32.09 ? 381 HOH A O   1 
HETATM 1116 O  O   . HOH F 3 .   ? -21.563 -9.669  3.105   1.00 34.51 ? 382 HOH A O   1 
HETATM 1117 O  O   . HOH F 3 .   ? 11.384  -8.830  -10.248 1.00 17.08 ? 383 HOH A O   1 
HETATM 1118 O  O   . HOH F 3 .   ? -20.902 -14.678 -9.751  1.00 48.35 ? 384 HOH A O   1 
HETATM 1119 O  O   . HOH F 3 .   ? -21.110 -7.940  -0.191  1.00 57.76 ? 385 HOH A O   1 
HETATM 1120 O  O   . HOH F 3 .   ? 5.328   -1.938  9.530   1.00 28.17 ? 386 HOH A O   1 
HETATM 1121 O  O   . HOH F 3 .   ? 4.574   14.842  2.910   1.00 34.59 ? 387 HOH A O   1 
HETATM 1122 O  O   . HOH F 3 .   ? -10.461 -1.084  13.515  1.00 14.43 ? 388 HOH A O   1 
HETATM 1123 O  O   . HOH F 3 .   ? -19.489 -12.293 -9.522  1.00 49.70 ? 389 HOH A O   1 
HETATM 1124 O  O   . HOH F 3 .   ? 22.938  11.428  -8.207  1.00 25.31 ? 390 HOH A O   1 
HETATM 1125 O  O   . HOH F 3 .   ? 12.940  -5.482  9.913   1.00 28.62 ? 391 HOH A O   1 
HETATM 1126 O  O   . HOH F 3 .   ? 13.826  1.126   -2.535  1.00 3.33  ? 392 HOH A O   1 
HETATM 1127 O  O   . HOH F 3 .   ? 20.350  11.898  -7.316  1.00 33.74 ? 393 HOH A O   1 
HETATM 1128 O  O   . HOH F 3 .   ? -9.212  0.615   13.795  1.00 22.80 ? 394 HOH A O   1 
HETATM 1129 O  O   . HOH F 3 .   ? 20.241  14.864  -6.269  1.00 28.16 ? 395 HOH A O   1 
HETATM 1130 O  O   . HOH F 3 .   ? 8.706   -11.048 -7.389  1.00 37.58 ? 396 HOH A O   1 
HETATM 1131 O  O   . HOH F 3 .   ? 5.369   7.109   15.405  1.00 33.17 ? 397 HOH A O   1 
HETATM 1132 O  O   . HOH F 3 .   ? 20.981  6.426   1.565   1.00 39.26 ? 398 HOH A O   1 
HETATM 1133 O  O   . HOH F 3 .   ? -22.565 -5.698  6.347   1.00 50.44 ? 399 HOH A O   1 
HETATM 1134 O  O   . HOH F 3 .   ? 20.275  15.534  0.506   1.00 17.45 ? 400 HOH A O   1 
HETATM 1135 O  O   . HOH F 3 .   ? -16.720 -13.747 -7.258  1.00 22.78 ? 401 HOH A O   1 
HETATM 1136 O  O   . HOH F 3 .   ? -9.485  -1.813  15.669  1.00 13.77 ? 402 HOH A O   1 
HETATM 1137 O  O   . HOH F 3 .   ? 8.686   11.499  12.297  1.00 17.77 ? 403 HOH A O   1 
HETATM 1138 O  O   . HOH F 3 .   ? -6.505  -15.710 5.552   1.00 22.00 ? 404 HOH A O   1 
HETATM 1139 O  O   . HOH F 3 .   ? 2.376   -10.086 1.615   1.00 15.49 ? 405 HOH A O   1 
HETATM 1140 O  O   . HOH F 3 .   ? 1.910   -12.438 3.560   1.00 23.23 ? 406 HOH A O   1 
HETATM 1141 O  O   . HOH F 3 .   ? 8.580   -13.137 -2.791  1.00 34.27 ? 407 HOH A O   1 
HETATM 1142 O  O   . HOH F 3 .   ? -20.655 -5.035  -6.581  1.00 24.75 ? 408 HOH A O   1 
HETATM 1143 O  O   . HOH F 3 .   ? -14.027 -8.991  6.133   1.00 52.11 ? 409 HOH A O   1 
HETATM 1144 O  O   . HOH F 3 .   ? 3.422   -6.402  13.148  1.00 17.25 ? 410 HOH A O   1 
HETATM 1145 O  O   . HOH F 3 .   ? 15.627  16.137  8.100   1.00 44.89 ? 411 HOH A O   1 
HETATM 1146 O  O   . HOH F 3 .   ? 11.043  -0.644  8.048   1.00 17.14 ? 412 HOH A O   1 
HETATM 1147 O  O   . HOH F 3 .   ? -2.819  -18.669 11.434  1.00 6.19  ? 413 HOH A O   1 
HETATM 1148 O  O   . HOH F 3 .   ? 12.380  5.931   10.378  1.00 17.57 ? 414 HOH A O   1 
HETATM 1149 O  O   . HOH F 3 .   ? 7.995   -8.914  10.808  1.00 26.99 ? 415 HOH A O   1 
HETATM 1150 O  O   . HOH F 3 .   ? 3.202   -15.470 5.486   1.00 49.00 ? 416 HOH A O   1 
HETATM 1151 O  O   . HOH F 3 .   ? -19.229 -14.780 -10.970 1.00 56.90 ? 417 HOH A O   1 
# 
